data_5HT1
# 
_entry.id   5HT1 
# 
_audit_conform.dict_name       mmcif_pdbx.dic 
_audit_conform.dict_version    5.387 
_audit_conform.dict_location   http://mmcif.pdb.org/dictionaries/ascii/mmcif_pdbx.dic 
# 
loop_
_database_2.database_id 
_database_2.database_code 
_database_2.pdbx_database_accession 
_database_2.pdbx_DOI 
PDB   5HT1         pdb_00005ht1 10.2210/pdb5ht1/pdb 
WWPDB D_1000217722 ?            ?                   
# 
loop_
_pdbx_audit_revision_history.ordinal 
_pdbx_audit_revision_history.data_content_type 
_pdbx_audit_revision_history.major_revision 
_pdbx_audit_revision_history.minor_revision 
_pdbx_audit_revision_history.revision_date 
1 'Structure model' 1 0 2016-09-14 
2 'Structure model' 1 1 2024-03-06 
# 
_pdbx_audit_revision_details.ordinal             1 
_pdbx_audit_revision_details.revision_ordinal    1 
_pdbx_audit_revision_details.data_content_type   'Structure model' 
_pdbx_audit_revision_details.provider            repository 
_pdbx_audit_revision_details.type                'Initial release' 
_pdbx_audit_revision_details.description         ? 
_pdbx_audit_revision_details.details             ? 
# 
loop_
_pdbx_audit_revision_group.ordinal 
_pdbx_audit_revision_group.revision_ordinal 
_pdbx_audit_revision_group.data_content_type 
_pdbx_audit_revision_group.group 
1 2 'Structure model' 'Data collection'      
2 2 'Structure model' 'Database references'  
3 2 'Structure model' 'Derived calculations' 
# 
loop_
_pdbx_audit_revision_category.ordinal 
_pdbx_audit_revision_category.revision_ordinal 
_pdbx_audit_revision_category.data_content_type 
_pdbx_audit_revision_category.category 
1 2 'Structure model' chem_comp_atom        
2 2 'Structure model' chem_comp_bond        
3 2 'Structure model' database_2            
4 2 'Structure model' pdbx_struct_oper_list 
# 
loop_
_pdbx_audit_revision_item.ordinal 
_pdbx_audit_revision_item.revision_ordinal 
_pdbx_audit_revision_item.data_content_type 
_pdbx_audit_revision_item.item 
1 2 'Structure model' '_database_2.pdbx_DOI'                      
2 2 'Structure model' '_database_2.pdbx_database_accession'       
3 2 'Structure model' '_pdbx_struct_oper_list.symmetry_operation' 
# 
_pdbx_database_status.status_code                     REL 
_pdbx_database_status.status_code_sf                  REL 
_pdbx_database_status.status_code_mr                  ? 
_pdbx_database_status.entry_id                        5HT1 
_pdbx_database_status.recvd_initial_deposition_date   2016-01-26 
_pdbx_database_status.SG_entry                        N 
_pdbx_database_status.deposit_site                    RCSB 
_pdbx_database_status.process_site                    RCSB 
_pdbx_database_status.status_code_cs                  ? 
_pdbx_database_status.methods_development_category    ? 
_pdbx_database_status.pdb_format_compatible           Y 
_pdbx_database_status.status_code_nmr_data            ? 
# 
_pdbx_database_related.db_name        PDB 
_pdbx_database_related.details        . 
_pdbx_database_related.db_id          5HUA 
_pdbx_database_related.content_type   unspecified 
# 
_audit_author.name           'Schumacher, M.A.' 
_audit_author.pdbx_ordinal   1 
# 
_citation.abstract                  ? 
_citation.abstract_id_CAS           ? 
_citation.book_id_ISBN              ? 
_citation.book_publisher            ? 
_citation.book_publisher_city       ? 
_citation.book_title                ? 
_citation.coordinate_linkage        ? 
_citation.country                   US 
_citation.database_id_Medline       ? 
_citation.details                   ? 
_citation.id                        primary 
_citation.journal_abbrev            Mbio 
_citation.journal_id_ASTM           ? 
_citation.journal_id_CSD            ? 
_citation.journal_id_ISSN           2150-7511 
_citation.journal_full              ? 
_citation.journal_issue             ? 
_citation.journal_volume            7 
_citation.language                  ? 
_citation.page_first                e00492 
_citation.page_last                 e00416 
_citation.title                     'Structures of Pathogenic Fungal FKBP12s Reveal Possible Self-Catalysis Function.' 
_citation.year                      2016 
_citation.database_id_CSD           ? 
_citation.pdbx_database_id_DOI      10.1128/mBio.00492-16 
_citation.pdbx_database_id_PubMed   27118592 
_citation.unpublished_flag          ? 
# 
loop_
_citation_author.citation_id 
_citation_author.name 
_citation_author.ordinal 
_citation_author.identifier_ORCID 
primary 'Tonthat, N.K.'    1 ? 
primary 'Juvvadi, P.R.'    2 ? 
primary 'Zhang, H.'        3 ? 
primary 'Lee, S.C.'        4 ? 
primary 'Venters, R.'      5 ? 
primary 'Spicer, L.'       6 ? 
primary 'Steinbach, W.J.'  7 ? 
primary 'Heitman, J.'      8 ? 
primary 'Schumacher, M.A.' 9 ? 
# 
loop_
_entity.id 
_entity.type 
_entity.src_method 
_entity.pdbx_description 
_entity.formula_weight 
_entity.pdbx_number_of_molecules 
_entity.pdbx_ec 
_entity.pdbx_mutation 
_entity.pdbx_fragment 
_entity.details 
1 polymer man 'FK506-binding protein 1' 12240.924 1  5.2.1.8 ? ? ? 
2 water   nat water                     18.015    20 ?       ? ? ? 
# 
_entity_name_com.entity_id   1 
_entity_name_com.name        'FKBP,Peptidyl-prolyl cis-trans isomerase,PPIase,Rapamycin-binding protein' 
# 
_entity_poly.entity_id                      1 
_entity_poly.type                           'polypeptide(L)' 
_entity_poly.nstd_linkage                   no 
_entity_poly.nstd_monomer                   no 
_entity_poly.pdbx_seq_one_letter_code       
;AMSETIEGGVKIDRLSPGDGKTFPKQGDLVTIHYTGTLENGQKFDSSVDRGSPFQCNIGVGQVIKGWDAGIPKLSVGEKA
RLTIPGPYAYGPRGFPGLIPPNATLIFDVELLKVN
;
_entity_poly.pdbx_seq_one_letter_code_can   
;AMSETIEGGVKIDRLSPGDGKTFPKQGDLVTIHYTGTLENGQKFDSSVDRGSPFQCNIGVGQVIKGWDAGIPKLSVGEKA
RLTIPGPYAYGPRGFPGLIPPNATLIFDVELLKVN
;
_entity_poly.pdbx_strand_id                 A 
_entity_poly.pdbx_target_identifier         ? 
# 
_pdbx_entity_nonpoly.entity_id   2 
_pdbx_entity_nonpoly.name        water 
_pdbx_entity_nonpoly.comp_id     HOH 
# 
loop_
_entity_poly_seq.entity_id 
_entity_poly_seq.num 
_entity_poly_seq.mon_id 
_entity_poly_seq.hetero 
1 1   ALA n 
1 2   MET n 
1 3   SER n 
1 4   GLU n 
1 5   THR n 
1 6   ILE n 
1 7   GLU n 
1 8   GLY n 
1 9   GLY n 
1 10  VAL n 
1 11  LYS n 
1 12  ILE n 
1 13  ASP n 
1 14  ARG n 
1 15  LEU n 
1 16  SER n 
1 17  PRO n 
1 18  GLY n 
1 19  ASP n 
1 20  GLY n 
1 21  LYS n 
1 22  THR n 
1 23  PHE n 
1 24  PRO n 
1 25  LYS n 
1 26  GLN n 
1 27  GLY n 
1 28  ASP n 
1 29  LEU n 
1 30  VAL n 
1 31  THR n 
1 32  ILE n 
1 33  HIS n 
1 34  TYR n 
1 35  THR n 
1 36  GLY n 
1 37  THR n 
1 38  LEU n 
1 39  GLU n 
1 40  ASN n 
1 41  GLY n 
1 42  GLN n 
1 43  LYS n 
1 44  PHE n 
1 45  ASP n 
1 46  SER n 
1 47  SER n 
1 48  VAL n 
1 49  ASP n 
1 50  ARG n 
1 51  GLY n 
1 52  SER n 
1 53  PRO n 
1 54  PHE n 
1 55  GLN n 
1 56  CYS n 
1 57  ASN n 
1 58  ILE n 
1 59  GLY n 
1 60  VAL n 
1 61  GLY n 
1 62  GLN n 
1 63  VAL n 
1 64  ILE n 
1 65  LYS n 
1 66  GLY n 
1 67  TRP n 
1 68  ASP n 
1 69  ALA n 
1 70  GLY n 
1 71  ILE n 
1 72  PRO n 
1 73  LYS n 
1 74  LEU n 
1 75  SER n 
1 76  VAL n 
1 77  GLY n 
1 78  GLU n 
1 79  LYS n 
1 80  ALA n 
1 81  ARG n 
1 82  LEU n 
1 83  THR n 
1 84  ILE n 
1 85  PRO n 
1 86  GLY n 
1 87  PRO n 
1 88  TYR n 
1 89  ALA n 
1 90  TYR n 
1 91  GLY n 
1 92  PRO n 
1 93  ARG n 
1 94  GLY n 
1 95  PHE n 
1 96  PRO n 
1 97  GLY n 
1 98  LEU n 
1 99  ILE n 
1 100 PRO n 
1 101 PRO n 
1 102 ASN n 
1 103 ALA n 
1 104 THR n 
1 105 LEU n 
1 106 ILE n 
1 107 PHE n 
1 108 ASP n 
1 109 VAL n 
1 110 GLU n 
1 111 LEU n 
1 112 LEU n 
1 113 LYS n 
1 114 VAL n 
1 115 ASN n 
# 
_entity_src_gen.entity_id                          1 
_entity_src_gen.pdbx_src_id                        1 
_entity_src_gen.pdbx_alt_source_flag               sample 
_entity_src_gen.pdbx_seq_type                      'Biological sequence' 
_entity_src_gen.pdbx_beg_seq_num                   1 
_entity_src_gen.pdbx_end_seq_num                   115 
_entity_src_gen.gene_src_common_name               Yeast 
_entity_src_gen.gene_src_genus                     ? 
_entity_src_gen.pdbx_gene_src_gene                 'FPR1, CAGL0K09724g' 
_entity_src_gen.gene_src_species                   ? 
_entity_src_gen.gene_src_strain                    'ATCC 2001 / CBS 138 / JCM 3761 / NBRC 0622 / NRRL Y-65' 
_entity_src_gen.gene_src_tissue                    ? 
_entity_src_gen.gene_src_tissue_fraction           ? 
_entity_src_gen.gene_src_details                   ? 
_entity_src_gen.pdbx_gene_src_fragment             ? 
_entity_src_gen.pdbx_gene_src_scientific_name      
'Candida glabrata (strain ATCC 2001 / CBS 138 / JCM 3761 / NBRC 0622 / NRRL Y-65)' 
_entity_src_gen.pdbx_gene_src_ncbi_taxonomy_id     284593 
_entity_src_gen.pdbx_gene_src_variant              ? 
_entity_src_gen.pdbx_gene_src_cell_line            ? 
_entity_src_gen.pdbx_gene_src_atcc                 ? 
_entity_src_gen.pdbx_gene_src_organ                ? 
_entity_src_gen.pdbx_gene_src_organelle            ? 
_entity_src_gen.pdbx_gene_src_cell                 ? 
_entity_src_gen.pdbx_gene_src_cellular_location    ? 
_entity_src_gen.host_org_common_name               ? 
_entity_src_gen.pdbx_host_org_scientific_name      'Escherichia coli' 
_entity_src_gen.pdbx_host_org_ncbi_taxonomy_id     562 
_entity_src_gen.host_org_genus                     ? 
_entity_src_gen.pdbx_host_org_gene                 ? 
_entity_src_gen.pdbx_host_org_organ                ? 
_entity_src_gen.host_org_species                   ? 
_entity_src_gen.pdbx_host_org_tissue               ? 
_entity_src_gen.pdbx_host_org_tissue_fraction      ? 
_entity_src_gen.pdbx_host_org_strain               ? 
_entity_src_gen.pdbx_host_org_variant              ? 
_entity_src_gen.pdbx_host_org_cell_line            ? 
_entity_src_gen.pdbx_host_org_atcc                 ? 
_entity_src_gen.pdbx_host_org_culture_collection   ? 
_entity_src_gen.pdbx_host_org_cell                 ? 
_entity_src_gen.pdbx_host_org_organelle            ? 
_entity_src_gen.pdbx_host_org_cellular_location    ? 
_entity_src_gen.pdbx_host_org_vector_type          ? 
_entity_src_gen.pdbx_host_org_vector               ? 
_entity_src_gen.host_org_details                   ? 
_entity_src_gen.expression_system_id               ? 
_entity_src_gen.plasmid_name                       ? 
_entity_src_gen.plasmid_details                    ? 
_entity_src_gen.pdbx_description                   ? 
# 
loop_
_chem_comp.id 
_chem_comp.type 
_chem_comp.mon_nstd_flag 
_chem_comp.name 
_chem_comp.pdbx_synonyms 
_chem_comp.formula 
_chem_comp.formula_weight 
ALA 'L-peptide linking' y ALANINE         ? 'C3 H7 N O2'     89.093  
ARG 'L-peptide linking' y ARGININE        ? 'C6 H15 N4 O2 1' 175.209 
ASN 'L-peptide linking' y ASPARAGINE      ? 'C4 H8 N2 O3'    132.118 
ASP 'L-peptide linking' y 'ASPARTIC ACID' ? 'C4 H7 N O4'     133.103 
CYS 'L-peptide linking' y CYSTEINE        ? 'C3 H7 N O2 S'   121.158 
GLN 'L-peptide linking' y GLUTAMINE       ? 'C5 H10 N2 O3'   146.144 
GLU 'L-peptide linking' y 'GLUTAMIC ACID' ? 'C5 H9 N O4'     147.129 
GLY 'peptide linking'   y GLYCINE         ? 'C2 H5 N O2'     75.067  
HIS 'L-peptide linking' y HISTIDINE       ? 'C6 H10 N3 O2 1' 156.162 
HOH non-polymer         . WATER           ? 'H2 O'           18.015  
ILE 'L-peptide linking' y ISOLEUCINE      ? 'C6 H13 N O2'    131.173 
LEU 'L-peptide linking' y LEUCINE         ? 'C6 H13 N O2'    131.173 
LYS 'L-peptide linking' y LYSINE          ? 'C6 H15 N2 O2 1' 147.195 
MET 'L-peptide linking' y METHIONINE      ? 'C5 H11 N O2 S'  149.211 
PHE 'L-peptide linking' y PHENYLALANINE   ? 'C9 H11 N O2'    165.189 
PRO 'L-peptide linking' y PROLINE         ? 'C5 H9 N O2'     115.130 
SER 'L-peptide linking' y SERINE          ? 'C3 H7 N O3'     105.093 
THR 'L-peptide linking' y THREONINE       ? 'C4 H9 N O3'     119.119 
TRP 'L-peptide linking' y TRYPTOPHAN      ? 'C11 H12 N2 O2'  204.225 
TYR 'L-peptide linking' y TYROSINE        ? 'C9 H11 N O3'    181.189 
VAL 'L-peptide linking' y VALINE          ? 'C5 H11 N O2'    117.146 
# 
loop_
_pdbx_poly_seq_scheme.asym_id 
_pdbx_poly_seq_scheme.entity_id 
_pdbx_poly_seq_scheme.seq_id 
_pdbx_poly_seq_scheme.mon_id 
_pdbx_poly_seq_scheme.ndb_seq_num 
_pdbx_poly_seq_scheme.pdb_seq_num 
_pdbx_poly_seq_scheme.auth_seq_num 
_pdbx_poly_seq_scheme.pdb_mon_id 
_pdbx_poly_seq_scheme.auth_mon_id 
_pdbx_poly_seq_scheme.pdb_strand_id 
_pdbx_poly_seq_scheme.pdb_ins_code 
_pdbx_poly_seq_scheme.hetero 
A 1 1   ALA 1   0   0   ALA ALA A . n 
A 1 2   MET 2   1   1   MET MET A . n 
A 1 3   SER 3   2   2   SER SER A . n 
A 1 4   GLU 4   3   3   GLU GLU A . n 
A 1 5   THR 5   4   4   THR THR A . n 
A 1 6   ILE 6   5   5   ILE ILE A . n 
A 1 7   GLU 7   6   6   GLU GLU A . n 
A 1 8   GLY 8   7   7   GLY GLY A . n 
A 1 9   GLY 9   8   8   GLY GLY A . n 
A 1 10  VAL 10  9   9   VAL VAL A . n 
A 1 11  LYS 11  10  10  LYS LYS A . n 
A 1 12  ILE 12  11  11  ILE ILE A . n 
A 1 13  ASP 13  12  12  ASP ASP A . n 
A 1 14  ARG 14  13  13  ARG ARG A . n 
A 1 15  LEU 15  14  14  LEU LEU A . n 
A 1 16  SER 16  15  15  SER SER A . n 
A 1 17  PRO 17  16  16  PRO PRO A . n 
A 1 18  GLY 18  17  17  GLY GLY A . n 
A 1 19  ASP 19  18  18  ASP ASP A . n 
A 1 20  GLY 20  19  19  GLY GLY A . n 
A 1 21  LYS 21  20  20  LYS LYS A . n 
A 1 22  THR 22  21  21  THR THR A . n 
A 1 23  PHE 23  22  22  PHE PHE A . n 
A 1 24  PRO 24  23  23  PRO PRO A . n 
A 1 25  LYS 25  24  24  LYS LYS A . n 
A 1 26  GLN 26  25  25  GLN GLN A . n 
A 1 27  GLY 27  26  26  GLY GLY A . n 
A 1 28  ASP 28  27  27  ASP ASP A . n 
A 1 29  LEU 29  28  28  LEU LEU A . n 
A 1 30  VAL 30  29  29  VAL VAL A . n 
A 1 31  THR 31  30  30  THR THR A . n 
A 1 32  ILE 32  31  31  ILE ILE A . n 
A 1 33  HIS 33  32  32  HIS HIS A . n 
A 1 34  TYR 34  33  33  TYR TYR A . n 
A 1 35  THR 35  34  34  THR THR A . n 
A 1 36  GLY 36  35  35  GLY GLY A . n 
A 1 37  THR 37  36  36  THR THR A . n 
A 1 38  LEU 38  37  37  LEU LEU A . n 
A 1 39  GLU 39  38  38  GLU GLU A . n 
A 1 40  ASN 40  39  39  ASN ASN A . n 
A 1 41  GLY 41  40  40  GLY GLY A . n 
A 1 42  GLN 42  41  41  GLN GLN A . n 
A 1 43  LYS 43  42  42  LYS LYS A . n 
A 1 44  PHE 44  43  43  PHE PHE A . n 
A 1 45  ASP 45  44  44  ASP ASP A . n 
A 1 46  SER 46  45  45  SER SER A . n 
A 1 47  SER 47  46  46  SER SER A . n 
A 1 48  VAL 48  47  47  VAL VAL A . n 
A 1 49  ASP 49  48  48  ASP ASP A . n 
A 1 50  ARG 50  49  49  ARG ARG A . n 
A 1 51  GLY 51  50  50  GLY GLY A . n 
A 1 52  SER 52  51  51  SER SER A . n 
A 1 53  PRO 53  52  52  PRO PRO A . n 
A 1 54  PHE 54  53  53  PHE PHE A . n 
A 1 55  GLN 55  54  54  GLN GLN A . n 
A 1 56  CYS 56  55  55  CYS CYS A . n 
A 1 57  ASN 57  56  56  ASN ASN A . n 
A 1 58  ILE 58  57  57  ILE ILE A . n 
A 1 59  GLY 59  58  58  GLY GLY A . n 
A 1 60  VAL 60  59  59  VAL VAL A . n 
A 1 61  GLY 61  60  60  GLY GLY A . n 
A 1 62  GLN 62  61  61  GLN GLN A . n 
A 1 63  VAL 63  62  62  VAL VAL A . n 
A 1 64  ILE 64  63  63  ILE ILE A . n 
A 1 65  LYS 65  64  64  LYS LYS A . n 
A 1 66  GLY 66  65  65  GLY GLY A . n 
A 1 67  TRP 67  66  66  TRP TRP A . n 
A 1 68  ASP 68  67  67  ASP ASP A . n 
A 1 69  ALA 69  68  68  ALA ALA A . n 
A 1 70  GLY 70  69  69  GLY GLY A . n 
A 1 71  ILE 71  70  70  ILE ILE A . n 
A 1 72  PRO 72  71  71  PRO PRO A . n 
A 1 73  LYS 73  72  72  LYS LYS A . n 
A 1 74  LEU 74  73  73  LEU LEU A . n 
A 1 75  SER 75  74  74  SER SER A . n 
A 1 76  VAL 76  75  75  VAL VAL A . n 
A 1 77  GLY 77  76  76  GLY GLY A . n 
A 1 78  GLU 78  77  77  GLU GLU A . n 
A 1 79  LYS 79  78  78  LYS LYS A . n 
A 1 80  ALA 80  79  79  ALA ALA A . n 
A 1 81  ARG 81  80  80  ARG ARG A . n 
A 1 82  LEU 82  81  81  LEU LEU A . n 
A 1 83  THR 83  82  82  THR THR A . n 
A 1 84  ILE 84  83  83  ILE ILE A . n 
A 1 85  PRO 85  84  84  PRO PRO A . n 
A 1 86  GLY 86  85  85  GLY GLY A . n 
A 1 87  PRO 87  86  86  PRO PRO A . n 
A 1 88  TYR 88  87  87  TYR TYR A . n 
A 1 89  ALA 89  88  88  ALA ALA A . n 
A 1 90  TYR 90  89  89  TYR TYR A . n 
A 1 91  GLY 91  90  90  GLY GLY A . n 
A 1 92  PRO 92  91  91  PRO PRO A . n 
A 1 93  ARG 93  92  92  ARG ARG A . n 
A 1 94  GLY 94  93  93  GLY GLY A . n 
A 1 95  PHE 95  94  94  PHE PHE A . n 
A 1 96  PRO 96  95  95  PRO PRO A . n 
A 1 97  GLY 97  96  96  GLY GLY A . n 
A 1 98  LEU 98  97  97  LEU LEU A . n 
A 1 99  ILE 99  98  98  ILE ILE A . n 
A 1 100 PRO 100 99  99  PRO PRO A . n 
A 1 101 PRO 101 100 100 PRO PRO A . n 
A 1 102 ASN 102 101 101 ASN ASN A . n 
A 1 103 ALA 103 102 102 ALA ALA A . n 
A 1 104 THR 104 103 103 THR THR A . n 
A 1 105 LEU 105 104 104 LEU LEU A . n 
A 1 106 ILE 106 105 105 ILE ILE A . n 
A 1 107 PHE 107 106 106 PHE PHE A . n 
A 1 108 ASP 108 107 107 ASP ASP A . n 
A 1 109 VAL 109 108 108 VAL VAL A . n 
A 1 110 GLU 110 109 109 GLU GLU A . n 
A 1 111 LEU 111 110 110 LEU LEU A . n 
A 1 112 LEU 112 111 111 LEU LEU A . n 
A 1 113 LYS 113 112 112 LYS LYS A . n 
A 1 114 VAL 114 113 113 VAL VAL A . n 
A 1 115 ASN 115 114 114 ASN ASN A . n 
# 
loop_
_pdbx_nonpoly_scheme.asym_id 
_pdbx_nonpoly_scheme.entity_id 
_pdbx_nonpoly_scheme.mon_id 
_pdbx_nonpoly_scheme.ndb_seq_num 
_pdbx_nonpoly_scheme.pdb_seq_num 
_pdbx_nonpoly_scheme.auth_seq_num 
_pdbx_nonpoly_scheme.pdb_mon_id 
_pdbx_nonpoly_scheme.auth_mon_id 
_pdbx_nonpoly_scheme.pdb_strand_id 
_pdbx_nonpoly_scheme.pdb_ins_code 
B 2 HOH 1  201 16 HOH HOH A . 
B 2 HOH 2  202 13 HOH HOH A . 
B 2 HOH 3  203 9  HOH HOH A . 
B 2 HOH 4  204 10 HOH HOH A . 
B 2 HOH 5  205 3  HOH HOH A . 
B 2 HOH 6  206 18 HOH HOH A . 
B 2 HOH 7  207 5  HOH HOH A . 
B 2 HOH 8  208 4  HOH HOH A . 
B 2 HOH 9  209 2  HOH HOH A . 
B 2 HOH 10 210 20 HOH HOH A . 
B 2 HOH 11 211 12 HOH HOH A . 
B 2 HOH 12 212 11 HOH HOH A . 
B 2 HOH 13 213 6  HOH HOH A . 
B 2 HOH 14 214 1  HOH HOH A . 
B 2 HOH 15 215 19 HOH HOH A . 
B 2 HOH 16 216 15 HOH HOH A . 
B 2 HOH 17 217 17 HOH HOH A . 
B 2 HOH 18 218 8  HOH HOH A . 
B 2 HOH 19 219 7  HOH HOH A . 
B 2 HOH 20 220 14 HOH HOH A . 
# 
loop_
_pdbx_unobs_or_zero_occ_atoms.id 
_pdbx_unobs_or_zero_occ_atoms.PDB_model_num 
_pdbx_unobs_or_zero_occ_atoms.polymer_flag 
_pdbx_unobs_or_zero_occ_atoms.occupancy_flag 
_pdbx_unobs_or_zero_occ_atoms.auth_asym_id 
_pdbx_unobs_or_zero_occ_atoms.auth_comp_id 
_pdbx_unobs_or_zero_occ_atoms.auth_seq_id 
_pdbx_unobs_or_zero_occ_atoms.PDB_ins_code 
_pdbx_unobs_or_zero_occ_atoms.auth_atom_id 
_pdbx_unobs_or_zero_occ_atoms.label_alt_id 
_pdbx_unobs_or_zero_occ_atoms.label_asym_id 
_pdbx_unobs_or_zero_occ_atoms.label_comp_id 
_pdbx_unobs_or_zero_occ_atoms.label_seq_id 
_pdbx_unobs_or_zero_occ_atoms.label_atom_id 
1 1 Y 1 A LYS 10 ? NZ ? A LYS 11 NZ 
2 1 Y 0 A LYS 64 ? CE ? A LYS 65 CE 
# 
loop_
_software.citation_id 
_software.classification 
_software.compiler_name 
_software.compiler_version 
_software.contact_author 
_software.contact_author_email 
_software.date 
_software.description 
_software.dependencies 
_software.hardware 
_software.language 
_software.location 
_software.mods 
_software.name 
_software.os 
_software.os_version 
_software.type 
_software.version 
_software.pdbx_ordinal 
? refinement        ? ? ? ? ? ? ? ? ? ? ? PHENIX      ? ? ? 1.6.4_486 1 
? 'data reduction'  ? ? ? ? ? ? ? ? ? ? ? MOSFLM      ? ? ? .         2 
? 'data scaling'    ? ? ? ? ? ? ? ? ? ? ? SCALA       ? ? ? .         3 
? phasing           ? ? ? ? ? ? ? ? ? ? ? MOLREP      ? ? ? .         4 
? 'data extraction' ? ? ? ? ? ? ? ? ? ? ? PDB_EXTRACT ? ? ? 3.20      5 
# 
_cell.entry_id           5HT1 
_cell.length_a           76.436 
_cell.length_b           76.436 
_cell.length_c           87.017 
_cell.angle_alpha        90.00 
_cell.angle_beta         90.00 
_cell.angle_gamma        90.00 
_cell.Z_PDB              16 
_cell.pdbx_unique_axis   ? 
# 
_symmetry.entry_id                         5HT1 
_symmetry.space_group_name_H-M             'I 4 2 2' 
_symmetry.pdbx_full_space_group_name_H-M   ? 
_symmetry.cell_setting                     ? 
_symmetry.Int_Tables_number                97 
# 
_exptl.absorpt_coefficient_mu     ? 
_exptl.absorpt_correction_T_max   ? 
_exptl.absorpt_correction_T_min   ? 
_exptl.absorpt_correction_type    ? 
_exptl.absorpt_process_details    ? 
_exptl.entry_id                   5HT1 
_exptl.crystals_number            1 
_exptl.details                    ? 
_exptl.method                     'X-RAY DIFFRACTION' 
_exptl.method_details             ? 
# 
_exptl_crystal.colour                      ? 
_exptl_crystal.density_diffrn              ? 
_exptl_crystal.density_Matthews            2.59 
_exptl_crystal.density_method              ? 
_exptl_crystal.density_percent_sol         52.56 
_exptl_crystal.description                 ? 
_exptl_crystal.F_000                       ? 
_exptl_crystal.id                          1 
_exptl_crystal.preparation                 ? 
_exptl_crystal.size_max                    ? 
_exptl_crystal.size_mid                    ? 
_exptl_crystal.size_min                    ? 
_exptl_crystal.size_rad                    ? 
_exptl_crystal.colour_lustre               ? 
_exptl_crystal.colour_modifier             ? 
_exptl_crystal.colour_primary              ? 
_exptl_crystal.density_meas                ? 
_exptl_crystal.density_meas_esd            ? 
_exptl_crystal.density_meas_gt             ? 
_exptl_crystal.density_meas_lt             ? 
_exptl_crystal.density_meas_temp           ? 
_exptl_crystal.density_meas_temp_esd       ? 
_exptl_crystal.density_meas_temp_gt        ? 
_exptl_crystal.density_meas_temp_lt        ? 
_exptl_crystal.pdbx_crystal_image_url      ? 
_exptl_crystal.pdbx_crystal_image_format   ? 
_exptl_crystal.pdbx_mosaicity              ? 
_exptl_crystal.pdbx_mosaicity_esd          ? 
# 
_exptl_crystal_grow.apparatus       ? 
_exptl_crystal_grow.atmosphere      ? 
_exptl_crystal_grow.crystal_id      1 
_exptl_crystal_grow.details         ? 
_exptl_crystal_grow.method          'VAPOR DIFFUSION, HANGING DROP' 
_exptl_crystal_grow.method_ref      ? 
_exptl_crystal_grow.pH              ? 
_exptl_crystal_grow.pressure        ? 
_exptl_crystal_grow.pressure_esd    ? 
_exptl_crystal_grow.seeding         ? 
_exptl_crystal_grow.seeding_ref     ? 
_exptl_crystal_grow.temp            298 
_exptl_crystal_grow.temp_details    ? 
_exptl_crystal_grow.temp_esd        ? 
_exptl_crystal_grow.time            ? 
_exptl_crystal_grow.pdbx_details    'PEG 4000, 0.1 M Tris 7.5' 
_exptl_crystal_grow.pdbx_pH_range   ? 
# 
_diffrn.ambient_environment    ? 
_diffrn.ambient_temp           100 
_diffrn.ambient_temp_details   ? 
_diffrn.ambient_temp_esd       ? 
_diffrn.crystal_id             1 
_diffrn.crystal_support        ? 
_diffrn.crystal_treatment      ? 
_diffrn.details                ? 
_diffrn.id                     1 
_diffrn.ambient_pressure       ? 
_diffrn.ambient_pressure_esd   ? 
_diffrn.ambient_pressure_gt    ? 
_diffrn.ambient_pressure_lt    ? 
_diffrn.ambient_temp_gt        ? 
_diffrn.ambient_temp_lt        ? 
# 
_diffrn_detector.details                      ? 
_diffrn_detector.detector                     'IMAGE PLATE' 
_diffrn_detector.diffrn_id                    1 
_diffrn_detector.type                         'RIGAKU RAXIS HTC' 
_diffrn_detector.area_resol_mean              ? 
_diffrn_detector.dtime                        ? 
_diffrn_detector.pdbx_frames_total            ? 
_diffrn_detector.pdbx_collection_time_total   ? 
_diffrn_detector.pdbx_collection_date         2014-03-12 
# 
_diffrn_radiation.collimation                      ? 
_diffrn_radiation.diffrn_id                        1 
_diffrn_radiation.filter_edge                      ? 
_diffrn_radiation.inhomogeneity                    ? 
_diffrn_radiation.monochromator                    ? 
_diffrn_radiation.polarisn_norm                    ? 
_diffrn_radiation.polarisn_ratio                   ? 
_diffrn_radiation.probe                            ? 
_diffrn_radiation.type                             ? 
_diffrn_radiation.xray_symbol                      ? 
_diffrn_radiation.wavelength_id                    1 
_diffrn_radiation.pdbx_monochromatic_or_laue_m_l   M 
_diffrn_radiation.pdbx_wavelength_list             ? 
_diffrn_radiation.pdbx_wavelength                  ? 
_diffrn_radiation.pdbx_diffrn_protocol             'SINGLE WAVELENGTH' 
_diffrn_radiation.pdbx_analyzer                    ? 
_diffrn_radiation.pdbx_scattering_type             x-ray 
# 
_diffrn_radiation_wavelength.id           1 
_diffrn_radiation_wavelength.wavelength   1.5418 
_diffrn_radiation_wavelength.wt           1.0 
# 
_diffrn_source.current                     ? 
_diffrn_source.details                     ? 
_diffrn_source.diffrn_id                   1 
_diffrn_source.power                       ? 
_diffrn_source.size                        ? 
_diffrn_source.source                      'ROTATING ANODE' 
_diffrn_source.target                      ? 
_diffrn_source.type                        OTHER 
_diffrn_source.voltage                     ? 
_diffrn_source.take-off_angle              ? 
_diffrn_source.pdbx_wavelength_list        1.5418 
_diffrn_source.pdbx_wavelength             ? 
_diffrn_source.pdbx_synchrotron_beamline   ? 
_diffrn_source.pdbx_synchrotron_site       ? 
# 
_reflns.B_iso_Wilson_estimate            ? 
_reflns.entry_id                         5HT1 
_reflns.data_reduction_details           ? 
_reflns.data_reduction_method            ? 
_reflns.d_resolution_high                2.65 
_reflns.d_resolution_low                 43.508 
_reflns.details                          ? 
_reflns.limit_h_max                      ? 
_reflns.limit_h_min                      ? 
_reflns.limit_k_max                      ? 
_reflns.limit_k_min                      ? 
_reflns.limit_l_max                      ? 
_reflns.limit_l_min                      ? 
_reflns.number_all                       ? 
_reflns.number_obs                       3991 
_reflns.observed_criterion               ? 
_reflns.observed_criterion_F_max         ? 
_reflns.observed_criterion_F_min         ? 
_reflns.observed_criterion_I_max         ? 
_reflns.observed_criterion_I_min         ? 
_reflns.observed_criterion_sigma_F       ? 
_reflns.observed_criterion_sigma_I       ? 
_reflns.percent_possible_obs             99.99 
_reflns.R_free_details                   ? 
_reflns.Rmerge_F_all                     ? 
_reflns.Rmerge_F_obs                     ? 
_reflns.Friedel_coverage                 ? 
_reflns.number_gt                        ? 
_reflns.threshold_expression             ? 
_reflns.pdbx_redundancy                  3.3 
_reflns.pdbx_Rmerge_I_obs                ? 
_reflns.pdbx_Rmerge_I_all                ? 
_reflns.pdbx_Rsym_value                  ? 
_reflns.pdbx_netI_over_av_sigmaI         ? 
_reflns.pdbx_netI_over_sigmaI            11.8 
_reflns.pdbx_res_netI_over_av_sigmaI_2   ? 
_reflns.pdbx_res_netI_over_sigmaI_2      ? 
_reflns.pdbx_chi_squared                 ? 
_reflns.pdbx_scaling_rejects             ? 
_reflns.pdbx_d_res_high_opt              ? 
_reflns.pdbx_d_res_low_opt               ? 
_reflns.pdbx_d_res_opt_method            ? 
_reflns.phase_calculation_details        ? 
_reflns.pdbx_Rrim_I_all                  ? 
_reflns.pdbx_Rpim_I_all                  ? 
_reflns.pdbx_d_opt                       ? 
_reflns.pdbx_number_measured_all         ? 
_reflns.pdbx_diffrn_id                   1 
_reflns.pdbx_ordinal                     1 
_reflns.pdbx_CC_half                     ? 
_reflns.pdbx_R_split                     ? 
# 
_refine.pdbx_refine_id                           'X-RAY DIFFRACTION' 
_refine.entry_id                                 5HT1 
_refine.pdbx_diffrn_id                           1 
_refine.pdbx_TLS_residual_ADP_flag               ? 
_refine.ls_number_reflns_obs                     3991 
_refine.ls_number_reflns_all                     ? 
_refine.pdbx_ls_sigma_I                          ? 
_refine.pdbx_ls_sigma_F                          1.39 
_refine.pdbx_data_cutoff_high_absF               ? 
_refine.pdbx_data_cutoff_low_absF                ? 
_refine.pdbx_data_cutoff_high_rms_absF           ? 
_refine.ls_d_res_low                             43.508 
_refine.ls_d_res_high                            2.651 
_refine.ls_percent_reflns_obs                    99.92 
_refine.ls_R_factor_obs                          0.1984 
_refine.ls_R_factor_all                          ? 
_refine.ls_R_factor_R_work                       0.1912 
_refine.ls_R_factor_R_free                       0.2627 
_refine.ls_R_factor_R_free_error                 ? 
_refine.ls_R_factor_R_free_error_details         ? 
_refine.ls_percent_reflns_R_free                 10.00 
_refine.ls_number_reflns_R_free                  399 
_refine.ls_number_parameters                     ? 
_refine.ls_number_restraints                     ? 
_refine.occupancy_min                            ? 
_refine.occupancy_max                            ? 
_refine.correlation_coeff_Fo_to_Fc               ? 
_refine.correlation_coeff_Fo_to_Fc_free          ? 
_refine.B_iso_mean                               ? 
_refine.aniso_B[1][1]                            3.6090 
_refine.aniso_B[2][2]                            3.6090 
_refine.aniso_B[3][3]                            -7.2180 
_refine.aniso_B[1][2]                            0.0000 
_refine.aniso_B[1][3]                            -0.0000 
_refine.aniso_B[2][3]                            0.0000 
_refine.solvent_model_details                    'FLAT BULK SOLVENT MODEL' 
_refine.solvent_model_param_ksol                 0.378 
_refine.solvent_model_param_bsol                 21.584 
_refine.pdbx_solvent_vdw_probe_radii             1.10 
_refine.pdbx_solvent_ion_probe_radii             ? 
_refine.pdbx_solvent_shrinkage_radii             0.83 
_refine.pdbx_ls_cross_valid_method               'FREE R-VALUE' 
_refine.details                                  ? 
_refine.pdbx_starting_model                      ? 
_refine.pdbx_method_to_determine_struct          'MOLECULAR REPLACEMENT' 
_refine.pdbx_isotropic_thermal_model             ? 
_refine.pdbx_stereochemistry_target_values       ML 
_refine.pdbx_stereochem_target_val_spec_case     ? 
_refine.pdbx_R_Free_selection_details            ? 
_refine.pdbx_overall_ESU_R                       ? 
_refine.pdbx_overall_ESU_R_Free                  ? 
_refine.overall_SU_ML                            0.43 
_refine.pdbx_overall_phase_error                 23.58 
_refine.overall_SU_B                             ? 
_refine.overall_SU_R_Cruickshank_DPI             ? 
_refine.pdbx_overall_SU_R_free_Cruickshank_DPI   ? 
_refine.pdbx_overall_SU_R_Blow_DPI               ? 
_refine.pdbx_overall_SU_R_free_Blow_DPI          ? 
# 
_refine_hist.pdbx_refine_id                   'X-RAY DIFFRACTION' 
_refine_hist.cycle_id                         LAST 
_refine_hist.pdbx_number_atoms_protein        861 
_refine_hist.pdbx_number_atoms_nucleic_acid   0 
_refine_hist.pdbx_number_atoms_ligand         0 
_refine_hist.number_atoms_solvent             20 
_refine_hist.number_atoms_total               881 
_refine_hist.d_res_high                       2.651 
_refine_hist.d_res_low                        43.508 
# 
loop_
_refine_ls_restr.type 
_refine_ls_restr.dev_ideal 
_refine_ls_restr.dev_ideal_target 
_refine_ls_restr.weight 
_refine_ls_restr.number 
_refine_ls_restr.pdbx_refine_id 
_refine_ls_restr.pdbx_restraint_function 
f_bond_d           0.008  ? ? 881  'X-RAY DIFFRACTION' ? 
f_angle_d          1.183  ? ? 1195 'X-RAY DIFFRACTION' ? 
f_dihedral_angle_d 15.544 ? ? 328  'X-RAY DIFFRACTION' ? 
f_chiral_restr     0.075  ? ? 131  'X-RAY DIFFRACTION' ? 
f_plane_restr      0.005  ? ? 158  'X-RAY DIFFRACTION' ? 
# 
loop_
_refine_ls_shell.pdbx_refine_id 
_refine_ls_shell.pdbx_total_number_of_bins_used 
_refine_ls_shell.d_res_high 
_refine_ls_shell.d_res_low 
_refine_ls_shell.number_reflns_R_work 
_refine_ls_shell.R_factor_R_work 
_refine_ls_shell.percent_reflns_obs 
_refine_ls_shell.R_factor_R_free 
_refine_ls_shell.R_factor_R_free_error 
_refine_ls_shell.percent_reflns_R_free 
_refine_ls_shell.number_reflns_R_free 
_refine_ls_shell.number_reflns_all 
_refine_ls_shell.R_factor_all 
_refine_ls_shell.R_factor_obs 
_refine_ls_shell.number_reflns_obs 
'X-RAY DIFFRACTION' . 2.6507 3.0342  1166 0.2467 100.00 0.3372 . . 130 . . . . 
'X-RAY DIFFRACTION' . 3.0342 3.8224  1174 0.1904 100.00 0.2493 . . 130 . . . . 
'X-RAY DIFFRACTION' . 3.8224 43.5143 1252 0.1699 100.00 0.2419 . . 139 . . . . 
# 
_struct.entry_id                     5HT1 
_struct.title                        'Structure of apo C. glabrata FKBP12' 
_struct.pdbx_model_details           ? 
_struct.pdbx_formula_weight          ? 
_struct.pdbx_formula_weight_method   ? 
_struct.pdbx_model_type_details      ? 
_struct.pdbx_CASP_flag               ? 
# 
_struct_keywords.entry_id        5HT1 
_struct_keywords.text            'FKBP12, C. glabrata, pahtogenesis, ISOMERASE' 
_struct_keywords.pdbx_keywords   ISOMERASE 
# 
loop_
_struct_asym.id 
_struct_asym.pdbx_blank_PDB_chainid_flag 
_struct_asym.pdbx_modified 
_struct_asym.entity_id 
_struct_asym.details 
A N N 1 ? 
B N N 2 ? 
# 
_struct_ref.id                         1 
_struct_ref.db_name                    UNP 
_struct_ref.db_code                    FKBP_CANGA 
_struct_ref.pdbx_db_accession          Q6FMA3 
_struct_ref.pdbx_db_isoform            ? 
_struct_ref.entity_id                  1 
_struct_ref.pdbx_seq_one_letter_code   
;MSETIEGGVKIDRLSPGDGKTFPKQGDLVTIHYTGTLENGQKFDSSVDRGSPFQCNIGVGQVIKGWDAGIPKLSVGEKAR
LTIPGPYAYGPRGFPGLIPPNATLIFDVELLKVN
;
_struct_ref.pdbx_align_begin           1 
# 
_struct_ref_seq.align_id                      1 
_struct_ref_seq.ref_id                        1 
_struct_ref_seq.pdbx_PDB_id_code              5HT1 
_struct_ref_seq.pdbx_strand_id                A 
_struct_ref_seq.seq_align_beg                 2 
_struct_ref_seq.pdbx_seq_align_beg_ins_code   ? 
_struct_ref_seq.seq_align_end                 115 
_struct_ref_seq.pdbx_seq_align_end_ins_code   ? 
_struct_ref_seq.pdbx_db_accession             Q6FMA3 
_struct_ref_seq.db_align_beg                  1 
_struct_ref_seq.pdbx_db_align_beg_ins_code    ? 
_struct_ref_seq.db_align_end                  114 
_struct_ref_seq.pdbx_db_align_end_ins_code    ? 
_struct_ref_seq.pdbx_auth_seq_align_beg       1 
_struct_ref_seq.pdbx_auth_seq_align_end       114 
# 
_struct_ref_seq_dif.align_id                     1 
_struct_ref_seq_dif.pdbx_pdb_id_code             5HT1 
_struct_ref_seq_dif.mon_id                       ALA 
_struct_ref_seq_dif.pdbx_pdb_strand_id           A 
_struct_ref_seq_dif.seq_num                      1 
_struct_ref_seq_dif.pdbx_pdb_ins_code            ? 
_struct_ref_seq_dif.pdbx_seq_db_name             UNP 
_struct_ref_seq_dif.pdbx_seq_db_accession_code   Q6FMA3 
_struct_ref_seq_dif.db_mon_id                    ? 
_struct_ref_seq_dif.pdbx_seq_db_seq_num          ? 
_struct_ref_seq_dif.details                      'expression tag' 
_struct_ref_seq_dif.pdbx_auth_seq_num            0 
_struct_ref_seq_dif.pdbx_ordinal                 1 
# 
_pdbx_struct_assembly.id                   1 
_pdbx_struct_assembly.details              author_and_software_defined_assembly 
_pdbx_struct_assembly.method_details       PISA 
_pdbx_struct_assembly.oligomeric_details   monomeric 
_pdbx_struct_assembly.oligomeric_count     1 
# 
_pdbx_struct_assembly_gen.assembly_id       1 
_pdbx_struct_assembly_gen.oper_expression   1 
_pdbx_struct_assembly_gen.asym_id_list      A,B 
# 
_pdbx_struct_oper_list.id                   1 
_pdbx_struct_oper_list.type                 'identity operation' 
_pdbx_struct_oper_list.name                 1_555 
_pdbx_struct_oper_list.symmetry_operation   x,y,z 
_pdbx_struct_oper_list.matrix[1][1]         1.0000000000 
_pdbx_struct_oper_list.matrix[1][2]         0.0000000000 
_pdbx_struct_oper_list.matrix[1][3]         0.0000000000 
_pdbx_struct_oper_list.vector[1]            0.0000000000 
_pdbx_struct_oper_list.matrix[2][1]         0.0000000000 
_pdbx_struct_oper_list.matrix[2][2]         1.0000000000 
_pdbx_struct_oper_list.matrix[2][3]         0.0000000000 
_pdbx_struct_oper_list.vector[2]            0.0000000000 
_pdbx_struct_oper_list.matrix[3][1]         0.0000000000 
_pdbx_struct_oper_list.matrix[3][2]         0.0000000000 
_pdbx_struct_oper_list.matrix[3][3]         1.0000000000 
_pdbx_struct_oper_list.vector[3]            0.0000000000 
# 
loop_
_struct_conf.conf_type_id 
_struct_conf.id 
_struct_conf.pdbx_PDB_helix_id 
_struct_conf.beg_label_comp_id 
_struct_conf.beg_label_asym_id 
_struct_conf.beg_label_seq_id 
_struct_conf.pdbx_beg_PDB_ins_code 
_struct_conf.end_label_comp_id 
_struct_conf.end_label_asym_id 
_struct_conf.end_label_seq_id 
_struct_conf.pdbx_end_PDB_ins_code 
_struct_conf.beg_auth_comp_id 
_struct_conf.beg_auth_asym_id 
_struct_conf.beg_auth_seq_id 
_struct_conf.end_auth_comp_id 
_struct_conf.end_auth_asym_id 
_struct_conf.end_auth_seq_id 
_struct_conf.pdbx_PDB_helix_class 
_struct_conf.details 
_struct_conf.pdbx_PDB_helix_length 
HELX_P HELX_P1 AA1 GLU A 7  ? GLY A 9  ? GLU A 6  GLY A 8  5 ? 3 
HELX_P HELX_P2 AA2 ILE A 64 ? ILE A 71 ? ILE A 63 ILE A 70 1 ? 8 
HELX_P HELX_P3 AA3 PRO A 72 ? LEU A 74 ? PRO A 71 LEU A 73 5 ? 3 
HELX_P HELX_P4 AA4 PRO A 85 ? ALA A 89 ? PRO A 84 ALA A 88 5 ? 5 
# 
_struct_conf_type.id          HELX_P 
_struct_conf_type.criteria    ? 
_struct_conf_type.reference   ? 
# 
loop_
_struct_sheet.id 
_struct_sheet.type 
_struct_sheet.number_strands 
_struct_sheet.details 
AA1 ? 6 ? 
AA2 ? 6 ? 
# 
loop_
_struct_sheet_order.sheet_id 
_struct_sheet_order.range_id_1 
_struct_sheet_order.range_id_2 
_struct_sheet_order.offset 
_struct_sheet_order.sense 
AA1 1 2 ? anti-parallel 
AA1 2 3 ? anti-parallel 
AA1 3 4 ? anti-parallel 
AA1 4 5 ? anti-parallel 
AA1 5 6 ? anti-parallel 
AA2 1 2 ? anti-parallel 
AA2 2 3 ? anti-parallel 
AA2 3 4 ? anti-parallel 
AA2 4 5 ? anti-parallel 
AA2 5 6 ? anti-parallel 
# 
loop_
_struct_sheet_range.sheet_id 
_struct_sheet_range.id 
_struct_sheet_range.beg_label_comp_id 
_struct_sheet_range.beg_label_asym_id 
_struct_sheet_range.beg_label_seq_id 
_struct_sheet_range.pdbx_beg_PDB_ins_code 
_struct_sheet_range.end_label_comp_id 
_struct_sheet_range.end_label_asym_id 
_struct_sheet_range.end_label_seq_id 
_struct_sheet_range.pdbx_end_PDB_ins_code 
_struct_sheet_range.beg_auth_comp_id 
_struct_sheet_range.beg_auth_asym_id 
_struct_sheet_range.beg_auth_seq_id 
_struct_sheet_range.end_auth_comp_id 
_struct_sheet_range.end_auth_asym_id 
_struct_sheet_range.end_auth_seq_id 
AA1 1 SER A 3   ? THR A 5   ? SER A 2   THR A 4   
AA1 2 LYS A 11  ? SER A 16  ? LYS A 10  SER A 15  
AA1 3 LYS A 79  ? ILE A 84  ? LYS A 78  ILE A 83  
AA1 4 LEU A 105 ? VAL A 114 ? LEU A 104 VAL A 113 
AA1 5 LEU A 29  ? LEU A 38  ? LEU A 28  LEU A 37  
AA1 6 LYS A 43  ? SER A 46  ? LYS A 42  SER A 45  
AA2 1 SER A 3   ? THR A 5   ? SER A 2   THR A 4   
AA2 2 LYS A 11  ? SER A 16  ? LYS A 10  SER A 15  
AA2 3 LYS A 79  ? ILE A 84  ? LYS A 78  ILE A 83  
AA2 4 LEU A 105 ? VAL A 114 ? LEU A 104 VAL A 113 
AA2 5 LEU A 29  ? LEU A 38  ? LEU A 28  LEU A 37  
AA2 6 PHE A 54  ? ASN A 57  ? PHE A 53  ASN A 56  
# 
loop_
_pdbx_struct_sheet_hbond.sheet_id 
_pdbx_struct_sheet_hbond.range_id_1 
_pdbx_struct_sheet_hbond.range_id_2 
_pdbx_struct_sheet_hbond.range_1_label_atom_id 
_pdbx_struct_sheet_hbond.range_1_label_comp_id 
_pdbx_struct_sheet_hbond.range_1_label_asym_id 
_pdbx_struct_sheet_hbond.range_1_label_seq_id 
_pdbx_struct_sheet_hbond.range_1_PDB_ins_code 
_pdbx_struct_sheet_hbond.range_1_auth_atom_id 
_pdbx_struct_sheet_hbond.range_1_auth_comp_id 
_pdbx_struct_sheet_hbond.range_1_auth_asym_id 
_pdbx_struct_sheet_hbond.range_1_auth_seq_id 
_pdbx_struct_sheet_hbond.range_2_label_atom_id 
_pdbx_struct_sheet_hbond.range_2_label_comp_id 
_pdbx_struct_sheet_hbond.range_2_label_asym_id 
_pdbx_struct_sheet_hbond.range_2_label_seq_id 
_pdbx_struct_sheet_hbond.range_2_PDB_ins_code 
_pdbx_struct_sheet_hbond.range_2_auth_atom_id 
_pdbx_struct_sheet_hbond.range_2_auth_comp_id 
_pdbx_struct_sheet_hbond.range_2_auth_asym_id 
_pdbx_struct_sheet_hbond.range_2_auth_seq_id 
AA1 1 2 N GLU A 4   ? N GLU A 3   O ILE A 12  ? O ILE A 11  
AA1 2 3 N SER A 16  ? N SER A 15  O LYS A 79  ? O LYS A 78  
AA1 3 4 N LEU A 82  ? N LEU A 81  O PHE A 107 ? O PHE A 106 
AA1 4 5 O LEU A 112 ? O LEU A 111 N THR A 31  ? N THR A 30  
AA1 5 6 N GLY A 36  ? N GLY A 35  O ASP A 45  ? O ASP A 44  
AA2 1 2 N GLU A 4   ? N GLU A 3   O ILE A 12  ? O ILE A 11  
AA2 2 3 N SER A 16  ? N SER A 15  O LYS A 79  ? O LYS A 78  
AA2 3 4 N LEU A 82  ? N LEU A 81  O PHE A 107 ? O PHE A 106 
AA2 4 5 O LEU A 112 ? O LEU A 111 N THR A 31  ? N THR A 30  
AA2 5 6 N ILE A 32  ? N ILE A 31  O PHE A 54  ? O PHE A 53  
# 
loop_
_pdbx_validate_torsion.id 
_pdbx_validate_torsion.PDB_model_num 
_pdbx_validate_torsion.auth_comp_id 
_pdbx_validate_torsion.auth_asym_id 
_pdbx_validate_torsion.auth_seq_id 
_pdbx_validate_torsion.PDB_ins_code 
_pdbx_validate_torsion.label_alt_id 
_pdbx_validate_torsion.phi 
_pdbx_validate_torsion.psi 
1 1 ILE A 5  ? ? -125.48 -161.45 
2 1 LYS A 20 ? ? -133.27 -34.19  
3 1 GLN A 25 ? ? -35.53  129.49  
4 1 ASP A 44 ? ? 172.75  142.14  
5 1 SER A 45 ? ? -165.21 113.17  
6 1 ALA A 88 ? ? -114.13 -120.51 
7 1 LEU A 97 ? ? -125.31 -64.53  
8 1 PRO A 99 ? ? -48.33  155.28  
# 
_phasing.method   MR 
# 
loop_
_chem_comp_atom.comp_id 
_chem_comp_atom.atom_id 
_chem_comp_atom.type_symbol 
_chem_comp_atom.pdbx_aromatic_flag 
_chem_comp_atom.pdbx_stereo_config 
_chem_comp_atom.pdbx_ordinal 
ALA N    N N N 1   
ALA CA   C N S 2   
ALA C    C N N 3   
ALA O    O N N 4   
ALA CB   C N N 5   
ALA OXT  O N N 6   
ALA H    H N N 7   
ALA H2   H N N 8   
ALA HA   H N N 9   
ALA HB1  H N N 10  
ALA HB2  H N N 11  
ALA HB3  H N N 12  
ALA HXT  H N N 13  
ARG N    N N N 14  
ARG CA   C N S 15  
ARG C    C N N 16  
ARG O    O N N 17  
ARG CB   C N N 18  
ARG CG   C N N 19  
ARG CD   C N N 20  
ARG NE   N N N 21  
ARG CZ   C N N 22  
ARG NH1  N N N 23  
ARG NH2  N N N 24  
ARG OXT  O N N 25  
ARG H    H N N 26  
ARG H2   H N N 27  
ARG HA   H N N 28  
ARG HB2  H N N 29  
ARG HB3  H N N 30  
ARG HG2  H N N 31  
ARG HG3  H N N 32  
ARG HD2  H N N 33  
ARG HD3  H N N 34  
ARG HE   H N N 35  
ARG HH11 H N N 36  
ARG HH12 H N N 37  
ARG HH21 H N N 38  
ARG HH22 H N N 39  
ARG HXT  H N N 40  
ASN N    N N N 41  
ASN CA   C N S 42  
ASN C    C N N 43  
ASN O    O N N 44  
ASN CB   C N N 45  
ASN CG   C N N 46  
ASN OD1  O N N 47  
ASN ND2  N N N 48  
ASN OXT  O N N 49  
ASN H    H N N 50  
ASN H2   H N N 51  
ASN HA   H N N 52  
ASN HB2  H N N 53  
ASN HB3  H N N 54  
ASN HD21 H N N 55  
ASN HD22 H N N 56  
ASN HXT  H N N 57  
ASP N    N N N 58  
ASP CA   C N S 59  
ASP C    C N N 60  
ASP O    O N N 61  
ASP CB   C N N 62  
ASP CG   C N N 63  
ASP OD1  O N N 64  
ASP OD2  O N N 65  
ASP OXT  O N N 66  
ASP H    H N N 67  
ASP H2   H N N 68  
ASP HA   H N N 69  
ASP HB2  H N N 70  
ASP HB3  H N N 71  
ASP HD2  H N N 72  
ASP HXT  H N N 73  
CYS N    N N N 74  
CYS CA   C N R 75  
CYS C    C N N 76  
CYS O    O N N 77  
CYS CB   C N N 78  
CYS SG   S N N 79  
CYS OXT  O N N 80  
CYS H    H N N 81  
CYS H2   H N N 82  
CYS HA   H N N 83  
CYS HB2  H N N 84  
CYS HB3  H N N 85  
CYS HG   H N N 86  
CYS HXT  H N N 87  
GLN N    N N N 88  
GLN CA   C N S 89  
GLN C    C N N 90  
GLN O    O N N 91  
GLN CB   C N N 92  
GLN CG   C N N 93  
GLN CD   C N N 94  
GLN OE1  O N N 95  
GLN NE2  N N N 96  
GLN OXT  O N N 97  
GLN H    H N N 98  
GLN H2   H N N 99  
GLN HA   H N N 100 
GLN HB2  H N N 101 
GLN HB3  H N N 102 
GLN HG2  H N N 103 
GLN HG3  H N N 104 
GLN HE21 H N N 105 
GLN HE22 H N N 106 
GLN HXT  H N N 107 
GLU N    N N N 108 
GLU CA   C N S 109 
GLU C    C N N 110 
GLU O    O N N 111 
GLU CB   C N N 112 
GLU CG   C N N 113 
GLU CD   C N N 114 
GLU OE1  O N N 115 
GLU OE2  O N N 116 
GLU OXT  O N N 117 
GLU H    H N N 118 
GLU H2   H N N 119 
GLU HA   H N N 120 
GLU HB2  H N N 121 
GLU HB3  H N N 122 
GLU HG2  H N N 123 
GLU HG3  H N N 124 
GLU HE2  H N N 125 
GLU HXT  H N N 126 
GLY N    N N N 127 
GLY CA   C N N 128 
GLY C    C N N 129 
GLY O    O N N 130 
GLY OXT  O N N 131 
GLY H    H N N 132 
GLY H2   H N N 133 
GLY HA2  H N N 134 
GLY HA3  H N N 135 
GLY HXT  H N N 136 
HIS N    N N N 137 
HIS CA   C N S 138 
HIS C    C N N 139 
HIS O    O N N 140 
HIS CB   C N N 141 
HIS CG   C Y N 142 
HIS ND1  N Y N 143 
HIS CD2  C Y N 144 
HIS CE1  C Y N 145 
HIS NE2  N Y N 146 
HIS OXT  O N N 147 
HIS H    H N N 148 
HIS H2   H N N 149 
HIS HA   H N N 150 
HIS HB2  H N N 151 
HIS HB3  H N N 152 
HIS HD1  H N N 153 
HIS HD2  H N N 154 
HIS HE1  H N N 155 
HIS HE2  H N N 156 
HIS HXT  H N N 157 
HOH O    O N N 158 
HOH H1   H N N 159 
HOH H2   H N N 160 
ILE N    N N N 161 
ILE CA   C N S 162 
ILE C    C N N 163 
ILE O    O N N 164 
ILE CB   C N S 165 
ILE CG1  C N N 166 
ILE CG2  C N N 167 
ILE CD1  C N N 168 
ILE OXT  O N N 169 
ILE H    H N N 170 
ILE H2   H N N 171 
ILE HA   H N N 172 
ILE HB   H N N 173 
ILE HG12 H N N 174 
ILE HG13 H N N 175 
ILE HG21 H N N 176 
ILE HG22 H N N 177 
ILE HG23 H N N 178 
ILE HD11 H N N 179 
ILE HD12 H N N 180 
ILE HD13 H N N 181 
ILE HXT  H N N 182 
LEU N    N N N 183 
LEU CA   C N S 184 
LEU C    C N N 185 
LEU O    O N N 186 
LEU CB   C N N 187 
LEU CG   C N N 188 
LEU CD1  C N N 189 
LEU CD2  C N N 190 
LEU OXT  O N N 191 
LEU H    H N N 192 
LEU H2   H N N 193 
LEU HA   H N N 194 
LEU HB2  H N N 195 
LEU HB3  H N N 196 
LEU HG   H N N 197 
LEU HD11 H N N 198 
LEU HD12 H N N 199 
LEU HD13 H N N 200 
LEU HD21 H N N 201 
LEU HD22 H N N 202 
LEU HD23 H N N 203 
LEU HXT  H N N 204 
LYS N    N N N 205 
LYS CA   C N S 206 
LYS C    C N N 207 
LYS O    O N N 208 
LYS CB   C N N 209 
LYS CG   C N N 210 
LYS CD   C N N 211 
LYS CE   C N N 212 
LYS NZ   N N N 213 
LYS OXT  O N N 214 
LYS H    H N N 215 
LYS H2   H N N 216 
LYS HA   H N N 217 
LYS HB2  H N N 218 
LYS HB3  H N N 219 
LYS HG2  H N N 220 
LYS HG3  H N N 221 
LYS HD2  H N N 222 
LYS HD3  H N N 223 
LYS HE2  H N N 224 
LYS HE3  H N N 225 
LYS HZ1  H N N 226 
LYS HZ2  H N N 227 
LYS HZ3  H N N 228 
LYS HXT  H N N 229 
MET N    N N N 230 
MET CA   C N S 231 
MET C    C N N 232 
MET O    O N N 233 
MET CB   C N N 234 
MET CG   C N N 235 
MET SD   S N N 236 
MET CE   C N N 237 
MET OXT  O N N 238 
MET H    H N N 239 
MET H2   H N N 240 
MET HA   H N N 241 
MET HB2  H N N 242 
MET HB3  H N N 243 
MET HG2  H N N 244 
MET HG3  H N N 245 
MET HE1  H N N 246 
MET HE2  H N N 247 
MET HE3  H N N 248 
MET HXT  H N N 249 
PHE N    N N N 250 
PHE CA   C N S 251 
PHE C    C N N 252 
PHE O    O N N 253 
PHE CB   C N N 254 
PHE CG   C Y N 255 
PHE CD1  C Y N 256 
PHE CD2  C Y N 257 
PHE CE1  C Y N 258 
PHE CE2  C Y N 259 
PHE CZ   C Y N 260 
PHE OXT  O N N 261 
PHE H    H N N 262 
PHE H2   H N N 263 
PHE HA   H N N 264 
PHE HB2  H N N 265 
PHE HB3  H N N 266 
PHE HD1  H N N 267 
PHE HD2  H N N 268 
PHE HE1  H N N 269 
PHE HE2  H N N 270 
PHE HZ   H N N 271 
PHE HXT  H N N 272 
PRO N    N N N 273 
PRO CA   C N S 274 
PRO C    C N N 275 
PRO O    O N N 276 
PRO CB   C N N 277 
PRO CG   C N N 278 
PRO CD   C N N 279 
PRO OXT  O N N 280 
PRO H    H N N 281 
PRO HA   H N N 282 
PRO HB2  H N N 283 
PRO HB3  H N N 284 
PRO HG2  H N N 285 
PRO HG3  H N N 286 
PRO HD2  H N N 287 
PRO HD3  H N N 288 
PRO HXT  H N N 289 
SER N    N N N 290 
SER CA   C N S 291 
SER C    C N N 292 
SER O    O N N 293 
SER CB   C N N 294 
SER OG   O N N 295 
SER OXT  O N N 296 
SER H    H N N 297 
SER H2   H N N 298 
SER HA   H N N 299 
SER HB2  H N N 300 
SER HB3  H N N 301 
SER HG   H N N 302 
SER HXT  H N N 303 
THR N    N N N 304 
THR CA   C N S 305 
THR C    C N N 306 
THR O    O N N 307 
THR CB   C N R 308 
THR OG1  O N N 309 
THR CG2  C N N 310 
THR OXT  O N N 311 
THR H    H N N 312 
THR H2   H N N 313 
THR HA   H N N 314 
THR HB   H N N 315 
THR HG1  H N N 316 
THR HG21 H N N 317 
THR HG22 H N N 318 
THR HG23 H N N 319 
THR HXT  H N N 320 
TRP N    N N N 321 
TRP CA   C N S 322 
TRP C    C N N 323 
TRP O    O N N 324 
TRP CB   C N N 325 
TRP CG   C Y N 326 
TRP CD1  C Y N 327 
TRP CD2  C Y N 328 
TRP NE1  N Y N 329 
TRP CE2  C Y N 330 
TRP CE3  C Y N 331 
TRP CZ2  C Y N 332 
TRP CZ3  C Y N 333 
TRP CH2  C Y N 334 
TRP OXT  O N N 335 
TRP H    H N N 336 
TRP H2   H N N 337 
TRP HA   H N N 338 
TRP HB2  H N N 339 
TRP HB3  H N N 340 
TRP HD1  H N N 341 
TRP HE1  H N N 342 
TRP HE3  H N N 343 
TRP HZ2  H N N 344 
TRP HZ3  H N N 345 
TRP HH2  H N N 346 
TRP HXT  H N N 347 
TYR N    N N N 348 
TYR CA   C N S 349 
TYR C    C N N 350 
TYR O    O N N 351 
TYR CB   C N N 352 
TYR CG   C Y N 353 
TYR CD1  C Y N 354 
TYR CD2  C Y N 355 
TYR CE1  C Y N 356 
TYR CE2  C Y N 357 
TYR CZ   C Y N 358 
TYR OH   O N N 359 
TYR OXT  O N N 360 
TYR H    H N N 361 
TYR H2   H N N 362 
TYR HA   H N N 363 
TYR HB2  H N N 364 
TYR HB3  H N N 365 
TYR HD1  H N N 366 
TYR HD2  H N N 367 
TYR HE1  H N N 368 
TYR HE2  H N N 369 
TYR HH   H N N 370 
TYR HXT  H N N 371 
VAL N    N N N 372 
VAL CA   C N S 373 
VAL C    C N N 374 
VAL O    O N N 375 
VAL CB   C N N 376 
VAL CG1  C N N 377 
VAL CG2  C N N 378 
VAL OXT  O N N 379 
VAL H    H N N 380 
VAL H2   H N N 381 
VAL HA   H N N 382 
VAL HB   H N N 383 
VAL HG11 H N N 384 
VAL HG12 H N N 385 
VAL HG13 H N N 386 
VAL HG21 H N N 387 
VAL HG22 H N N 388 
VAL HG23 H N N 389 
VAL HXT  H N N 390 
# 
loop_
_chem_comp_bond.comp_id 
_chem_comp_bond.atom_id_1 
_chem_comp_bond.atom_id_2 
_chem_comp_bond.value_order 
_chem_comp_bond.pdbx_aromatic_flag 
_chem_comp_bond.pdbx_stereo_config 
_chem_comp_bond.pdbx_ordinal 
ALA N   CA   sing N N 1   
ALA N   H    sing N N 2   
ALA N   H2   sing N N 3   
ALA CA  C    sing N N 4   
ALA CA  CB   sing N N 5   
ALA CA  HA   sing N N 6   
ALA C   O    doub N N 7   
ALA C   OXT  sing N N 8   
ALA CB  HB1  sing N N 9   
ALA CB  HB2  sing N N 10  
ALA CB  HB3  sing N N 11  
ALA OXT HXT  sing N N 12  
ARG N   CA   sing N N 13  
ARG N   H    sing N N 14  
ARG N   H2   sing N N 15  
ARG CA  C    sing N N 16  
ARG CA  CB   sing N N 17  
ARG CA  HA   sing N N 18  
ARG C   O    doub N N 19  
ARG C   OXT  sing N N 20  
ARG CB  CG   sing N N 21  
ARG CB  HB2  sing N N 22  
ARG CB  HB3  sing N N 23  
ARG CG  CD   sing N N 24  
ARG CG  HG2  sing N N 25  
ARG CG  HG3  sing N N 26  
ARG CD  NE   sing N N 27  
ARG CD  HD2  sing N N 28  
ARG CD  HD3  sing N N 29  
ARG NE  CZ   sing N N 30  
ARG NE  HE   sing N N 31  
ARG CZ  NH1  sing N N 32  
ARG CZ  NH2  doub N N 33  
ARG NH1 HH11 sing N N 34  
ARG NH1 HH12 sing N N 35  
ARG NH2 HH21 sing N N 36  
ARG NH2 HH22 sing N N 37  
ARG OXT HXT  sing N N 38  
ASN N   CA   sing N N 39  
ASN N   H    sing N N 40  
ASN N   H2   sing N N 41  
ASN CA  C    sing N N 42  
ASN CA  CB   sing N N 43  
ASN CA  HA   sing N N 44  
ASN C   O    doub N N 45  
ASN C   OXT  sing N N 46  
ASN CB  CG   sing N N 47  
ASN CB  HB2  sing N N 48  
ASN CB  HB3  sing N N 49  
ASN CG  OD1  doub N N 50  
ASN CG  ND2  sing N N 51  
ASN ND2 HD21 sing N N 52  
ASN ND2 HD22 sing N N 53  
ASN OXT HXT  sing N N 54  
ASP N   CA   sing N N 55  
ASP N   H    sing N N 56  
ASP N   H2   sing N N 57  
ASP CA  C    sing N N 58  
ASP CA  CB   sing N N 59  
ASP CA  HA   sing N N 60  
ASP C   O    doub N N 61  
ASP C   OXT  sing N N 62  
ASP CB  CG   sing N N 63  
ASP CB  HB2  sing N N 64  
ASP CB  HB3  sing N N 65  
ASP CG  OD1  doub N N 66  
ASP CG  OD2  sing N N 67  
ASP OD2 HD2  sing N N 68  
ASP OXT HXT  sing N N 69  
CYS N   CA   sing N N 70  
CYS N   H    sing N N 71  
CYS N   H2   sing N N 72  
CYS CA  C    sing N N 73  
CYS CA  CB   sing N N 74  
CYS CA  HA   sing N N 75  
CYS C   O    doub N N 76  
CYS C   OXT  sing N N 77  
CYS CB  SG   sing N N 78  
CYS CB  HB2  sing N N 79  
CYS CB  HB3  sing N N 80  
CYS SG  HG   sing N N 81  
CYS OXT HXT  sing N N 82  
GLN N   CA   sing N N 83  
GLN N   H    sing N N 84  
GLN N   H2   sing N N 85  
GLN CA  C    sing N N 86  
GLN CA  CB   sing N N 87  
GLN CA  HA   sing N N 88  
GLN C   O    doub N N 89  
GLN C   OXT  sing N N 90  
GLN CB  CG   sing N N 91  
GLN CB  HB2  sing N N 92  
GLN CB  HB3  sing N N 93  
GLN CG  CD   sing N N 94  
GLN CG  HG2  sing N N 95  
GLN CG  HG3  sing N N 96  
GLN CD  OE1  doub N N 97  
GLN CD  NE2  sing N N 98  
GLN NE2 HE21 sing N N 99  
GLN NE2 HE22 sing N N 100 
GLN OXT HXT  sing N N 101 
GLU N   CA   sing N N 102 
GLU N   H    sing N N 103 
GLU N   H2   sing N N 104 
GLU CA  C    sing N N 105 
GLU CA  CB   sing N N 106 
GLU CA  HA   sing N N 107 
GLU C   O    doub N N 108 
GLU C   OXT  sing N N 109 
GLU CB  CG   sing N N 110 
GLU CB  HB2  sing N N 111 
GLU CB  HB3  sing N N 112 
GLU CG  CD   sing N N 113 
GLU CG  HG2  sing N N 114 
GLU CG  HG3  sing N N 115 
GLU CD  OE1  doub N N 116 
GLU CD  OE2  sing N N 117 
GLU OE2 HE2  sing N N 118 
GLU OXT HXT  sing N N 119 
GLY N   CA   sing N N 120 
GLY N   H    sing N N 121 
GLY N   H2   sing N N 122 
GLY CA  C    sing N N 123 
GLY CA  HA2  sing N N 124 
GLY CA  HA3  sing N N 125 
GLY C   O    doub N N 126 
GLY C   OXT  sing N N 127 
GLY OXT HXT  sing N N 128 
HIS N   CA   sing N N 129 
HIS N   H    sing N N 130 
HIS N   H2   sing N N 131 
HIS CA  C    sing N N 132 
HIS CA  CB   sing N N 133 
HIS CA  HA   sing N N 134 
HIS C   O    doub N N 135 
HIS C   OXT  sing N N 136 
HIS CB  CG   sing N N 137 
HIS CB  HB2  sing N N 138 
HIS CB  HB3  sing N N 139 
HIS CG  ND1  sing Y N 140 
HIS CG  CD2  doub Y N 141 
HIS ND1 CE1  doub Y N 142 
HIS ND1 HD1  sing N N 143 
HIS CD2 NE2  sing Y N 144 
HIS CD2 HD2  sing N N 145 
HIS CE1 NE2  sing Y N 146 
HIS CE1 HE1  sing N N 147 
HIS NE2 HE2  sing N N 148 
HIS OXT HXT  sing N N 149 
HOH O   H1   sing N N 150 
HOH O   H2   sing N N 151 
ILE N   CA   sing N N 152 
ILE N   H    sing N N 153 
ILE N   H2   sing N N 154 
ILE CA  C    sing N N 155 
ILE CA  CB   sing N N 156 
ILE CA  HA   sing N N 157 
ILE C   O    doub N N 158 
ILE C   OXT  sing N N 159 
ILE CB  CG1  sing N N 160 
ILE CB  CG2  sing N N 161 
ILE CB  HB   sing N N 162 
ILE CG1 CD1  sing N N 163 
ILE CG1 HG12 sing N N 164 
ILE CG1 HG13 sing N N 165 
ILE CG2 HG21 sing N N 166 
ILE CG2 HG22 sing N N 167 
ILE CG2 HG23 sing N N 168 
ILE CD1 HD11 sing N N 169 
ILE CD1 HD12 sing N N 170 
ILE CD1 HD13 sing N N 171 
ILE OXT HXT  sing N N 172 
LEU N   CA   sing N N 173 
LEU N   H    sing N N 174 
LEU N   H2   sing N N 175 
LEU CA  C    sing N N 176 
LEU CA  CB   sing N N 177 
LEU CA  HA   sing N N 178 
LEU C   O    doub N N 179 
LEU C   OXT  sing N N 180 
LEU CB  CG   sing N N 181 
LEU CB  HB2  sing N N 182 
LEU CB  HB3  sing N N 183 
LEU CG  CD1  sing N N 184 
LEU CG  CD2  sing N N 185 
LEU CG  HG   sing N N 186 
LEU CD1 HD11 sing N N 187 
LEU CD1 HD12 sing N N 188 
LEU CD1 HD13 sing N N 189 
LEU CD2 HD21 sing N N 190 
LEU CD2 HD22 sing N N 191 
LEU CD2 HD23 sing N N 192 
LEU OXT HXT  sing N N 193 
LYS N   CA   sing N N 194 
LYS N   H    sing N N 195 
LYS N   H2   sing N N 196 
LYS CA  C    sing N N 197 
LYS CA  CB   sing N N 198 
LYS CA  HA   sing N N 199 
LYS C   O    doub N N 200 
LYS C   OXT  sing N N 201 
LYS CB  CG   sing N N 202 
LYS CB  HB2  sing N N 203 
LYS CB  HB3  sing N N 204 
LYS CG  CD   sing N N 205 
LYS CG  HG2  sing N N 206 
LYS CG  HG3  sing N N 207 
LYS CD  CE   sing N N 208 
LYS CD  HD2  sing N N 209 
LYS CD  HD3  sing N N 210 
LYS CE  NZ   sing N N 211 
LYS CE  HE2  sing N N 212 
LYS CE  HE3  sing N N 213 
LYS NZ  HZ1  sing N N 214 
LYS NZ  HZ2  sing N N 215 
LYS NZ  HZ3  sing N N 216 
LYS OXT HXT  sing N N 217 
MET N   CA   sing N N 218 
MET N   H    sing N N 219 
MET N   H2   sing N N 220 
MET CA  C    sing N N 221 
MET CA  CB   sing N N 222 
MET CA  HA   sing N N 223 
MET C   O    doub N N 224 
MET C   OXT  sing N N 225 
MET CB  CG   sing N N 226 
MET CB  HB2  sing N N 227 
MET CB  HB3  sing N N 228 
MET CG  SD   sing N N 229 
MET CG  HG2  sing N N 230 
MET CG  HG3  sing N N 231 
MET SD  CE   sing N N 232 
MET CE  HE1  sing N N 233 
MET CE  HE2  sing N N 234 
MET CE  HE3  sing N N 235 
MET OXT HXT  sing N N 236 
PHE N   CA   sing N N 237 
PHE N   H    sing N N 238 
PHE N   H2   sing N N 239 
PHE CA  C    sing N N 240 
PHE CA  CB   sing N N 241 
PHE CA  HA   sing N N 242 
PHE C   O    doub N N 243 
PHE C   OXT  sing N N 244 
PHE CB  CG   sing N N 245 
PHE CB  HB2  sing N N 246 
PHE CB  HB3  sing N N 247 
PHE CG  CD1  doub Y N 248 
PHE CG  CD2  sing Y N 249 
PHE CD1 CE1  sing Y N 250 
PHE CD1 HD1  sing N N 251 
PHE CD2 CE2  doub Y N 252 
PHE CD2 HD2  sing N N 253 
PHE CE1 CZ   doub Y N 254 
PHE CE1 HE1  sing N N 255 
PHE CE2 CZ   sing Y N 256 
PHE CE2 HE2  sing N N 257 
PHE CZ  HZ   sing N N 258 
PHE OXT HXT  sing N N 259 
PRO N   CA   sing N N 260 
PRO N   CD   sing N N 261 
PRO N   H    sing N N 262 
PRO CA  C    sing N N 263 
PRO CA  CB   sing N N 264 
PRO CA  HA   sing N N 265 
PRO C   O    doub N N 266 
PRO C   OXT  sing N N 267 
PRO CB  CG   sing N N 268 
PRO CB  HB2  sing N N 269 
PRO CB  HB3  sing N N 270 
PRO CG  CD   sing N N 271 
PRO CG  HG2  sing N N 272 
PRO CG  HG3  sing N N 273 
PRO CD  HD2  sing N N 274 
PRO CD  HD3  sing N N 275 
PRO OXT HXT  sing N N 276 
SER N   CA   sing N N 277 
SER N   H    sing N N 278 
SER N   H2   sing N N 279 
SER CA  C    sing N N 280 
SER CA  CB   sing N N 281 
SER CA  HA   sing N N 282 
SER C   O    doub N N 283 
SER C   OXT  sing N N 284 
SER CB  OG   sing N N 285 
SER CB  HB2  sing N N 286 
SER CB  HB3  sing N N 287 
SER OG  HG   sing N N 288 
SER OXT HXT  sing N N 289 
THR N   CA   sing N N 290 
THR N   H    sing N N 291 
THR N   H2   sing N N 292 
THR CA  C    sing N N 293 
THR CA  CB   sing N N 294 
THR CA  HA   sing N N 295 
THR C   O    doub N N 296 
THR C   OXT  sing N N 297 
THR CB  OG1  sing N N 298 
THR CB  CG2  sing N N 299 
THR CB  HB   sing N N 300 
THR OG1 HG1  sing N N 301 
THR CG2 HG21 sing N N 302 
THR CG2 HG22 sing N N 303 
THR CG2 HG23 sing N N 304 
THR OXT HXT  sing N N 305 
TRP N   CA   sing N N 306 
TRP N   H    sing N N 307 
TRP N   H2   sing N N 308 
TRP CA  C    sing N N 309 
TRP CA  CB   sing N N 310 
TRP CA  HA   sing N N 311 
TRP C   O    doub N N 312 
TRP C   OXT  sing N N 313 
TRP CB  CG   sing N N 314 
TRP CB  HB2  sing N N 315 
TRP CB  HB3  sing N N 316 
TRP CG  CD1  doub Y N 317 
TRP CG  CD2  sing Y N 318 
TRP CD1 NE1  sing Y N 319 
TRP CD1 HD1  sing N N 320 
TRP CD2 CE2  doub Y N 321 
TRP CD2 CE3  sing Y N 322 
TRP NE1 CE2  sing Y N 323 
TRP NE1 HE1  sing N N 324 
TRP CE2 CZ2  sing Y N 325 
TRP CE3 CZ3  doub Y N 326 
TRP CE3 HE3  sing N N 327 
TRP CZ2 CH2  doub Y N 328 
TRP CZ2 HZ2  sing N N 329 
TRP CZ3 CH2  sing Y N 330 
TRP CZ3 HZ3  sing N N 331 
TRP CH2 HH2  sing N N 332 
TRP OXT HXT  sing N N 333 
TYR N   CA   sing N N 334 
TYR N   H    sing N N 335 
TYR N   H2   sing N N 336 
TYR CA  C    sing N N 337 
TYR CA  CB   sing N N 338 
TYR CA  HA   sing N N 339 
TYR C   O    doub N N 340 
TYR C   OXT  sing N N 341 
TYR CB  CG   sing N N 342 
TYR CB  HB2  sing N N 343 
TYR CB  HB3  sing N N 344 
TYR CG  CD1  doub Y N 345 
TYR CG  CD2  sing Y N 346 
TYR CD1 CE1  sing Y N 347 
TYR CD1 HD1  sing N N 348 
TYR CD2 CE2  doub Y N 349 
TYR CD2 HD2  sing N N 350 
TYR CE1 CZ   doub Y N 351 
TYR CE1 HE1  sing N N 352 
TYR CE2 CZ   sing Y N 353 
TYR CE2 HE2  sing N N 354 
TYR CZ  OH   sing N N 355 
TYR OH  HH   sing N N 356 
TYR OXT HXT  sing N N 357 
VAL N   CA   sing N N 358 
VAL N   H    sing N N 359 
VAL N   H2   sing N N 360 
VAL CA  C    sing N N 361 
VAL CA  CB   sing N N 362 
VAL CA  HA   sing N N 363 
VAL C   O    doub N N 364 
VAL C   OXT  sing N N 365 
VAL CB  CG1  sing N N 366 
VAL CB  CG2  sing N N 367 
VAL CB  HB   sing N N 368 
VAL CG1 HG11 sing N N 369 
VAL CG1 HG12 sing N N 370 
VAL CG1 HG13 sing N N 371 
VAL CG2 HG21 sing N N 372 
VAL CG2 HG22 sing N N 373 
VAL CG2 HG23 sing N N 374 
VAL OXT HXT  sing N N 375 
# 
_atom_sites.entry_id                    5HT1 
_atom_sites.fract_transf_matrix[1][1]   -0.00324708 
_atom_sites.fract_transf_matrix[1][2]   -0.00415131 
_atom_sites.fract_transf_matrix[1][3]   -0.01197447 
_atom_sites.fract_transf_matrix[2][1]   0.00540999 
_atom_sites.fract_transf_matrix[2][2]   0.01072442 
_atom_sites.fract_transf_matrix[2][3]   -0.00518495 
_atom_sites.fract_transf_matrix[3][1]   0.01006720 
_atom_sites.fract_transf_matrix[3][2]   -0.00547981 
_atom_sites.fract_transf_matrix[3][3]   -0.00083016 
_atom_sites.fract_transf_vector[1]      0.016630 
_atom_sites.fract_transf_vector[2]      0.295336 
_atom_sites.fract_transf_vector[3]      0.161538 
# 
loop_
_atom_type.symbol 
C 
N 
O 
S 
# 
loop_
_atom_site.group_PDB 
_atom_site.id 
_atom_site.type_symbol 
_atom_site.label_atom_id 
_atom_site.label_alt_id 
_atom_site.label_comp_id 
_atom_site.label_asym_id 
_atom_site.label_entity_id 
_atom_site.label_seq_id 
_atom_site.pdbx_PDB_ins_code 
_atom_site.Cartn_x 
_atom_site.Cartn_y 
_atom_site.Cartn_z 
_atom_site.occupancy 
_atom_site.B_iso_or_equiv 
_atom_site.pdbx_formal_charge 
_atom_site.auth_seq_id 
_atom_site.auth_comp_id 
_atom_site.auth_asym_id 
_atom_site.auth_atom_id 
_atom_site.pdbx_PDB_model_num 
ATOM   1   N N   . ALA A 1 1   ? 16.342  -5.022  -5.123  1.00 16.95 ? 0   ALA A N   1 
ATOM   2   C CA  . ALA A 1 1   ? 15.346  -4.622  -6.073  1.00 16.92 ? 0   ALA A CA  1 
ATOM   3   C C   . ALA A 1 1   ? 14.618  -5.834  -6.635  1.00 29.69 ? 0   ALA A C   1 
ATOM   4   O O   . ALA A 1 1   ? 14.679  -6.116  -7.822  1.00 33.53 ? 0   ALA A O   1 
ATOM   5   C CB  . ALA A 1 1   ? 15.966  -3.792  -7.187  1.00 22.50 ? 0   ALA A CB  1 
ATOM   6   N N   . MET A 1 2   ? 13.912  -6.537  -5.760  1.00 37.97 ? 1   MET A N   1 
ATOM   7   C CA  . MET A 1 2   ? 12.948  -7.535  -6.174  1.00 30.32 ? 1   MET A CA  1 
ATOM   8   C C   . MET A 1 2   ? 11.676  -6.896  -6.768  1.00 30.92 ? 1   MET A C   1 
ATOM   9   O O   . MET A 1 2   ? 11.312  -5.754  -6.475  1.00 23.61 ? 1   MET A O   1 
ATOM   10  C CB  . MET A 1 2   ? 12.575  -8.420  -4.979  1.00 25.80 ? 1   MET A CB  1 
ATOM   11  C CG  . MET A 1 2   ? 12.783  -9.911  -5.222  1.00 36.33 ? 1   MET A CG  1 
ATOM   12  S SD  . MET A 1 2   ? 13.032  -10.855 -3.704  1.00 63.43 ? 1   MET A SD  1 
ATOM   13  C CE  . MET A 1 2   ? 11.369  -11.399 -3.342  1.00 53.99 ? 1   MET A CE  1 
ATOM   14  N N   . SER A 1 3   ? 11.033  -7.658  -7.638  1.00 35.64 ? 2   SER A N   1 
ATOM   15  C CA  . SER A 1 3   ? 9.655   -7.437  -8.010  1.00 28.22 ? 2   SER A CA  1 
ATOM   16  C C   . SER A 1 3   ? 9.001   -8.750  -7.621  1.00 33.62 ? 2   SER A C   1 
ATOM   17  O O   . SER A 1 3   ? 9.573   -9.824  -7.826  1.00 40.33 ? 2   SER A O   1 
ATOM   18  C CB  . SER A 1 3   ? 9.515   -7.198  -9.510  1.00 33.95 ? 2   SER A CB  1 
ATOM   19  O OG  . SER A 1 3   ? 9.732   -8.396  -10.237 1.00 39.43 ? 2   SER A OG  1 
ATOM   20  N N   . GLU A 1 4   ? 7.815   -8.673  -7.045  1.00 30.62 ? 3   GLU A N   1 
ATOM   21  C CA  . GLU A 1 4   ? 7.217   -9.818  -6.393  1.00 31.03 ? 3   GLU A CA  1 
ATOM   22  C C   . GLU A 1 4   ? 5.745   -9.745  -6.726  1.00 31.24 ? 3   GLU A C   1 
ATOM   23  O O   . GLU A 1 4   ? 5.150   -8.686  -6.604  1.00 37.35 ? 3   GLU A O   1 
ATOM   24  C CB  . GLU A 1 4   ? 7.427   -9.669  -4.885  1.00 32.04 ? 3   GLU A CB  1 
ATOM   25  C CG  . GLU A 1 4   ? 7.713   -10.946 -4.099  1.00 37.02 ? 3   GLU A CG  1 
ATOM   26  C CD  . GLU A 1 4   ? 8.154   -10.638 -2.666  1.00 45.44 ? 3   GLU A CD  1 
ATOM   27  O OE1 . GLU A 1 4   ? 7.569   -11.194 -1.707  1.00 52.55 ? 3   GLU A OE1 1 
ATOM   28  O OE2 . GLU A 1 4   ? 9.093   -9.832  -2.494  1.00 43.20 ? 3   GLU A OE2 1 
ATOM   29  N N   . THR A 1 5   ? 5.159   -10.842 -7.185  1.00 28.29 ? 4   THR A N   1 
ATOM   30  C CA  . THR A 1 5   ? 3.711   -10.902 -7.340  1.00 21.27 ? 4   THR A CA  1 
ATOM   31  C C   . THR A 1 5   ? 3.118   -11.835 -6.293  1.00 23.90 ? 4   THR A C   1 
ATOM   32  O O   . THR A 1 5   ? 3.546   -12.970 -6.158  1.00 33.40 ? 4   THR A O   1 
ATOM   33  C CB  . THR A 1 5   ? 3.288   -11.319 -8.742  1.00 21.70 ? 4   THR A CB  1 
ATOM   34  O OG1 . THR A 1 5   ? 3.798   -10.375 -9.692  1.00 39.58 ? 4   THR A OG1 1 
ATOM   35  C CG2 . THR A 1 5   ? 1.779   -11.345 -8.842  1.00 23.90 ? 4   THR A CG2 1 
ATOM   36  N N   . ILE A 1 6   ? 2.150   -11.352 -5.525  1.00 24.22 ? 5   ILE A N   1 
ATOM   37  C CA  . ILE A 1 6   ? 1.713   -12.093 -4.351  1.00 22.52 ? 5   ILE A CA  1 
ATOM   38  C C   . ILE A 1 6   ? 0.218   -12.359 -4.346  1.00 25.80 ? 5   ILE A C   1 
ATOM   39  O O   . ILE A 1 6   ? -0.424  -12.301 -5.389  1.00 29.43 ? 5   ILE A O   1 
ATOM   40  C CB  . ILE A 1 6   ? 2.132   -11.378 -3.039  1.00 26.79 ? 5   ILE A CB  1 
ATOM   41  C CG1 . ILE A 1 6   ? 1.397   -10.051 -2.877  1.00 24.55 ? 5   ILE A CG1 1 
ATOM   42  C CG2 . ILE A 1 6   ? 3.632   -11.121 -3.013  1.00 27.88 ? 5   ILE A CG2 1 
ATOM   43  C CD1 . ILE A 1 6   ? 1.925   -9.232  -1.716  1.00 25.57 ? 5   ILE A CD1 1 
ATOM   44  N N   . GLU A 1 7   ? -0.330  -12.676 -3.178  1.00 22.91 ? 6   GLU A N   1 
ATOM   45  C CA  . GLU A 1 7   ? -1.757  -12.934 -3.092  1.00 32.20 ? 6   GLU A CA  1 
ATOM   46  C C   . GLU A 1 7   ? -2.533  -11.779 -3.716  1.00 31.85 ? 6   GLU A C   1 
ATOM   47  O O   . GLU A 1 7   ? -2.305  -10.614 -3.396  1.00 35.50 ? 6   GLU A O   1 
ATOM   48  C CB  . GLU A 1 7   ? -2.226  -13.236 -1.648  1.00 30.49 ? 6   GLU A CB  1 
ATOM   49  C CG  . GLU A 1 7   ? -1.798  -12.249 -0.575  1.00 30.01 ? 6   GLU A CG  1 
ATOM   50  C CD  . GLU A 1 7   ? -2.741  -12.247 0.640   1.00 44.07 ? 6   GLU A CD  1 
ATOM   51  O OE1 . GLU A 1 7   ? -3.963  -12.499 0.472   1.00 33.02 ? 6   GLU A OE1 1 
ATOM   52  O OE2 . GLU A 1 7   ? -2.261  -11.982 1.772   1.00 47.35 ? 6   GLU A OE2 1 
ATOM   53  N N   . GLY A 1 8   ? -3.416  -12.111 -4.647  1.00 31.23 ? 7   GLY A N   1 
ATOM   54  C CA  . GLY A 1 8   ? -4.346  -11.139 -5.182  1.00 26.12 ? 7   GLY A CA  1 
ATOM   55  C C   . GLY A 1 8   ? -3.904  -10.512 -6.483  1.00 26.92 ? 7   GLY A C   1 
ATOM   56  O O   . GLY A 1 8   ? -4.586  -9.638  -7.004  1.00 29.73 ? 7   GLY A O   1 
ATOM   57  N N   . GLY A 1 9   ? -2.776  -10.965 -7.016  1.00 26.16 ? 8   GLY A N   1 
ATOM   58  C CA  . GLY A 1 9   ? -2.141  -10.310 -8.147  1.00 23.50 ? 8   GLY A CA  1 
ATOM   59  C C   . GLY A 1 9   ? -1.479  -8.999  -7.749  1.00 21.14 ? 8   GLY A C   1 
ATOM   60  O O   . GLY A 1 9   ? -1.176  -8.168  -8.580  1.00 25.96 ? 8   GLY A O   1 
ATOM   61  N N   . VAL A 1 10  ? -1.273  -8.804  -6.458  1.00 21.04 ? 9   VAL A N   1 
ATOM   62  C CA  . VAL A 1 10  ? -0.650  -7.589  -5.967  1.00 25.19 ? 9   VAL A CA  1 
ATOM   63  C C   . VAL A 1 10  ? 0.845   -7.621  -6.283  1.00 26.70 ? 9   VAL A C   1 
ATOM   64  O O   . VAL A 1 10  ? 1.537   -8.598  -5.979  1.00 25.34 ? 9   VAL A O   1 
ATOM   65  C CB  . VAL A 1 10  ? -0.861  -7.428  -4.443  1.00 21.65 ? 9   VAL A CB  1 
ATOM   66  C CG1 . VAL A 1 10  ? -0.168  -6.198  -3.951  1.00 19.50 ? 9   VAL A CG1 1 
ATOM   67  C CG2 . VAL A 1 10  ? -2.327  -7.376  -4.108  1.00 18.93 ? 9   VAL A CG2 1 
ATOM   68  N N   . LYS A 1 11  ? 1.342   -6.560  -6.904  1.00 23.15 ? 10  LYS A N   1 
ATOM   69  C CA  . LYS A 1 11  ? 2.754   -6.495  -7.241  1.00 24.27 ? 10  LYS A CA  1 
ATOM   70  C C   . LYS A 1 11  ? 3.518   -5.546  -6.313  1.00 28.36 ? 10  LYS A C   1 
ATOM   71  O O   . LYS A 1 11  ? 3.109   -4.404  -6.072  1.00 26.66 ? 10  LYS A O   1 
ATOM   72  C CB  . LYS A 1 11  ? 2.951   -6.110  -8.711  1.00 28.72 ? 10  LYS A CB  1 
ATOM   73  C CG  . LYS A 1 11  ? 2.508   -7.200  -9.693  1.00 35.12 ? 10  LYS A CG  1 
ATOM   74  C CD  . LYS A 1 11  ? 2.628   -6.741  -11.141 1.00 44.39 ? 10  LYS A CD  1 
ATOM   75  C CE  . LYS A 1 11  ? 2.238   -7.845  -12.129 1.00 47.91 ? 10  LYS A CE  1 
ATOM   76  N N   . ILE A 1 12  ? 4.623   -6.042  -5.776  1.00 27.76 ? 11  ILE A N   1 
ATOM   77  C CA  . ILE A 1 12  ? 5.498   -5.229  -4.958  1.00 22.35 ? 11  ILE A CA  1 
ATOM   78  C C   . ILE A 1 12  ? 6.758   -4.957  -5.750  1.00 23.05 ? 11  ILE A C   1 
ATOM   79  O O   . ILE A 1 12  ? 7.462   -5.871  -6.152  1.00 26.53 ? 11  ILE A O   1 
ATOM   80  C CB  . ILE A 1 12  ? 5.852   -5.940  -3.650  1.00 23.21 ? 11  ILE A CB  1 
ATOM   81  C CG1 . ILE A 1 12  ? 4.591   -6.557  -3.047  1.00 20.85 ? 11  ILE A CG1 1 
ATOM   82  C CG2 . ILE A 1 12  ? 6.524   -4.977  -2.678  1.00 18.91 ? 11  ILE A CG2 1 
ATOM   83  C CD1 . ILE A 1 12  ? 4.747   -6.995  -1.625  1.00 23.51 ? 11  ILE A CD1 1 
ATOM   84  N N   . ASP A 1 13  ? 7.017   -3.688  -6.012  1.00 24.64 ? 12  ASP A N   1 
ATOM   85  C CA  . ASP A 1 13  ? 8.279   -3.288  -6.608  1.00 21.87 ? 12  ASP A CA  1 
ATOM   86  C C   . ASP A 1 13  ? 9.092   -2.548  -5.575  1.00 17.67 ? 12  ASP A C   1 
ATOM   87  O O   . ASP A 1 13  ? 8.622   -1.586  -4.986  1.00 22.15 ? 12  ASP A O   1 
ATOM   88  C CB  . ASP A 1 13  ? 8.055   -2.422  -7.849  1.00 22.90 ? 12  ASP A CB  1 
ATOM   89  C CG  . ASP A 1 13  ? 7.771   -3.249  -9.086  1.00 32.10 ? 12  ASP A CG  1 
ATOM   90  O OD1 . ASP A 1 13  ? 8.729   -3.890  -9.606  1.00 35.52 ? 12  ASP A OD1 1 
ATOM   91  O OD2 . ASP A 1 13  ? 6.598   -3.261  -9.527  1.00 25.86 ? 12  ASP A OD2 1 
ATOM   92  N N   . ARG A 1 14  ? 10.302  -3.010  -5.329  1.00 17.82 ? 13  ARG A N   1 
ATOM   93  C CA  . ARG A 1 14  ? 11.126  -2.376  -4.312  1.00 19.60 ? 13  ARG A CA  1 
ATOM   94  C C   . ARG A 1 14  ? 11.901  -1.240  -4.937  1.00 16.66 ? 13  ARG A C   1 
ATOM   95  O O   . ARG A 1 14  ? 12.679  -1.448  -5.856  1.00 22.17 ? 13  ARG A O   1 
ATOM   96  C CB  . ARG A 1 14  ? 12.052  -3.399  -3.651  1.00 26.92 ? 13  ARG A CB  1 
ATOM   97  C CG  . ARG A 1 14  ? 11.351  -4.745  -3.411  1.00 34.63 ? 13  ARG A CG  1 
ATOM   98  C CD  . ARG A 1 14  ? 12.018  -5.656  -2.382  1.00 30.46 ? 13  ARG A CD  1 
ATOM   99  N NE  . ARG A 1 14  ? 11.122  -6.764  -2.045  1.00 32.87 ? 13  ARG A NE  1 
ATOM   100 C CZ  . ARG A 1 14  ? 10.441  -6.872  -0.908  1.00 31.75 ? 13  ARG A CZ  1 
ATOM   101 N NH1 . ARG A 1 14  ? 10.566  -5.955  0.040   1.00 32.43 ? 13  ARG A NH1 1 
ATOM   102 N NH2 . ARG A 1 14  ? 9.648   -7.911  -0.709  1.00 30.44 ? 13  ARG A NH2 1 
ATOM   103 N N   . LEU A 1 15  ? 11.656  -0.031  -4.455  1.00 18.93 ? 14  LEU A N   1 
ATOM   104 C CA  . LEU A 1 15  ? 12.303  1.163   -4.985  1.00 19.53 ? 14  LEU A CA  1 
ATOM   105 C C   . LEU A 1 15  ? 13.556  1.497   -4.204  1.00 15.85 ? 14  LEU A C   1 
ATOM   106 O O   . LEU A 1 15  ? 14.629  1.634   -4.772  1.00 21.11 ? 14  LEU A O   1 
ATOM   107 C CB  . LEU A 1 15  ? 11.325  2.344   -4.996  1.00 16.87 ? 14  LEU A CB  1 
ATOM   108 C CG  . LEU A 1 15  ? 10.078  2.006   -5.812  1.00 15.83 ? 14  LEU A CG  1 
ATOM   109 C CD1 . LEU A 1 15  ? 9.028   3.093   -5.700  1.00 22.90 ? 14  LEU A CD1 1 
ATOM   110 C CD2 . LEU A 1 15  ? 10.456  1.759   -7.263  1.00 14.72 ? 14  LEU A CD2 1 
ATOM   111 N N   . SER A 1 16  ? 13.420  1.616   -2.896  1.00 16.75 ? 15  SER A N   1 
ATOM   112 C CA  . SER A 1 16  ? 14.575  1.845   -2.041  1.00 26.82 ? 15  SER A CA  1 
ATOM   113 C C   . SER A 1 16  ? 14.490  0.984   -0.763  1.00 24.08 ? 15  SER A C   1 
ATOM   114 O O   . SER A 1 16  ? 13.419  0.780   -0.211  1.00 23.66 ? 15  SER A O   1 
ATOM   115 C CB  . SER A 1 16  ? 14.729  3.338   -1.723  1.00 23.47 ? 15  SER A CB  1 
ATOM   116 O OG  . SER A 1 16  ? 13.789  3.749   -0.746  1.00 27.84 ? 15  SER A OG  1 
ATOM   117 N N   . PRO A 1 17  ? 15.633  0.478   -0.298  1.00 21.11 ? 16  PRO A N   1 
ATOM   118 C CA  . PRO A 1 17  ? 15.662  -0.552  0.745   1.00 22.25 ? 16  PRO A CA  1 
ATOM   119 C C   . PRO A 1 17  ? 15.318  -0.062  2.146   1.00 21.28 ? 16  PRO A C   1 
ATOM   120 O O   . PRO A 1 17  ? 15.498  1.099   2.472   1.00 23.37 ? 16  PRO A O   1 
ATOM   121 C CB  . PRO A 1 17  ? 17.112  -1.022  0.714   1.00 25.32 ? 16  PRO A CB  1 
ATOM   122 C CG  . PRO A 1 17  ? 17.865  0.153   0.218   1.00 26.58 ? 16  PRO A CG  1 
ATOM   123 C CD  . PRO A 1 17  ? 16.977  0.813   -0.783  1.00 21.37 ? 16  PRO A CD  1 
ATOM   124 N N   . GLY A 1 18  ? 14.816  -0.971  2.972   1.00 25.54 ? 17  GLY A N   1 
ATOM   125 C CA  . GLY A 1 18  ? 14.615  -0.690  4.381   1.00 22.10 ? 17  GLY A CA  1 
ATOM   126 C C   . GLY A 1 18  ? 15.719  -1.348  5.175   1.00 21.37 ? 17  GLY A C   1 
ATOM   127 O O   . GLY A 1 18  ? 16.802  -1.576  4.655   1.00 25.25 ? 17  GLY A O   1 
ATOM   128 N N   . ASP A 1 19  ? 15.464  -1.674  6.429   1.00 21.04 ? 18  ASP A N   1 
ATOM   129 C CA  . ASP A 1 19  ? 16.519  -2.267  7.237   1.00 23.95 ? 18  ASP A CA  1 
ATOM   130 C C   . ASP A 1 19  ? 16.704  -3.756  6.926   1.00 27.65 ? 18  ASP A C   1 
ATOM   131 O O   . ASP A 1 19  ? 17.712  -4.362  7.309   1.00 34.17 ? 18  ASP A O   1 
ATOM   132 C CB  . ASP A 1 19  ? 16.298  -1.994  8.732   1.00 24.15 ? 18  ASP A CB  1 
ATOM   133 C CG  . ASP A 1 19  ? 15.216  -2.863  9.342   1.00 25.64 ? 18  ASP A CG  1 
ATOM   134 O OD1 . ASP A 1 19  ? 14.423  -3.482  8.606   1.00 26.95 ? 18  ASP A OD1 1 
ATOM   135 O OD2 . ASP A 1 19  ? 15.165  -2.931  10.580  1.00 27.25 ? 18  ASP A OD2 1 
ATOM   136 N N   . GLY A 1 20  ? 15.739  -4.331  6.209   1.00 20.36 ? 19  GLY A N   1 
ATOM   137 C CA  . GLY A 1 20  ? 15.836  -5.710  5.750   1.00 20.38 ? 19  GLY A CA  1 
ATOM   138 C C   . GLY A 1 20  ? 15.653  -6.737  6.857   1.00 29.63 ? 19  GLY A C   1 
ATOM   139 O O   . GLY A 1 20  ? 15.845  -7.942  6.650   1.00 23.86 ? 19  GLY A O   1 
ATOM   140 N N   . LYS A 1 21  ? 15.262  -6.248  8.032   1.00 30.48 ? 20  LYS A N   1 
ATOM   141 C CA  . LYS A 1 21  ? 15.171  -7.067  9.223   1.00 24.66 ? 20  LYS A CA  1 
ATOM   142 C C   . LYS A 1 21  ? 13.861  -6.849  9.971   1.00 30.40 ? 20  LYS A C   1 
ATOM   143 O O   . LYS A 1 21  ? 13.331  -7.788  10.548  1.00 35.42 ? 20  LYS A O   1 
ATOM   144 C CB  . LYS A 1 21  ? 16.347  -6.765  10.136  1.00 25.92 ? 20  LYS A CB  1 
ATOM   145 C CG  . LYS A 1 21  ? 17.677  -7.164  9.537   1.00 40.36 ? 20  LYS A CG  1 
ATOM   146 C CD  . LYS A 1 21  ? 18.783  -7.138  10.575  1.00 58.35 ? 20  LYS A CD  1 
ATOM   147 C CE  . LYS A 1 21  ? 20.092  -7.678  10.006  1.00 67.66 ? 20  LYS A CE  1 
ATOM   148 N NZ  . LYS A 1 21  ? 21.165  -7.724  11.046  1.00 61.90 ? 20  LYS A NZ  1 
ATOM   149 N N   . THR A 1 22  ? 13.341  -5.622  9.955   1.00 24.03 ? 21  THR A N   1 
ATOM   150 C CA  . THR A 1 22  ? 12.122  -5.296  10.687  1.00 21.24 ? 21  THR A CA  1 
ATOM   151 C C   . THR A 1 22  ? 10.883  -5.227  9.791   1.00 22.29 ? 21  THR A C   1 
ATOM   152 O O   . THR A 1 22  ? 10.648  -4.236  9.111   1.00 21.73 ? 21  THR A O   1 
ATOM   153 C CB  . THR A 1 22  ? 12.273  -3.967  11.451  1.00 26.66 ? 21  THR A CB  1 
ATOM   154 O OG1 . THR A 1 22  ? 13.385  -4.056  12.345  1.00 33.04 ? 21  THR A OG1 1 
ATOM   155 C CG2 . THR A 1 22  ? 11.027  -3.651  12.259  1.00 24.73 ? 21  THR A CG2 1 
ATOM   156 N N   . PHE A 1 23  ? 10.083  -6.285  9.825   1.00 24.39 ? 22  PHE A N   1 
ATOM   157 C CA  . PHE A 1 23  ? 8.876   -6.394  9.020   1.00 23.22 ? 22  PHE A CA  1 
ATOM   158 C C   . PHE A 1 23  ? 7.664   -6.431  9.935   1.00 26.86 ? 22  PHE A C   1 
ATOM   159 O O   . PHE A 1 23  ? 7.726   -7.011  11.020  1.00 28.90 ? 22  PHE A O   1 
ATOM   160 C CB  . PHE A 1 23  ? 8.912   -7.690  8.214   1.00 21.89 ? 22  PHE A CB  1 
ATOM   161 C CG  . PHE A 1 23  ? 10.077  -7.798  7.294   1.00 19.35 ? 22  PHE A CG  1 
ATOM   162 C CD1 . PHE A 1 23  ? 9.926   -7.544  5.940   1.00 18.86 ? 22  PHE A CD1 1 
ATOM   163 C CD2 . PHE A 1 23  ? 11.325  -8.159  7.775   1.00 24.45 ? 22  PHE A CD2 1 
ATOM   164 C CE1 . PHE A 1 23  ? 10.988  -7.634  5.073   1.00 19.77 ? 22  PHE A CE1 1 
ATOM   165 C CE2 . PHE A 1 23  ? 12.400  -8.256  6.918   1.00 24.26 ? 22  PHE A CE2 1 
ATOM   166 C CZ  . PHE A 1 23  ? 12.231  -8.000  5.559   1.00 25.87 ? 22  PHE A CZ  1 
ATOM   167 N N   . PRO A 1 24  ? 6.544   -5.834  9.498   1.00 24.64 ? 23  PRO A N   1 
ATOM   168 C CA  . PRO A 1 24  ? 5.314   -5.860  10.302  1.00 27.41 ? 23  PRO A CA  1 
ATOM   169 C C   . PRO A 1 24  ? 4.631   -7.230  10.254  1.00 30.09 ? 23  PRO A C   1 
ATOM   170 O O   . PRO A 1 24  ? 4.634   -7.891  9.229   1.00 28.89 ? 23  PRO A O   1 
ATOM   171 C CB  . PRO A 1 24  ? 4.419   -4.817  9.617   1.00 26.05 ? 23  PRO A CB  1 
ATOM   172 C CG  . PRO A 1 24  ? 5.284   -4.140  8.574   1.00 22.06 ? 23  PRO A CG  1 
ATOM   173 C CD  . PRO A 1 24  ? 6.370   -5.095  8.241   1.00 21.50 ? 23  PRO A CD  1 
ATOM   174 N N   . LYS A 1 25  ? 4.040   -7.650  11.361  1.00 35.73 ? 24  LYS A N   1 
ATOM   175 C CA  . LYS A 1 25  ? 3.261   -8.873  11.364  1.00 33.79 ? 24  LYS A CA  1 
ATOM   176 C C   . LYS A 1 25  ? 1.831   -8.558  11.761  1.00 35.65 ? 24  LYS A C   1 
ATOM   177 O O   . LYS A 1 25  ? 1.573   -7.523  12.368  1.00 31.82 ? 24  LYS A O   1 
ATOM   178 C CB  . LYS A 1 25  ? 3.863   -9.893  12.324  1.00 37.84 ? 24  LYS A CB  1 
ATOM   179 C CG  . LYS A 1 25  ? 4.995   -10.714 11.714  1.00 47.56 ? 24  LYS A CG  1 
ATOM   180 C CD  . LYS A 1 25  ? 6.321   -9.966  11.743  1.00 41.95 ? 24  LYS A CD  1 
ATOM   181 C CE  . LYS A 1 25  ? 7.467   -10.850 11.245  1.00 45.22 ? 24  LYS A CE  1 
ATOM   182 N NZ  . LYS A 1 25  ? 8.789   -10.183 11.431  1.00 45.67 ? 24  LYS A NZ  1 
ATOM   183 N N   . GLN A 1 26  ? 0.912   -9.455  11.408  1.00 40.20 ? 25  GLN A N   1 
ATOM   184 C CA  . GLN A 1 26  ? -0.493  -9.307  11.750  1.00 34.62 ? 25  GLN A CA  1 
ATOM   185 C C   . GLN A 1 26  ? -0.663  -8.667  13.114  1.00 32.59 ? 25  GLN A C   1 
ATOM   186 O O   . GLN A 1 26  ? -0.048  -9.093  14.097  1.00 29.33 ? 25  GLN A O   1 
ATOM   187 C CB  . GLN A 1 26  ? -1.188  -10.660 11.739  1.00 43.29 ? 25  GLN A CB  1 
ATOM   188 C CG  . GLN A 1 26  ? -2.450  -10.690 10.899  1.00 50.80 ? 25  GLN A CG  1 
ATOM   189 C CD  . GLN A 1 26  ? -3.227  -11.975 11.077  1.00 56.97 ? 25  GLN A CD  1 
ATOM   190 O OE1 . GLN A 1 26  ? -3.155  -12.616 12.131  1.00 56.76 ? 25  GLN A OE1 1 
ATOM   191 N NE2 . GLN A 1 26  ? -3.976  -12.364 10.047  1.00 51.20 ? 25  GLN A NE2 1 
ATOM   192 N N   . GLY A 1 27  ? -1.496  -7.631  13.149  1.00 26.38 ? 26  GLY A N   1 
ATOM   193 C CA  . GLY A 1 27  ? -1.774  -6.894  14.361  1.00 23.16 ? 26  GLY A CA  1 
ATOM   194 C C   . GLY A 1 27  ? -0.873  -5.698  14.577  1.00 26.23 ? 26  GLY A C   1 
ATOM   195 O O   . GLY A 1 27  ? -1.253  -4.746  15.260  1.00 29.29 ? 26  GLY A O   1 
ATOM   196 N N   . ASP A 1 28  ? 0.324   -5.732  14.006  1.00 21.52 ? 27  ASP A N   1 
ATOM   197 C CA  . ASP A 1 28  ? 1.271   -4.653  14.234  1.00 23.10 ? 27  ASP A CA  1 
ATOM   198 C C   . ASP A 1 28  ? 0.689   -3.321  13.791  1.00 25.86 ? 27  ASP A C   1 
ATOM   199 O O   . ASP A 1 28  ? 0.014   -3.230  12.762  1.00 26.62 ? 27  ASP A O   1 
ATOM   200 C CB  . ASP A 1 28  ? 2.595   -4.904  13.502  1.00 28.02 ? 27  ASP A CB  1 
ATOM   201 C CG  . ASP A 1 28  ? 3.534   -5.846  14.267  1.00 36.53 ? 27  ASP A CG  1 
ATOM   202 O OD1 . ASP A 1 28  ? 3.321   -6.071  15.480  1.00 33.77 ? 27  ASP A OD1 1 
ATOM   203 O OD2 . ASP A 1 28  ? 4.501   -6.356  13.657  1.00 35.62 ? 27  ASP A OD2 1 
ATOM   204 N N   . LEU A 1 29  ? 0.941   -2.288  14.583  1.00 21.05 ? 28  LEU A N   1 
ATOM   205 C CA  . LEU A 1 29  ? 0.671   -0.937  14.155  1.00 19.47 ? 28  LEU A CA  1 
ATOM   206 C C   . LEU A 1 29  ? 1.760   -0.536  13.159  1.00 25.19 ? 28  LEU A C   1 
ATOM   207 O O   . LEU A 1 29  ? 2.945   -0.756  13.408  1.00 29.85 ? 28  LEU A O   1 
ATOM   208 C CB  . LEU A 1 29  ? 0.697   -0.005  15.355  1.00 17.00 ? 28  LEU A CB  1 
ATOM   209 C CG  . LEU A 1 29  ? 0.543   1.488   15.085  1.00 24.46 ? 28  LEU A CG  1 
ATOM   210 C CD1 . LEU A 1 29  ? -0.909  1.880   15.069  1.00 27.41 ? 28  LEU A CD1 1 
ATOM   211 C CD2 . LEU A 1 29  ? 1.287   2.298   16.121  1.00 24.94 ? 28  LEU A CD2 1 
ATOM   212 N N   . VAL A 1 30  ? 1.371   0.036   12.027  1.00 23.36 ? 29  VAL A N   1 
ATOM   213 C CA  . VAL A 1 30  ? 2.351   0.518   11.057  1.00 24.35 ? 29  VAL A CA  1 
ATOM   214 C C   . VAL A 1 30  ? 2.093   1.983   10.727  1.00 26.65 ? 29  VAL A C   1 
ATOM   215 O O   . VAL A 1 30  ? 0.946   2.410   10.610  1.00 32.18 ? 29  VAL A O   1 
ATOM   216 C CB  . VAL A 1 30  ? 2.331   -0.314  9.764   1.00 21.65 ? 29  VAL A CB  1 
ATOM   217 C CG1 . VAL A 1 30  ? 2.270   -1.787  10.103  1.00 22.84 ? 29  VAL A CG1 1 
ATOM   218 C CG2 . VAL A 1 30  ? 1.148   0.080   8.872   1.00 17.85 ? 29  VAL A CG2 1 
ATOM   219 N N   . THR A 1 31  ? 3.160   2.763   10.611  1.00 26.20 ? 30  THR A N   1 
ATOM   220 C CA  . THR A 1 31  ? 3.039   4.162   10.219  1.00 22.14 ? 30  THR A CA  1 
ATOM   221 C C   . THR A 1 31  ? 3.565   4.283   8.797   1.00 21.84 ? 30  THR A C   1 
ATOM   222 O O   . THR A 1 31  ? 4.712   3.938   8.533   1.00 21.64 ? 30  THR A O   1 
ATOM   223 C CB  . THR A 1 31  ? 3.806   5.101   11.180  1.00 16.43 ? 30  THR A CB  1 
ATOM   224 O OG1 . THR A 1 31  ? 3.347   4.891   12.516  1.00 22.67 ? 30  THR A OG1 1 
ATOM   225 C CG2 . THR A 1 31  ? 3.590   6.564   10.815  1.00 19.10 ? 30  THR A CG2 1 
ATOM   226 N N   . ILE A 1 32  ? 2.706   4.728   7.883   1.00 19.85 ? 31  ILE A N   1 
ATOM   227 C CA  . ILE A 1 32  ? 3.017   4.740   6.462   1.00 19.23 ? 31  ILE A CA  1 
ATOM   228 C C   . ILE A 1 32  ? 2.888   6.141   5.873   1.00 21.01 ? 31  ILE A C   1 
ATOM   229 O O   . ILE A 1 32  ? 1.994   6.888   6.246   1.00 22.66 ? 31  ILE A O   1 
ATOM   230 C CB  . ILE A 1 32  ? 2.056   3.815   5.686   1.00 21.96 ? 31  ILE A CB  1 
ATOM   231 C CG1 . ILE A 1 32  ? 2.631   2.415   5.555   1.00 20.15 ? 31  ILE A CG1 1 
ATOM   232 C CG2 . ILE A 1 32  ? 1.825   4.341   4.278   1.00 24.66 ? 31  ILE A CG2 1 
ATOM   233 C CD1 . ILE A 1 32  ? 2.922   1.756   6.836   1.00 26.67 ? 31  ILE A CD1 1 
ATOM   234 N N   . HIS A 1 33  ? 3.780   6.501   4.961   1.00 18.14 ? 32  HIS A N   1 
ATOM   235 C CA  . HIS A 1 33  ? 3.592   7.691   4.143   1.00 20.36 ? 32  HIS A CA  1 
ATOM   236 C C   . HIS A 1 33  ? 3.355   7.183   2.732   1.00 24.21 ? 32  HIS A C   1 
ATOM   237 O O   . HIS A 1 33  ? 4.193   6.480   2.187   1.00 19.73 ? 32  HIS A O   1 
ATOM   238 C CB  . HIS A 1 33  ? 4.814   8.621   4.197   1.00 19.01 ? 32  HIS A CB  1 
ATOM   239 C CG  . HIS A 1 33  ? 4.560   9.929   4.882   1.00 23.33 ? 32  HIS A CG  1 
ATOM   240 N ND1 . HIS A 1 33  ? 3.349   10.588  4.817   1.00 21.65 ? 32  HIS A ND1 1 
ATOM   241 C CD2 . HIS A 1 33  ? 5.362   10.708  5.652   1.00 25.07 ? 32  HIS A CD2 1 
ATOM   242 C CE1 . HIS A 1 33  ? 3.418   11.710  5.510   1.00 21.16 ? 32  HIS A CE1 1 
ATOM   243 N NE2 . HIS A 1 33  ? 4.629   11.807  6.027   1.00 23.19 ? 32  HIS A NE2 1 
ATOM   244 N N   . TYR A 1 34  ? 2.211   7.518   2.140   1.00 22.79 ? 33  TYR A N   1 
ATOM   245 C CA  . TYR A 1 34  ? 1.875   6.991   0.822   1.00 21.76 ? 33  TYR A CA  1 
ATOM   246 C C   . TYR A 1 34  ? 1.351   8.044   -0.148  1.00 22.33 ? 33  TYR A C   1 
ATOM   247 O O   . TYR A 1 34  ? 1.067   9.183   0.204   1.00 22.70 ? 33  TYR A O   1 
ATOM   248 C CB  . TYR A 1 34  ? 0.821   5.887   0.940   1.00 20.99 ? 33  TYR A CB  1 
ATOM   249 C CG  . TYR A 1 34  ? -0.506  6.426   1.394   1.00 21.08 ? 33  TYR A CG  1 
ATOM   250 C CD1 . TYR A 1 34  ? -1.503  6.742   0.482   1.00 20.43 ? 33  TYR A CD1 1 
ATOM   251 C CD2 . TYR A 1 34  ? -0.745  6.657   2.745   1.00 22.25 ? 33  TYR A CD2 1 
ATOM   252 C CE1 . TYR A 1 34  ? -2.722  7.262   0.921   1.00 24.90 ? 33  TYR A CE1 1 
ATOM   253 C CE2 . TYR A 1 34  ? -1.934  7.157   3.185   1.00 20.26 ? 33  TYR A CE2 1 
ATOM   254 C CZ  . TYR A 1 34  ? -2.919  7.461   2.281   1.00 24.26 ? 33  TYR A CZ  1 
ATOM   255 O OH  . TYR A 1 34  ? -4.090  7.973   2.770   1.00 26.45 ? 33  TYR A OH  1 
ATOM   256 N N   . THR A 1 35  ? 1.211   7.607   -1.384  1.00 24.73 ? 34  THR A N   1 
ATOM   257 C CA  . THR A 1 35  ? 0.627   8.384   -2.450  1.00 22.71 ? 34  THR A CA  1 
ATOM   258 C C   . THR A 1 35  ? -0.106  7.355   -3.299  1.00 21.19 ? 34  THR A C   1 
ATOM   259 O O   . THR A 1 35  ? 0.470   6.329   -3.680  1.00 21.98 ? 34  THR A O   1 
ATOM   260 C CB  . THR A 1 35  ? 1.728   9.116   -3.264  1.00 20.57 ? 34  THR A CB  1 
ATOM   261 O OG1 . THR A 1 35  ? 1.854   10.467  -2.806  1.00 24.59 ? 34  THR A OG1 1 
ATOM   262 C CG2 . THR A 1 35  ? 1.399   9.129   -4.734  1.00 26.06 ? 34  THR A CG2 1 
ATOM   263 N N   . GLY A 1 36  ? -1.382  7.610   -3.559  1.00 17.87 ? 35  GLY A N   1 
ATOM   264 C CA  . GLY A 1 36  ? -2.200  6.703   -4.345  1.00 19.58 ? 35  GLY A CA  1 
ATOM   265 C C   . GLY A 1 36  ? -2.574  7.293   -5.684  1.00 18.87 ? 35  GLY A C   1 
ATOM   266 O O   . GLY A 1 36  ? -2.982  8.439   -5.757  1.00 21.18 ? 35  GLY A O   1 
ATOM   267 N N   . THR A 1 37  ? -2.443  6.497   -6.740  1.00 21.38 ? 36  THR A N   1 
ATOM   268 C CA  . THR A 1 37  ? -2.667  6.961   -8.112  1.00 21.63 ? 36  THR A CA  1 
ATOM   269 C C   . THR A 1 37  ? -3.550  5.981   -8.885  1.00 19.24 ? 36  THR A C   1 
ATOM   270 O O   . THR A 1 37  ? -3.651  4.824   -8.519  1.00 23.51 ? 36  THR A O   1 
ATOM   271 C CB  . THR A 1 37  ? -1.310  7.163   -8.844  1.00 21.97 ? 36  THR A CB  1 
ATOM   272 O OG1 . THR A 1 37  ? -0.490  8.033   -8.067  1.00 25.92 ? 36  THR A OG1 1 
ATOM   273 C CG2 . THR A 1 37  ? -1.484  7.767   -10.227 1.00 21.33 ? 36  THR A CG2 1 
ATOM   274 N N   . LEU A 1 38  ? -4.208  6.451   -9.940  1.00 21.04 ? 37  LEU A N   1 
ATOM   275 C CA  . LEU A 1 38  ? -4.967  5.566   -10.822 1.00 21.35 ? 37  LEU A CA  1 
ATOM   276 C C   . LEU A 1 38  ? -4.081  5.198   -11.999 1.00 25.29 ? 37  LEU A C   1 
ATOM   277 O O   . LEU A 1 38  ? -3.050  5.831   -12.223 1.00 27.42 ? 37  LEU A O   1 
ATOM   278 C CB  . LEU A 1 38  ? -6.248  6.240   -11.312 1.00 23.67 ? 37  LEU A CB  1 
ATOM   279 C CG  . LEU A 1 38  ? -7.255  6.704   -10.252 1.00 26.59 ? 37  LEU A CG  1 
ATOM   280 C CD1 . LEU A 1 38  ? -8.281  7.650   -10.872 1.00 21.26 ? 37  LEU A CD1 1 
ATOM   281 C CD2 . LEU A 1 38  ? -7.930  5.529   -9.575  1.00 20.15 ? 37  LEU A CD2 1 
ATOM   282 N N   . GLU A 1 39  ? -4.467  4.179   -12.753 1.00 27.91 ? 38  GLU A N   1 
ATOM   283 C CA  . GLU A 1 39  ? -3.626  3.722   -13.852 1.00 24.57 ? 38  GLU A CA  1 
ATOM   284 C C   . GLU A 1 39  ? -3.361  4.830   -14.847 1.00 24.39 ? 38  GLU A C   1 
ATOM   285 O O   . GLU A 1 39  ? -2.394  4.777   -15.598 1.00 33.01 ? 38  GLU A O   1 
ATOM   286 C CB  . GLU A 1 39  ? -4.240  2.508   -14.559 1.00 26.94 ? 38  GLU A CB  1 
ATOM   287 C CG  . GLU A 1 39  ? -3.893  1.149   -13.926 1.00 27.60 ? 38  GLU A CG  1 
ATOM   288 C CD  . GLU A 1 39  ? -2.469  0.687   -14.253 1.00 46.52 ? 38  GLU A CD  1 
ATOM   289 O OE1 . GLU A 1 39  ? -1.615  1.551   -14.571 1.00 40.15 ? 38  GLU A OE1 1 
ATOM   290 O OE2 . GLU A 1 39  ? -2.200  -0.538  -14.191 1.00 47.90 ? 38  GLU A OE2 1 
ATOM   291 N N   . ASN A 1 40  ? -4.210  5.845   -14.848 1.00 24.23 ? 39  ASN A N   1 
ATOM   292 C CA  . ASN A 1 40  ? -4.100  6.897   -15.847 1.00 25.84 ? 39  ASN A CA  1 
ATOM   293 C C   . ASN A 1 40  ? -3.284  8.097   -15.391 1.00 30.78 ? 39  ASN A C   1 
ATOM   294 O O   . ASN A 1 40  ? -3.282  9.144   -16.045 1.00 30.91 ? 39  ASN A O   1 
ATOM   295 C CB  . ASN A 1 40  ? -5.481  7.342   -16.320 1.00 26.14 ? 39  ASN A CB  1 
ATOM   296 C CG  . ASN A 1 40  ? -6.212  8.178   -15.292 1.00 33.93 ? 39  ASN A CG  1 
ATOM   297 O OD1 . ASN A 1 40  ? -5.980  8.045   -14.090 1.00 35.24 ? 39  ASN A OD1 1 
ATOM   298 N ND2 . ASN A 1 40  ? -7.106  9.049   -15.761 1.00 24.74 ? 39  ASN A ND2 1 
ATOM   299 N N   . GLY A 1 41  ? -2.591  7.936   -14.269 1.00 29.62 ? 40  GLY A N   1 
ATOM   300 C CA  . GLY A 1 41  ? -1.724  8.976   -13.757 1.00 27.90 ? 40  GLY A CA  1 
ATOM   301 C C   . GLY A 1 41  ? -2.390  9.829   -12.706 1.00 28.63 ? 40  GLY A C   1 
ATOM   302 O O   . GLY A 1 41  ? -1.720  10.486  -11.907 1.00 29.00 ? 40  GLY A O   1 
ATOM   303 N N   . GLN A 1 42  ? -3.718  9.820   -12.704 1.00 31.06 ? 41  GLN A N   1 
ATOM   304 C CA  . GLN A 1 42  ? -4.488  10.659  -11.792 1.00 31.42 ? 41  GLN A CA  1 
ATOM   305 C C   . GLN A 1 42  ? -4.208  10.301  -10.334 1.00 25.58 ? 41  GLN A C   1 
ATOM   306 O O   . GLN A 1 42  ? -4.398  9.163   -9.925  1.00 23.48 ? 41  GLN A O   1 
ATOM   307 C CB  . GLN A 1 42  ? -5.987  10.552  -12.118 1.00 33.92 ? 41  GLN A CB  1 
ATOM   308 C CG  . GLN A 1 42  ? -6.885  11.512  -11.361 1.00 37.16 ? 41  GLN A CG  1 
ATOM   309 C CD  . GLN A 1 42  ? -6.616  12.963  -11.719 1.00 55.79 ? 41  GLN A CD  1 
ATOM   310 O OE1 . GLN A 1 42  ? -6.204  13.766  -10.868 1.00 48.89 ? 41  GLN A OE1 1 
ATOM   311 N NE2 . GLN A 1 42  ? -6.850  13.310  -12.984 1.00 51.88 ? 41  GLN A NE2 1 
ATOM   312 N N   . LYS A 1 43  ? -3.729  11.278  -9.566  1.00 32.28 ? 42  LYS A N   1 
ATOM   313 C CA  . LYS A 1 43  ? -3.492  11.133  -8.128  1.00 28.62 ? 42  LYS A CA  1 
ATOM   314 C C   . LYS A 1 43  ? -4.815  11.221  -7.395  1.00 25.28 ? 42  LYS A C   1 
ATOM   315 O O   . LYS A 1 43  ? -5.683  11.999  -7.780  1.00 27.61 ? 42  LYS A O   1 
ATOM   316 C CB  . LYS A 1 43  ? -2.549  12.231  -7.622  1.00 29.32 ? 42  LYS A CB  1 
ATOM   317 C CG  . LYS A 1 43  ? -2.389  12.279  -6.109  1.00 31.31 ? 42  LYS A CG  1 
ATOM   318 C CD  . LYS A 1 43  ? -0.963  12.657  -5.731  1.00 43.00 ? 42  LYS A CD  1 
ATOM   319 C CE  . LYS A 1 43  ? -0.881  14.059  -5.132  1.00 44.84 ? 42  LYS A CE  1 
ATOM   320 N NZ  . LYS A 1 43  ? -1.751  15.050  -5.837  1.00 48.97 ? 42  LYS A NZ  1 
ATOM   321 N N   . PHE A 1 44  ? -4.975  10.428  -6.342  1.00 24.31 ? 43  PHE A N   1 
ATOM   322 C CA  . PHE A 1 44  ? -6.275  10.326  -5.681  1.00 26.46 ? 43  PHE A CA  1 
ATOM   323 C C   . PHE A 1 44  ? -6.233  10.351  -4.154  1.00 29.11 ? 43  PHE A C   1 
ATOM   324 O O   . PHE A 1 44  ? -7.270  10.250  -3.499  1.00 27.70 ? 43  PHE A O   1 
ATOM   325 C CB  . PHE A 1 44  ? -7.056  9.102   -6.194  1.00 22.14 ? 43  PHE A CB  1 
ATOM   326 C CG  . PHE A 1 44  ? -6.548  7.771   -5.701  1.00 16.77 ? 43  PHE A CG  1 
ATOM   327 C CD1 . PHE A 1 44  ? -6.783  7.362   -4.405  1.00 14.64 ? 43  PHE A CD1 1 
ATOM   328 C CD2 . PHE A 1 44  ? -5.908  6.896   -6.566  1.00 21.27 ? 43  PHE A CD2 1 
ATOM   329 C CE1 . PHE A 1 44  ? -6.344  6.129   -3.954  1.00 19.03 ? 43  PHE A CE1 1 
ATOM   330 C CE2 . PHE A 1 44  ? -5.466  5.645   -6.129  1.00 16.34 ? 43  PHE A CE2 1 
ATOM   331 C CZ  . PHE A 1 44  ? -5.689  5.260   -4.817  1.00 16.05 ? 43  PHE A CZ  1 
ATOM   332 N N   . ASP A 1 45  ? -5.031  10.497  -3.605  1.00 24.73 ? 44  ASP A N   1 
ATOM   333 C CA  . ASP A 1 45  ? -4.805  10.441  -2.171  1.00 23.68 ? 44  ASP A CA  1 
ATOM   334 C C   . ASP A 1 45  ? -3.301  10.467  -1.946  1.00 24.28 ? 44  ASP A C   1 
ATOM   335 O O   . ASP A 1 45  ? -2.553  9.888   -2.720  1.00 25.31 ? 44  ASP A O   1 
ATOM   336 C CB  . ASP A 1 45  ? -5.406  9.180   -1.563  1.00 23.88 ? 44  ASP A CB  1 
ATOM   337 C CG  . ASP A 1 45  ? -5.377  9.194   -0.043  1.00 29.11 ? 44  ASP A CG  1 
ATOM   338 O OD1 . ASP A 1 45  ? -5.299  10.293  0.550   1.00 26.63 ? 44  ASP A OD1 1 
ATOM   339 O OD2 . ASP A 1 45  ? -5.441  8.103   0.556   1.00 26.31 ? 44  ASP A OD2 1 
ATOM   340 N N   . SER A 1 46  ? -2.861  11.159  -0.902  1.00 21.02 ? 45  SER A N   1 
ATOM   341 C CA  . SER A 1 46  ? -1.440  11.349  -0.658  1.00 20.64 ? 45  SER A CA  1 
ATOM   342 C C   . SER A 1 46  ? -1.238  11.845  0.760   1.00 26.53 ? 45  SER A C   1 
ATOM   343 O O   . SER A 1 46  ? -1.665  12.950  1.078   1.00 30.27 ? 45  SER A O   1 
ATOM   344 C CB  . SER A 1 46  ? -0.858  12.344  -1.660  1.00 19.73 ? 45  SER A CB  1 
ATOM   345 O OG  . SER A 1 46  ? 0.494   12.654  -1.372  1.00 24.14 ? 45  SER A OG  1 
ATOM   346 N N   . SER A 1 47  ? -0.618  11.029  1.619   1.00 21.93 ? 46  SER A N   1 
ATOM   347 C CA  . SER A 1 47  ? -0.412  11.434  2.998   1.00 19.53 ? 46  SER A CA  1 
ATOM   348 C C   . SER A 1 47  ? 0.729   12.420  3.023   1.00 19.66 ? 46  SER A C   1 
ATOM   349 O O   . SER A 1 47  ? 0.839   13.246  3.926   1.00 24.68 ? 46  SER A O   1 
ATOM   350 C CB  . SER A 1 47  ? -0.127  10.241  3.907   1.00 19.49 ? 46  SER A CB  1 
ATOM   351 O OG  . SER A 1 47  ? 1.158   9.721   3.657   1.00 20.67 ? 46  SER A OG  1 
ATOM   352 N N   . VAL A 1 48  ? 1.563   12.355  1.996   1.00 23.40 ? 47  VAL A N   1 
ATOM   353 C CA  . VAL A 1 48  ? 2.676   13.295  1.848   1.00 27.49 ? 47  VAL A CA  1 
ATOM   354 C C   . VAL A 1 48  ? 2.201   14.742  1.643   1.00 31.67 ? 47  VAL A C   1 
ATOM   355 O O   . VAL A 1 48  ? 2.799   15.675  2.189   1.00 30.11 ? 47  VAL A O   1 
ATOM   356 C CB  . VAL A 1 48  ? 3.604   12.894  0.685   1.00 26.86 ? 47  VAL A CB  1 
ATOM   357 C CG1 . VAL A 1 48  ? 4.844   13.752  0.692   1.00 28.89 ? 47  VAL A CG1 1 
ATOM   358 C CG2 . VAL A 1 48  ? 3.979   11.431  0.794   1.00 25.80 ? 47  VAL A CG2 1 
ATOM   359 N N   . ASP A 1 49  ? 1.133   14.927  0.865   1.00 25.77 ? 48  ASP A N   1 
ATOM   360 C CA  . ASP A 1 49  ? 0.631   16.265  0.588   1.00 30.18 ? 48  ASP A CA  1 
ATOM   361 C C   . ASP A 1 49  ? -0.026  16.856  1.821   1.00 38.87 ? 48  ASP A C   1 
ATOM   362 O O   . ASP A 1 49  ? -0.253  18.064  1.899   1.00 41.49 ? 48  ASP A O   1 
ATOM   363 C CB  . ASP A 1 49  ? -0.368  16.257  -0.564  1.00 28.66 ? 48  ASP A CB  1 
ATOM   364 C CG  . ASP A 1 49  ? 0.282   15.977  -1.904  1.00 41.75 ? 48  ASP A CG  1 
ATOM   365 O OD1 . ASP A 1 49  ? 1.527   16.133  -2.050  1.00 36.56 ? 48  ASP A OD1 1 
ATOM   366 O OD2 . ASP A 1 49  ? -0.475  15.607  -2.826  1.00 42.24 ? 48  ASP A OD2 1 
ATOM   367 N N   . ARG A 1 50  ? -0.321  15.996  2.787   1.00 35.27 ? 49  ARG A N   1 
ATOM   368 C CA  . ARG A 1 50  ? -1.046  16.396  3.986   1.00 33.86 ? 49  ARG A CA  1 
ATOM   369 C C   . ARG A 1 50  ? -0.111  16.714  5.138   1.00 32.37 ? 49  ARG A C   1 
ATOM   370 O O   . ARG A 1 50  ? -0.520  17.285  6.144   1.00 35.24 ? 49  ARG A O   1 
ATOM   371 C CB  . ARG A 1 50  ? -1.993  15.281  4.401   1.00 33.10 ? 49  ARG A CB  1 
ATOM   372 C CG  . ARG A 1 50  ? -3.446  15.597  4.194   1.00 27.09 ? 49  ARG A CG  1 
ATOM   373 C CD  . ARG A 1 50  ? -4.220  14.330  3.903   1.00 31.95 ? 49  ARG A CD  1 
ATOM   374 N NE  . ARG A 1 50  ? -3.730  13.188  4.672   1.00 25.64 ? 49  ARG A NE  1 
ATOM   375 C CZ  . ARG A 1 50  ? -3.856  11.928  4.274   1.00 24.42 ? 49  ARG A CZ  1 
ATOM   376 N NH1 . ARG A 1 50  ? -4.444  11.654  3.124   1.00 25.66 ? 49  ARG A NH1 1 
ATOM   377 N NH2 . ARG A 1 50  ? -3.395  10.939  5.009   1.00 28.28 ? 49  ARG A NH2 1 
ATOM   378 N N   . GLY A 1 51  ? 1.142   16.312  4.995   1.00 31.58 ? 50  GLY A N   1 
ATOM   379 C CA  . GLY A 1 51  ? 2.153   16.654  5.971   1.00 28.89 ? 50  GLY A CA  1 
ATOM   380 C C   . GLY A 1 51  ? 2.138   15.804  7.217   1.00 30.56 ? 50  GLY A C   1 
ATOM   381 O O   . GLY A 1 51  ? 2.918   16.040  8.136   1.00 35.40 ? 50  GLY A O   1 
ATOM   382 N N   . SER A 1 52  ? 1.244   14.823  7.261   1.00 30.92 ? 51  SER A N   1 
ATOM   383 C CA  . SER A 1 52  ? 1.219   13.890  8.381   1.00 29.34 ? 51  SER A CA  1 
ATOM   384 C C   . SER A 1 52  ? 0.909   12.482  7.902   1.00 22.33 ? 51  SER A C   1 
ATOM   385 O O   . SER A 1 52  ? 0.070   12.283  7.036   1.00 26.54 ? 51  SER A O   1 
ATOM   386 C CB  . SER A 1 52  ? 0.253   14.343  9.497   1.00 33.62 ? 51  SER A CB  1 
ATOM   387 O OG  . SER A 1 52  ? -1.098  14.328  9.078   1.00 34.32 ? 51  SER A OG  1 
ATOM   388 N N   . PRO A 1 53  ? 1.603   11.502  8.469   1.00 19.40 ? 52  PRO A N   1 
ATOM   389 C CA  . PRO A 1 53  ? 1.548   10.109  8.030   1.00 19.77 ? 52  PRO A CA  1 
ATOM   390 C C   . PRO A 1 53  ? 0.240   9.428   8.371   1.00 20.99 ? 52  PRO A C   1 
ATOM   391 O O   . PRO A 1 53  ? -0.573  9.918   9.157   1.00 19.88 ? 52  PRO A O   1 
ATOM   392 C CB  . PRO A 1 53  ? 2.674   9.441   8.820   1.00 21.11 ? 52  PRO A CB  1 
ATOM   393 C CG  . PRO A 1 53  ? 3.486   10.565  9.386   1.00 28.47 ? 52  PRO A CG  1 
ATOM   394 C CD  . PRO A 1 53  ? 2.577   11.714  9.547   1.00 21.47 ? 52  PRO A CD  1 
ATOM   395 N N   . PHE A 1 54  ? 0.057   8.260   7.781   1.00 20.89 ? 53  PHE A N   1 
ATOM   396 C CA  . PHE A 1 54  ? -1.094  7.435   8.071   1.00 23.46 ? 53  PHE A CA  1 
ATOM   397 C C   . PHE A 1 54  ? -0.688  6.296   9.002   1.00 26.47 ? 53  PHE A C   1 
ATOM   398 O O   . PHE A 1 54  ? 0.366   5.674   8.822   1.00 25.19 ? 53  PHE A O   1 
ATOM   399 C CB  . PHE A 1 54  ? -1.676  6.890   6.769   1.00 22.64 ? 53  PHE A CB  1 
ATOM   400 C CG  . PHE A 1 54  ? -2.925  6.090   6.957   1.00 23.96 ? 53  PHE A CG  1 
ATOM   401 C CD1 . PHE A 1 54  ? -4.069  6.681   7.468   1.00 24.66 ? 53  PHE A CD1 1 
ATOM   402 C CD2 . PHE A 1 54  ? -2.961  4.747   6.617   1.00 25.34 ? 53  PHE A CD2 1 
ATOM   403 C CE1 . PHE A 1 54  ? -5.230  5.947   7.650   1.00 22.57 ? 53  PHE A CE1 1 
ATOM   404 C CE2 . PHE A 1 54  ? -4.125  4.006   6.795   1.00 27.34 ? 53  PHE A CE2 1 
ATOM   405 C CZ  . PHE A 1 54  ? -5.262  4.616   7.312   1.00 21.28 ? 53  PHE A CZ  1 
ATOM   406 N N   . GLN A 1 55  ? -1.516  6.041   10.009  1.00 26.51 ? 54  GLN A N   1 
ATOM   407 C CA  . GLN A 1 55  ? -1.297  4.924   10.925  1.00 26.15 ? 54  GLN A CA  1 
ATOM   408 C C   . GLN A 1 55  ? -2.403  3.910   10.761  1.00 25.13 ? 54  GLN A C   1 
ATOM   409 O O   . GLN A 1 55  ? -3.543  4.266   10.503  1.00 27.38 ? 54  GLN A O   1 
ATOM   410 C CB  . GLN A 1 55  ? -1.310  5.388   12.376  1.00 27.71 ? 54  GLN A CB  1 
ATOM   411 C CG  . GLN A 1 55  ? -0.110  6.170   12.819  1.00 30.52 ? 54  GLN A CG  1 
ATOM   412 C CD  . GLN A 1 55  ? 0.008   6.164   14.318  1.00 36.89 ? 54  GLN A CD  1 
ATOM   413 O OE1 . GLN A 1 55  ? 1.107   6.186   14.864  1.00 41.80 ? 54  GLN A OE1 1 
ATOM   414 N NE2 . GLN A 1 55  ? -1.132  6.107   15.001  1.00 39.13 ? 54  GLN A NE2 1 
ATOM   415 N N   . CYS A 1 56  ? -2.068  2.643   10.933  1.00 29.94 ? 55  CYS A N   1 
ATOM   416 C CA  . CYS A 1 56  ? -3.081  1.603   10.914  1.00 28.94 ? 55  CYS A CA  1 
ATOM   417 C C   . CYS A 1 56  ? -2.540  0.308   11.478  1.00 27.53 ? 55  CYS A C   1 
ATOM   418 O O   . CYS A 1 56  ? -1.335  0.102   11.535  1.00 26.80 ? 55  CYS A O   1 
ATOM   419 C CB  . CYS A 1 56  ? -3.617  1.390   9.494   1.00 29.01 ? 55  CYS A CB  1 
ATOM   420 S SG  . CYS A 1 56  ? -2.466  0.642   8.316   1.00 34.50 ? 55  CYS A SG  1 
ATOM   421 N N   . ASN A 1 57  ? -3.451  -0.548  11.914  1.00 30.02 ? 56  ASN A N   1 
ATOM   422 C CA  . ASN A 1 57  ? -3.116  -1.914  12.260  1.00 28.22 ? 56  ASN A CA  1 
ATOM   423 C C   . ASN A 1 57  ? -3.232  -2.783  11.012  1.00 30.98 ? 56  ASN A C   1 
ATOM   424 O O   . ASN A 1 57  ? -4.160  -2.632  10.220  1.00 26.68 ? 56  ASN A O   1 
ATOM   425 C CB  . ASN A 1 57  ? -4.029  -2.429  13.365  1.00 30.71 ? 56  ASN A CB  1 
ATOM   426 C CG  . ASN A 1 57  ? -3.852  -1.671  14.662  1.00 37.68 ? 56  ASN A CG  1 
ATOM   427 O OD1 . ASN A 1 57  ? -4.648  -0.782  14.979  1.00 39.14 ? 56  ASN A OD1 1 
ATOM   428 N ND2 . ASN A 1 57  ? -2.806  -2.016  15.423  1.00 25.57 ? 56  ASN A ND2 1 
ATOM   429 N N   . ILE A 1 58  ? -2.286  -3.697  10.833  1.00 29.32 ? 57  ILE A N   1 
ATOM   430 C CA  . ILE A 1 58  ? -2.168  -4.395  9.561   1.00 32.80 ? 57  ILE A CA  1 
ATOM   431 C C   . ILE A 1 58  ? -2.603  -5.865  9.647   1.00 31.60 ? 57  ILE A C   1 
ATOM   432 O O   . ILE A 1 58  ? -2.330  -6.539  10.629  1.00 32.61 ? 57  ILE A O   1 
ATOM   433 C CB  . ILE A 1 58  ? -0.733  -4.250  8.989   1.00 27.44 ? 57  ILE A CB  1 
ATOM   434 C CG1 . ILE A 1 58  ? -0.681  -4.652  7.508   1.00 30.19 ? 57  ILE A CG1 1 
ATOM   435 C CG2 . ILE A 1 58  ? 0.246   -5.027  9.831   1.00 26.31 ? 57  ILE A CG2 1 
ATOM   436 C CD1 . ILE A 1 58  ? -1.353  -3.660  6.566   1.00 24.68 ? 57  ILE A CD1 1 
ATOM   437 N N   . GLY A 1 59  ? -3.294  -6.341  8.615   1.00 32.15 ? 58  GLY A N   1 
ATOM   438 C CA  . GLY A 1 59  ? -3.769  -7.714  8.559   1.00 31.57 ? 58  GLY A CA  1 
ATOM   439 C C   . GLY A 1 59  ? -4.982  -7.966  9.434   1.00 31.79 ? 58  GLY A C   1 
ATOM   440 O O   . GLY A 1 59  ? -5.168  -9.066  9.941   1.00 35.99 ? 58  GLY A O   1 
ATOM   441 N N   . VAL A 1 60  ? -5.804  -6.941  9.623   1.00 34.49 ? 59  VAL A N   1 
ATOM   442 C CA  . VAL A 1 60  ? -7.014  -7.066  10.434  1.00 37.83 ? 59  VAL A CA  1 
ATOM   443 C C   . VAL A 1 60  ? -8.232  -6.504  9.702   1.00 35.87 ? 59  VAL A C   1 
ATOM   444 O O   . VAL A 1 60  ? -9.303  -6.362  10.287  1.00 42.24 ? 59  VAL A O   1 
ATOM   445 C CB  . VAL A 1 60  ? -6.856  -6.370  11.813  1.00 32.61 ? 59  VAL A CB  1 
ATOM   446 C CG1 . VAL A 1 60  ? -5.460  -6.590  12.339  1.00 35.47 ? 59  VAL A CG1 1 
ATOM   447 C CG2 . VAL A 1 60  ? -7.129  -4.885  11.713  1.00 30.10 ? 59  VAL A CG2 1 
ATOM   448 N N   . GLY A 1 61  ? -8.048  -6.175  8.427   1.00 31.44 ? 60  GLY A N   1 
ATOM   449 C CA  . GLY A 1 61  ? -9.124  -5.694  7.581   1.00 27.78 ? 60  GLY A CA  1 
ATOM   450 C C   . GLY A 1 61  ? -9.458  -4.222  7.737   1.00 31.07 ? 60  GLY A C   1 
ATOM   451 O O   . GLY A 1 61  ? -10.570 -3.812  7.412   1.00 35.36 ? 60  GLY A O   1 
ATOM   452 N N   . GLN A 1 62  ? -8.505  -3.429  8.223   1.00 29.76 ? 61  GLN A N   1 
ATOM   453 C CA  . GLN A 1 62  ? -8.731  -1.999  8.470   1.00 28.86 ? 61  GLN A CA  1 
ATOM   454 C C   . GLN A 1 62  ? -8.275  -1.156  7.305   1.00 32.85 ? 61  GLN A C   1 
ATOM   455 O O   . GLN A 1 62  ? -8.403  0.067   7.339   1.00 28.07 ? 61  GLN A O   1 
ATOM   456 C CB  . GLN A 1 62  ? -7.967  -1.513  9.700   1.00 32.03 ? 61  GLN A CB  1 
ATOM   457 C CG  . GLN A 1 62  ? -8.557  -1.907  11.023  1.00 41.87 ? 61  GLN A CG  1 
ATOM   458 C CD  . GLN A 1 62  ? -7.783  -1.318  12.181  1.00 46.52 ? 61  GLN A CD  1 
ATOM   459 O OE1 . GLN A 1 62  ? -8.061  -1.627  13.336  1.00 49.50 ? 61  GLN A OE1 1 
ATOM   460 N NE2 . GLN A 1 62  ? -6.804  -0.463  11.878  1.00 36.28 ? 61  GLN A NE2 1 
ATOM   461 N N   . VAL A 1 63  ? -7.688  -1.803  6.300   1.00 34.19 ? 62  VAL A N   1 
ATOM   462 C CA  . VAL A 1 63  ? -7.252  -1.113  5.083   1.00 29.80 ? 62  VAL A CA  1 
ATOM   463 C C   . VAL A 1 63  ? -7.524  -2.056  3.932   1.00 24.62 ? 62  VAL A C   1 
ATOM   464 O O   . VAL A 1 63  ? -7.917  -3.192  4.176   1.00 24.57 ? 62  VAL A O   1 
ATOM   465 C CB  . VAL A 1 63  ? -5.760  -0.720  5.130   1.00 21.09 ? 62  VAL A CB  1 
ATOM   466 C CG1 . VAL A 1 63  ? -5.569  0.523   5.958   1.00 13.44 ? 62  VAL A CG1 1 
ATOM   467 C CG2 . VAL A 1 63  ? -4.920  -1.875  5.640   1.00 19.21 ? 62  VAL A CG2 1 
ATOM   468 N N   . ILE A 1 64  ? -7.342  -1.605  2.691   1.00 21.77 ? 63  ILE A N   1 
ATOM   469 C CA  . ILE A 1 64  ? -7.588  -2.487  1.546   1.00 22.05 ? 63  ILE A CA  1 
ATOM   470 C C   . ILE A 1 64  ? -6.821  -3.787  1.694   1.00 23.44 ? 63  ILE A C   1 
ATOM   471 O O   . ILE A 1 64  ? -5.792  -3.831  2.359   1.00 22.92 ? 63  ILE A O   1 
ATOM   472 C CB  . ILE A 1 64  ? -7.271  -1.831  0.182   1.00 18.71 ? 63  ILE A CB  1 
ATOM   473 C CG1 . ILE A 1 64  ? -5.870  -1.245  0.155   1.00 18.46 ? 63  ILE A CG1 1 
ATOM   474 C CG2 . ILE A 1 64  ? -8.265  -0.723  -0.122  1.00 30.88 ? 63  ILE A CG2 1 
ATOM   475 C CD1 . ILE A 1 64  ? -5.589  -0.505  -1.125  1.00 17.58 ? 63  ILE A CD1 1 
ATOM   476 N N   . LYS A 1 65  ? -7.333  -4.843  1.080   1.00 23.51 ? 64  LYS A N   1 
ATOM   477 C CA  . LYS A 1 65  ? -6.686  -6.146  1.153   1.00 25.89 ? 64  LYS A CA  1 
ATOM   478 C C   . LYS A 1 65  ? -5.243  -6.086  0.641   1.00 24.63 ? 64  LYS A C   1 
ATOM   479 O O   . LYS A 1 65  ? -4.356  -6.751  1.177   1.00 20.58 ? 64  LYS A O   1 
ATOM   480 C CB  . LYS A 1 65  ? -7.490  -7.187  0.370   1.00 26.10 ? 64  LYS A CB  1 
ATOM   481 C CG  . LYS A 1 65  ? -7.845  -8.423  1.170   1.00 29.76 ? 64  LYS A CG  1 
ATOM   482 C CD  . LYS A 1 65  ? -8.782  -9.332  0.396   1.00 29.72 ? 64  LYS A CD  1 
ATOM   483 C CE  . LYS A 1 65  ? -10.168 -8.697  0.199   0.00 30.23 ? 64  LYS A CE  1 
ATOM   484 N NZ  . LYS A 1 65  ? -10.227 -7.581  -0.805  1.00 35.64 ? 64  LYS A NZ  1 
ATOM   485 N N   . GLY A 1 66  ? -5.027  -5.278  -0.395  1.00 22.83 ? 65  GLY A N   1 
ATOM   486 C CA  . GLY A 1 66  ? -3.724  -5.116  -1.010  1.00 22.72 ? 65  GLY A CA  1 
ATOM   487 C C   . GLY A 1 66  ? -2.662  -4.624  -0.041  1.00 26.11 ? 65  GLY A C   1 
ATOM   488 O O   . GLY A 1 66  ? -1.485  -4.938  -0.196  1.00 25.77 ? 65  GLY A O   1 
ATOM   489 N N   . TRP A 1 67  ? -3.074  -3.847  0.955   1.00 23.00 ? 66  TRP A N   1 
ATOM   490 C CA  . TRP A 1 67  ? -2.163  -3.406  2.000   1.00 20.46 ? 66  TRP A CA  1 
ATOM   491 C C   . TRP A 1 67  ? -1.955  -4.457  3.076   1.00 21.15 ? 66  TRP A C   1 
ATOM   492 O O   . TRP A 1 67  ? -0.869  -4.573  3.610   1.00 25.20 ? 66  TRP A O   1 
ATOM   493 C CB  . TRP A 1 67  ? -2.670  -2.133  2.661   1.00 24.63 ? 66  TRP A CB  1 
ATOM   494 C CG  . TRP A 1 67  ? -2.449  -0.915  1.868   1.00 23.33 ? 66  TRP A CG  1 
ATOM   495 C CD1 . TRP A 1 67  ? -2.415  -0.800  0.505   1.00 23.72 ? 66  TRP A CD1 1 
ATOM   496 C CD2 . TRP A 1 67  ? -2.207  0.386   2.387   1.00 23.58 ? 66  TRP A CD2 1 
ATOM   497 N NE1 . TRP A 1 67  ? -2.173  0.506   0.147   1.00 15.61 ? 66  TRP A NE1 1 
ATOM   498 C CE2 . TRP A 1 67  ? -2.042  1.254   1.288   1.00 21.66 ? 66  TRP A CE2 1 
ATOM   499 C CE3 . TRP A 1 67  ? -2.115  0.908   3.680   1.00 24.73 ? 66  TRP A CE3 1 
ATOM   500 C CZ2 . TRP A 1 67  ? -1.798  2.612   1.444   1.00 23.94 ? 66  TRP A CZ2 1 
ATOM   501 C CZ3 . TRP A 1 67  ? -1.861  2.255   3.830   1.00 34.04 ? 66  TRP A CZ3 1 
ATOM   502 C CH2 . TRP A 1 67  ? -1.708  3.092   2.718   1.00 26.88 ? 66  TRP A CH2 1 
ATOM   503 N N   . ASP A 1 68  ? -2.994  -5.198  3.436   1.00 22.68 ? 67  ASP A N   1 
ATOM   504 C CA  . ASP A 1 68  ? -2.801  -6.272  4.402   1.00 23.21 ? 67  ASP A CA  1 
ATOM   505 C C   . ASP A 1 68  ? -1.831  -7.300  3.827   1.00 24.96 ? 67  ASP A C   1 
ATOM   506 O O   . ASP A 1 68  ? -0.985  -7.827  4.534   1.00 29.22 ? 67  ASP A O   1 
ATOM   507 C CB  . ASP A 1 68  ? -4.121  -6.928  4.788   1.00 21.45 ? 67  ASP A CB  1 
ATOM   508 C CG  . ASP A 1 68  ? -4.957  -6.065  5.722   1.00 25.55 ? 67  ASP A CG  1 
ATOM   509 O OD1 . ASP A 1 68  ? -4.420  -5.059  6.238   1.00 22.15 ? 67  ASP A OD1 1 
ATOM   510 O OD2 . ASP A 1 68  ? -6.147  -6.403  5.939   1.00 23.84 ? 67  ASP A OD2 1 
ATOM   511 N N   . ALA A 1 69  ? -1.944  -7.568  2.532   1.00 23.64 ? 68  ALA A N   1 
ATOM   512 C CA  . ALA A 1 69  ? -1.053  -8.495  1.862   1.00 21.83 ? 68  ALA A CA  1 
ATOM   513 C C   . ALA A 1 69  ? 0.324   -7.885  1.617   1.00 22.66 ? 68  ALA A C   1 
ATOM   514 O O   . ALA A 1 69  ? 1.340   -8.541  1.788   1.00 20.89 ? 68  ALA A O   1 
ATOM   515 C CB  . ALA A 1 69  ? -1.662  -8.940  0.541   1.00 22.72 ? 68  ALA A CB  1 
ATOM   516 N N   . GLY A 1 70  ? 0.343   -6.619  1.211   1.00 24.70 ? 69  GLY A N   1 
ATOM   517 C CA  . GLY A 1 70  ? 1.553   -5.973  0.730   1.00 16.67 ? 69  GLY A CA  1 
ATOM   518 C C   . GLY A 1 70  ? 2.454   -5.365  1.780   1.00 19.78 ? 69  GLY A C   1 
ATOM   519 O O   . GLY A 1 70  ? 3.654   -5.641  1.788   1.00 25.59 ? 69  GLY A O   1 
ATOM   520 N N   . ILE A 1 71  ? 1.898   -4.532  2.659   1.00 19.89 ? 70  ILE A N   1 
ATOM   521 C CA  . ILE A 1 71  ? 2.695   -3.879  3.712   1.00 20.06 ? 70  ILE A CA  1 
ATOM   522 C C   . ILE A 1 71  ? 3.639   -4.798  4.505   1.00 16.41 ? 70  ILE A C   1 
ATOM   523 O O   . ILE A 1 71  ? 4.781   -4.428  4.745   1.00 18.15 ? 70  ILE A O   1 
ATOM   524 C CB  . ILE A 1 71  ? 1.828   -3.047  4.693   1.00 19.89 ? 70  ILE A CB  1 
ATOM   525 C CG1 . ILE A 1 71  ? 1.204   -1.857  3.970   1.00 18.94 ? 70  ILE A CG1 1 
ATOM   526 C CG2 . ILE A 1 71  ? 2.673   -2.536  5.865   1.00 17.87 ? 70  ILE A CG2 1 
ATOM   527 C CD1 . ILE A 1 71  ? 2.236   -0.958  3.365   1.00 25.64 ? 70  ILE A CD1 1 
ATOM   528 N N   . PRO A 1 72  ? 3.171   -5.993  4.914   1.00 17.22 ? 71  PRO A N   1 
ATOM   529 C CA  . PRO A 1 72  ? 4.001   -6.888  5.736   1.00 20.90 ? 71  PRO A CA  1 
ATOM   530 C C   . PRO A 1 72  ? 5.226   -7.462  5.009   1.00 22.17 ? 71  PRO A C   1 
ATOM   531 O O   . PRO A 1 72  ? 6.067   -8.095  5.641   1.00 24.06 ? 71  PRO A O   1 
ATOM   532 C CB  . PRO A 1 72  ? 3.041   -8.029  6.088   1.00 18.75 ? 71  PRO A CB  1 
ATOM   533 C CG  . PRO A 1 72  ? 1.698   -7.486  5.861   1.00 17.63 ? 71  PRO A CG  1 
ATOM   534 C CD  . PRO A 1 72  ? 1.828   -6.556  4.718   1.00 18.50 ? 71  PRO A CD  1 
ATOM   535 N N   . LYS A 1 73  ? 5.331   -7.260  3.703   1.00 22.53 ? 72  LYS A N   1 
ATOM   536 C CA  . LYS A 1 73  ? 6.507   -7.744  2.994   1.00 23.70 ? 72  LYS A CA  1 
ATOM   537 C C   . LYS A 1 73  ? 7.583   -6.666  2.869   1.00 25.50 ? 72  LYS A C   1 
ATOM   538 O O   . LYS A 1 73  ? 8.644   -6.898  2.261   1.00 24.86 ? 72  LYS A O   1 
ATOM   539 C CB  . LYS A 1 73  ? 6.129   -8.368  1.649   1.00 21.18 ? 72  LYS A CB  1 
ATOM   540 C CG  . LYS A 1 73  ? 5.250   -9.591  1.824   1.00 22.78 ? 72  LYS A CG  1 
ATOM   541 C CD  . LYS A 1 73  ? 5.471   -10.613 0.742   1.00 33.31 ? 72  LYS A CD  1 
ATOM   542 C CE  . LYS A 1 73  ? 4.678   -11.885 1.021   1.00 43.13 ? 72  LYS A CE  1 
ATOM   543 N NZ  . LYS A 1 73  ? 3.203   -11.651 0.969   1.00 43.42 ? 72  LYS A NZ  1 
ATOM   544 N N   . LEU A 1 74  ? 7.313   -5.508  3.481   1.00 20.83 ? 73  LEU A N   1 
ATOM   545 C CA  . LEU A 1 74  ? 8.270   -4.399  3.525   1.00 20.53 ? 73  LEU A CA  1 
ATOM   546 C C   . LEU A 1 74  ? 8.967   -4.324  4.881   1.00 22.62 ? 73  LEU A C   1 
ATOM   547 O O   . LEU A 1 74  ? 8.411   -4.710  5.907   1.00 24.47 ? 73  LEU A O   1 
ATOM   548 C CB  . LEU A 1 74  ? 7.598   -3.055  3.242   1.00 16.78 ? 73  LEU A CB  1 
ATOM   549 C CG  . LEU A 1 74  ? 6.706   -2.880  2.017   1.00 19.72 ? 73  LEU A CG  1 
ATOM   550 C CD1 . LEU A 1 74  ? 6.230   -1.427  1.952   1.00 16.96 ? 73  LEU A CD1 1 
ATOM   551 C CD2 . LEU A 1 74  ? 7.441   -3.272  0.761   1.00 22.38 ? 73  LEU A CD2 1 
ATOM   552 N N   . SER A 1 75  ? 10.192  -3.824  4.878   1.00 19.99 ? 74  SER A N   1 
ATOM   553 C CA  . SER A 1 75  ? 10.952  -3.676  6.102   1.00 20.31 ? 74  SER A CA  1 
ATOM   554 C C   . SER A 1 75  ? 10.975  -2.214  6.433   1.00 20.69 ? 74  SER A C   1 
ATOM   555 O O   . SER A 1 75  ? 10.803  -1.378  5.553   1.00 22.83 ? 74  SER A O   1 
ATOM   556 C CB  . SER A 1 75  ? 12.373  -4.218  5.941   1.00 21.73 ? 74  SER A CB  1 
ATOM   557 O OG  . SER A 1 75  ? 12.927  -3.833  4.701   1.00 24.86 ? 74  SER A OG  1 
ATOM   558 N N   . VAL A 1 76  ? 11.162  -1.898  7.705   1.00 24.18 ? 75  VAL A N   1 
ATOM   559 C CA  . VAL A 1 76  ? 11.066  -0.517  8.144   1.00 21.26 ? 75  VAL A CA  1 
ATOM   560 C C   . VAL A 1 76  ? 12.033  0.400   7.372   1.00 21.28 ? 75  VAL A C   1 
ATOM   561 O O   . VAL A 1 76  ? 13.218  0.109   7.225   1.00 21.42 ? 75  VAL A O   1 
ATOM   562 C CB  . VAL A 1 76  ? 11.238  -0.395  9.671   1.00 20.93 ? 75  VAL A CB  1 
ATOM   563 C CG1 . VAL A 1 76  ? 12.696  -0.550  10.062  1.00 20.23 ? 75  VAL A CG1 1 
ATOM   564 C CG2 . VAL A 1 76  ? 10.698  0.930   10.143  1.00 24.39 ? 75  VAL A CG2 1 
ATOM   565 N N   . GLY A 1 77  ? 11.490  1.493   6.853   1.00 20.61 ? 76  GLY A N   1 
ATOM   566 C CA  . GLY A 1 77  ? 12.250  2.440   6.073   1.00 17.30 ? 76  GLY A CA  1 
ATOM   567 C C   . GLY A 1 77  ? 12.090  2.188   4.595   1.00 17.03 ? 76  GLY A C   1 
ATOM   568 O O   . GLY A 1 77  ? 12.394  3.035   3.779   1.00 20.44 ? 76  GLY A O   1 
ATOM   569 N N   . GLU A 1 78  ? 11.593  1.015   4.246   1.00 18.34 ? 77  GLU A N   1 
ATOM   570 C CA  . GLU A 1 78  ? 11.504  0.633   2.842   1.00 18.49 ? 77  GLU A CA  1 
ATOM   571 C C   . GLU A 1 78  ? 10.473  1.434   2.045   1.00 21.65 ? 77  GLU A C   1 
ATOM   572 O O   . GLU A 1 78  ? 9.400   1.788   2.554   1.00 20.74 ? 77  GLU A O   1 
ATOM   573 C CB  . GLU A 1 78  ? 11.216  -0.853  2.702   1.00 19.91 ? 77  GLU A CB  1 
ATOM   574 C CG  . GLU A 1 78  ? 11.112  -1.275  1.268   1.00 22.26 ? 77  GLU A CG  1 
ATOM   575 C CD  . GLU A 1 78  ? 11.126  -2.773  1.074   1.00 28.63 ? 77  GLU A CD  1 
ATOM   576 O OE1 . GLU A 1 78  ? 11.258  -3.535  2.065   1.00 24.32 ? 77  GLU A OE1 1 
ATOM   577 O OE2 . GLU A 1 78  ? 11.010  -3.188  -0.098  1.00 33.72 ? 77  GLU A OE2 1 
ATOM   578 N N   . LYS A 1 79  ? 10.815  1.723   0.793   1.00 18.60 ? 78  LYS A N   1 
ATOM   579 C CA  . LYS A 1 79  ? 9.927   2.450   -0.104  1.00 20.55 ? 78  LYS A CA  1 
ATOM   580 C C   . LYS A 1 79  ? 9.625   1.542   -1.275  1.00 18.99 ? 78  LYS A C   1 
ATOM   581 O O   . LYS A 1 79  ? 10.522  0.945   -1.858  1.00 16.82 ? 78  LYS A O   1 
ATOM   582 C CB  . LYS A 1 79  ? 10.574  3.770   -0.548  1.00 23.45 ? 78  LYS A CB  1 
ATOM   583 C CG  . LYS A 1 79  ? 9.981   4.414   -1.795  1.00 27.55 ? 78  LYS A CG  1 
ATOM   584 C CD  . LYS A 1 79  ? 8.636   5.124   -1.548  1.00 33.78 ? 78  LYS A CD  1 
ATOM   585 C CE  . LYS A 1 79  ? 8.168   5.873   -2.804  1.00 32.51 ? 78  LYS A CE  1 
ATOM   586 N NZ  . LYS A 1 79  ? 9.218   6.797   -3.360  1.00 29.48 ? 78  LYS A NZ  1 
ATOM   587 N N   . ALA A 1 80  ? 8.348   1.404   -1.597  1.00 16.86 ? 79  ALA A N   1 
ATOM   588 C CA  . ALA A 1 80  ? 7.930   0.388   -2.553  1.00 19.46 ? 79  ALA A CA  1 
ATOM   589 C C   . ALA A 1 80  ? 6.676   0.806   -3.308  1.00 19.70 ? 79  ALA A C   1 
ATOM   590 O O   . ALA A 1 80  ? 5.885   1.610   -2.821  1.00 25.37 ? 79  ALA A O   1 
ATOM   591 C CB  . ALA A 1 80  ? 7.697   -0.934  -1.836  1.00 17.21 ? 79  ALA A CB  1 
ATOM   592 N N   . ARG A 1 81  ? 6.500   0.273   -4.505  1.00 15.58 ? 80  ARG A N   1 
ATOM   593 C CA  . ARG A 1 81  ? 5.257   0.490   -5.214  1.00 19.10 ? 80  ARG A CA  1 
ATOM   594 C C   . ARG A 1 81  ? 4.382   -0.755  -5.107  1.00 22.55 ? 80  ARG A C   1 
ATOM   595 O O   . ARG A 1 81  ? 4.826   -1.873  -5.390  1.00 23.97 ? 80  ARG A O   1 
ATOM   596 C CB  . ARG A 1 81  ? 5.516   0.878   -6.671  1.00 19.65 ? 80  ARG A CB  1 
ATOM   597 C CG  . ARG A 1 81  ? 4.327   0.623   -7.596  1.00 23.86 ? 80  ARG A CG  1 
ATOM   598 C CD  . ARG A 1 81  ? 4.472   1.347   -8.923  1.00 20.30 ? 80  ARG A CD  1 
ATOM   599 N NE  . ARG A 1 81  ? 4.723   2.760   -8.686  1.00 20.15 ? 80  ARG A NE  1 
ATOM   600 C CZ  . ARG A 1 81  ? 4.779   3.684   -9.632  1.00 20.28 ? 80  ARG A CZ  1 
ATOM   601 N NH1 . ARG A 1 81  ? 4.584   3.347   -10.900 1.00 20.67 ? 80  ARG A NH1 1 
ATOM   602 N NH2 . ARG A 1 81  ? 5.024   4.944   -9.303  1.00 16.54 ? 80  ARG A NH2 1 
ATOM   603 N N   . LEU A 1 82  ? 3.145   -0.564  -4.663  1.00 18.97 ? 81  LEU A N   1 
ATOM   604 C CA  . LEU A 1 82  ? 2.167   -1.642  -4.661  1.00 18.31 ? 81  LEU A CA  1 
ATOM   605 C C   . LEU A 1 82  ? 1.198   -1.402  -5.799  1.00 22.36 ? 81  LEU A C   1 
ATOM   606 O O   . LEU A 1 82  ? 0.580   -0.347  -5.867  1.00 24.74 ? 81  LEU A O   1 
ATOM   607 C CB  . LEU A 1 82  ? 1.400   -1.680  -3.348  1.00 16.88 ? 81  LEU A CB  1 
ATOM   608 C CG  . LEU A 1 82  ? 2.230   -1.804  -2.069  1.00 18.41 ? 81  LEU A CG  1 
ATOM   609 C CD1 . LEU A 1 82  ? 1.380   -1.482  -0.853  1.00 21.00 ? 81  LEU A CD1 1 
ATOM   610 C CD2 . LEU A 1 82  ? 2.828   -3.176  -1.947  1.00 19.32 ? 81  LEU A CD2 1 
ATOM   611 N N   . THR A 1 83  ? 1.091   -2.366  -6.710  1.00 24.27 ? 82  THR A N   1 
ATOM   612 C CA  . THR A 1 83  ? 0.106   -2.302  -7.780  1.00 21.79 ? 82  THR A CA  1 
ATOM   613 C C   . THR A 1 83  ? -1.022  -3.252  -7.432  1.00 24.48 ? 82  THR A C   1 
ATOM   614 O O   . THR A 1 83  ? -0.891  -4.457  -7.612  1.00 26.78 ? 82  THR A O   1 
ATOM   615 C CB  . THR A 1 83  ? 0.714   -2.722  -9.119  1.00 24.97 ? 82  THR A CB  1 
ATOM   616 O OG1 . THR A 1 83  ? 1.856   -1.907  -9.392  1.00 30.61 ? 82  THR A OG1 1 
ATOM   617 C CG2 . THR A 1 83  ? -0.281  -2.541  -10.239 1.00 20.81 ? 82  THR A CG2 1 
ATOM   618 N N   . ILE A 1 84  ? -2.129  -2.708  -6.935  1.00 25.12 ? 83  ILE A N   1 
ATOM   619 C CA  . ILE A 1 84  ? -3.196  -3.520  -6.355  1.00 21.39 ? 83  ILE A CA  1 
ATOM   620 C C   . ILE A 1 84  ? -4.410  -3.600  -7.268  1.00 23.58 ? 83  ILE A C   1 
ATOM   621 O O   . ILE A 1 84  ? -5.023  -2.576  -7.582  1.00 27.10 ? 83  ILE A O   1 
ATOM   622 C CB  . ILE A 1 84  ? -3.607  -2.945  -4.999  1.00 18.78 ? 83  ILE A CB  1 
ATOM   623 C CG1 . ILE A 1 84  ? -2.354  -2.616  -4.185  1.00 17.56 ? 83  ILE A CG1 1 
ATOM   624 C CG2 . ILE A 1 84  ? -4.525  -3.903  -4.257  1.00 17.94 ? 83  ILE A CG2 1 
ATOM   625 C CD1 . ILE A 1 84  ? -2.628  -1.913  -2.885  1.00 19.47 ? 83  ILE A CD1 1 
ATOM   626 N N   . PRO A 1 85  ? -4.751  -4.815  -7.719  1.00 26.50 ? 84  PRO A N   1 
ATOM   627 C CA  . PRO A 1 85  ? -5.910  -4.994  -8.609  1.00 23.12 ? 84  PRO A CA  1 
ATOM   628 C C   . PRO A 1 85  ? -7.212  -4.727  -7.869  1.00 24.12 ? 84  PRO A C   1 
ATOM   629 O O   . PRO A 1 85  ? -7.257  -4.859  -6.646  1.00 23.60 ? 84  PRO A O   1 
ATOM   630 C CB  . PRO A 1 85  ? -5.823  -6.476  -9.018  1.00 19.71 ? 84  PRO A CB  1 
ATOM   631 C CG  . PRO A 1 85  ? -4.412  -6.887  -8.748  1.00 19.58 ? 84  PRO A CG  1 
ATOM   632 C CD  . PRO A 1 85  ? -3.988  -6.064  -7.548  1.00 27.13 ? 84  PRO A CD  1 
ATOM   633 N N   . GLY A 1 86  ? -8.258  -4.375  -8.613  1.00 29.31 ? 85  GLY A N   1 
ATOM   634 C CA  . GLY A 1 86  ? -9.546  -4.011  -8.045  1.00 27.18 ? 85  GLY A CA  1 
ATOM   635 C C   . GLY A 1 86  ? -10.024 -4.790  -6.830  1.00 23.87 ? 85  GLY A C   1 
ATOM   636 O O   . GLY A 1 86  ? -10.343 -4.192  -5.811  1.00 21.47 ? 85  GLY A O   1 
ATOM   637 N N   . PRO A 1 87  ? -10.106 -6.126  -6.940  1.00 19.83 ? 86  PRO A N   1 
ATOM   638 C CA  . PRO A 1 87  ? -10.619 -6.952  -5.844  1.00 22.79 ? 86  PRO A CA  1 
ATOM   639 C C   . PRO A 1 87  ? -9.824  -6.795  -4.557  1.00 24.67 ? 86  PRO A C   1 
ATOM   640 O O   . PRO A 1 87  ? -10.400 -6.985  -3.482  1.00 24.76 ? 86  PRO A O   1 
ATOM   641 C CB  . PRO A 1 87  ? -10.463 -8.368  -6.372  1.00 20.86 ? 86  PRO A CB  1 
ATOM   642 C CG  . PRO A 1 87  ? -10.493 -8.214  -7.842  1.00 22.88 ? 86  PRO A CG  1 
ATOM   643 C CD  . PRO A 1 87  ? -9.825  -6.924  -8.138  1.00 18.74 ? 86  PRO A CD  1 
ATOM   644 N N   . TYR A 1 88  ? -8.540  -6.455  -4.661  1.00 19.38 ? 87  TYR A N   1 
ATOM   645 C CA  . TYR A 1 88  ? -7.718  -6.224  -3.484  1.00 20.19 ? 87  TYR A CA  1 
ATOM   646 C C   . TYR A 1 88  ? -7.688  -4.771  -3.041  1.00 21.59 ? 87  TYR A C   1 
ATOM   647 O O   . TYR A 1 88  ? -7.075  -4.438  -2.034  1.00 25.02 ? 87  TYR A O   1 
ATOM   648 C CB  . TYR A 1 88  ? -6.309  -6.758  -3.694  1.00 20.45 ? 87  TYR A CB  1 
ATOM   649 C CG  . TYR A 1 88  ? -6.157  -8.140  -3.122  1.00 25.44 ? 87  TYR A CG  1 
ATOM   650 C CD1 . TYR A 1 88  ? -6.960  -9.177  -3.568  1.00 28.12 ? 87  TYR A CD1 1 
ATOM   651 C CD2 . TYR A 1 88  ? -5.239  -8.405  -2.120  1.00 22.93 ? 87  TYR A CD2 1 
ATOM   652 C CE1 . TYR A 1 88  ? -6.844  -10.444 -3.051  1.00 28.37 ? 87  TYR A CE1 1 
ATOM   653 C CE2 . TYR A 1 88  ? -5.120  -9.671  -1.589  1.00 28.34 ? 87  TYR A CE2 1 
ATOM   654 C CZ  . TYR A 1 88  ? -5.923  -10.693 -2.069  1.00 31.45 ? 87  TYR A CZ  1 
ATOM   655 O OH  . TYR A 1 88  ? -5.818  -11.968 -1.560  1.00 30.91 ? 87  TYR A OH  1 
ATOM   656 N N   . ALA A 1 89  ? -8.377  -3.921  -3.790  1.00 23.07 ? 88  ALA A N   1 
ATOM   657 C CA  . ALA A 1 89  ? -8.448  -2.492  -3.516  1.00 19.71 ? 88  ALA A CA  1 
ATOM   658 C C   . ALA A 1 89  ? -9.877  -2.062  -3.129  1.00 25.19 ? 88  ALA A C   1 
ATOM   659 O O   . ALA A 1 89  ? -10.437 -2.573  -2.155  1.00 24.42 ? 88  ALA A O   1 
ATOM   660 C CB  . ALA A 1 89  ? -7.960  -1.732  -4.710  1.00 21.37 ? 88  ALA A CB  1 
ATOM   661 N N   . TYR A 1 90  ? -10.478 -1.145  -3.891  1.00 26.28 ? 89  TYR A N   1 
ATOM   662 C CA  . TYR A 1 90  ? -11.819 -0.656  -3.544  1.00 28.84 ? 89  TYR A CA  1 
ATOM   663 C C   . TYR A 1 90  ? -12.953 -1.438  -4.167  1.00 31.79 ? 89  TYR A C   1 
ATOM   664 O O   . TYR A 1 90  ? -14.123 -1.141  -3.948  1.00 41.88 ? 89  TYR A O   1 
ATOM   665 C CB  . TYR A 1 90  ? -11.969 0.852   -3.761  1.00 26.89 ? 89  TYR A CB  1 
ATOM   666 C CG  . TYR A 1 90  ? -11.147 1.589   -2.744  1.00 27.37 ? 89  TYR A CG  1 
ATOM   667 C CD1 . TYR A 1 90  ? -11.461 1.514   -1.393  1.00 23.65 ? 89  TYR A CD1 1 
ATOM   668 C CD2 . TYR A 1 90  ? -10.019 2.286   -3.119  1.00 25.39 ? 89  TYR A CD2 1 
ATOM   669 C CE1 . TYR A 1 90  ? -10.695 2.135   -0.455  1.00 26.89 ? 89  TYR A CE1 1 
ATOM   670 C CE2 . TYR A 1 90  ? -9.240  2.926   -2.181  1.00 32.85 ? 89  TYR A CE2 1 
ATOM   671 C CZ  . TYR A 1 90  ? -9.578  2.845   -0.849  1.00 35.84 ? 89  TYR A CZ  1 
ATOM   672 O OH  . TYR A 1 90  ? -8.789  3.487   0.075   1.00 30.89 ? 89  TYR A OH  1 
ATOM   673 N N   . GLY A 1 91  ? -12.600 -2.462  -4.919  1.00 26.48 ? 90  GLY A N   1 
ATOM   674 C CA  . GLY A 1 91  ? -13.570 -3.453  -5.309  1.00 29.64 ? 90  GLY A CA  1 
ATOM   675 C C   . GLY A 1 91  ? -14.408 -3.052  -6.486  1.00 32.52 ? 90  GLY A C   1 
ATOM   676 O O   . GLY A 1 91  ? -14.135 -2.057  -7.152  1.00 30.56 ? 90  GLY A O   1 
ATOM   677 N N   . PRO A 1 92  ? -15.455 -3.831  -6.740  1.00 32.17 ? 91  PRO A N   1 
ATOM   678 C CA  . PRO A 1 92  ? -16.205 -3.690  -7.983  1.00 29.00 ? 91  PRO A CA  1 
ATOM   679 C C   . PRO A 1 92  ? -17.040 -2.421  -7.971  1.00 33.36 ? 91  PRO A C   1 
ATOM   680 O O   . PRO A 1 92  ? -17.441 -1.956  -9.036  1.00 40.50 ? 91  PRO A O   1 
ATOM   681 C CB  . PRO A 1 92  ? -17.072 -4.947  -8.012  1.00 28.60 ? 91  PRO A CB  1 
ATOM   682 C CG  . PRO A 1 92  ? -17.219 -5.361  -6.579  1.00 27.73 ? 91  PRO A CG  1 
ATOM   683 C CD  . PRO A 1 92  ? -16.067 -4.787  -5.802  1.00 24.69 ? 91  PRO A CD  1 
ATOM   684 N N   . ARG A 1 93  ? -17.276 -1.862  -6.786  1.00 28.83 ? 92  ARG A N   1 
ATOM   685 C CA  . ARG A 1 93  ? -18.017 -0.617  -6.667  1.00 31.39 ? 92  ARG A CA  1 
ATOM   686 C C   . ARG A 1 93  ? -17.116 0.614   -6.800  1.00 36.66 ? 92  ARG A C   1 
ATOM   687 O O   . ARG A 1 93  ? -17.443 1.557   -7.520  1.00 35.54 ? 92  ARG A O   1 
ATOM   688 C CB  . ARG A 1 93  ? -18.776 -0.565  -5.337  1.00 38.37 ? 92  ARG A CB  1 
ATOM   689 C CG  . ARG A 1 93  ? -19.979 0.372   -5.382  1.00 44.78 ? 92  ARG A CG  1 
ATOM   690 C CD  . ARG A 1 93  ? -20.576 0.664   -4.010  1.00 50.67 ? 92  ARG A CD  1 
ATOM   691 N NE  . ARG A 1 93  ? -21.115 -0.518  -3.349  1.00 45.50 ? 92  ARG A NE  1 
ATOM   692 C CZ  . ARG A 1 93  ? -20.618 -1.040  -2.231  1.00 48.55 ? 92  ARG A CZ  1 
ATOM   693 N NH1 . ARG A 1 93  ? -19.565 -0.480  -1.646  1.00 43.93 ? 92  ARG A NH1 1 
ATOM   694 N NH2 . ARG A 1 93  ? -21.177 -2.118  -1.697  1.00 51.05 ? 92  ARG A NH2 1 
ATOM   695 N N   . GLY A 1 94  ? -15.981 0.605   -6.108  1.00 36.36 ? 93  GLY A N   1 
ATOM   696 C CA  . GLY A 1 94  ? -15.107 1.766   -6.077  1.00 32.03 ? 93  GLY A CA  1 
ATOM   697 C C   . GLY A 1 94  ? -15.807 2.870   -5.311  1.00 32.85 ? 93  GLY A C   1 
ATOM   698 O O   . GLY A 1 94  ? -16.746 2.584   -4.581  1.00 40.85 ? 93  GLY A O   1 
ATOM   699 N N   . PHE A 1 95  ? -15.338 4.108   -5.462  1.00 32.89 ? 94  PHE A N   1 
ATOM   700 C CA  . PHE A 1 95  ? -16.018 5.309   -4.959  1.00 28.44 ? 94  PHE A CA  1 
ATOM   701 C C   . PHE A 1 95  ? -16.305 6.204   -6.159  1.00 29.58 ? 94  PHE A C   1 
ATOM   702 O O   . PHE A 1 95  ? -15.425 6.943   -6.619  1.00 27.00 ? 94  PHE A O   1 
ATOM   703 C CB  . PHE A 1 95  ? -15.160 6.073   -3.948  1.00 33.73 ? 94  PHE A CB  1 
ATOM   704 C CG  . PHE A 1 95  ? -14.850 5.301   -2.684  1.00 56.40 ? 94  PHE A CG  1 
ATOM   705 C CD1 . PHE A 1 95  ? -13.881 5.763   -1.796  1.00 68.58 ? 94  PHE A CD1 1 
ATOM   706 C CD2 . PHE A 1 95  ? -15.519 4.118   -2.378  1.00 52.65 ? 94  PHE A CD2 1 
ATOM   707 C CE1 . PHE A 1 95  ? -13.581 5.055   -0.620  1.00 62.69 ? 94  PHE A CE1 1 
ATOM   708 C CE2 . PHE A 1 95  ? -15.223 3.404   -1.210  1.00 50.10 ? 94  PHE A CE2 1 
ATOM   709 C CZ  . PHE A 1 95  ? -14.258 3.871   -0.332  1.00 52.84 ? 94  PHE A CZ  1 
ATOM   710 N N   . PRO A 1 96  ? -17.538 6.133   -6.681  1.00 28.91 ? 95  PRO A N   1 
ATOM   711 C CA  . PRO A 1 96  ? -17.879 6.747   -7.970  1.00 27.68 ? 95  PRO A CA  1 
ATOM   712 C C   . PRO A 1 96  ? -17.557 8.237   -8.003  1.00 26.87 ? 95  PRO A C   1 
ATOM   713 O O   . PRO A 1 96  ? -17.921 8.952   -7.075  1.00 28.44 ? 95  PRO A O   1 
ATOM   714 C CB  . PRO A 1 96  ? -19.387 6.492   -8.100  1.00 30.24 ? 95  PRO A CB  1 
ATOM   715 C CG  . PRO A 1 96  ? -19.854 6.156   -6.748  1.00 31.20 ? 95  PRO A CG  1 
ATOM   716 C CD  . PRO A 1 96  ? -18.709 5.527   -6.029  1.00 28.48 ? 95  PRO A CD  1 
ATOM   717 N N   . GLY A 1 97  ? -16.864 8.684   -9.049  1.00 22.01 ? 96  GLY A N   1 
ATOM   718 C CA  . GLY A 1 97  ? -16.412 10.063  -9.133  1.00 23.03 ? 96  GLY A CA  1 
ATOM   719 C C   . GLY A 1 97  ? -14.963 10.233  -8.687  1.00 33.02 ? 96  GLY A C   1 
ATOM   720 O O   . GLY A 1 97  ? -14.316 11.261  -8.948  1.00 26.24 ? 96  GLY A O   1 
ATOM   721 N N   . LEU A 1 98  ? -14.449 9.215   -8.003  1.00 32.39 ? 97  LEU A N   1 
ATOM   722 C CA  . LEU A 1 98  ? -13.098 9.265   -7.467  1.00 31.51 ? 97  LEU A CA  1 
ATOM   723 C C   . LEU A 1 98  ? -12.329 8.061   -7.967  1.00 29.12 ? 97  LEU A C   1 
ATOM   724 O O   . LEU A 1 98  ? -11.367 8.199   -8.706  1.00 33.12 ? 97  LEU A O   1 
ATOM   725 C CB  . LEU A 1 98  ? -13.130 9.272   -5.934  1.00 35.94 ? 97  LEU A CB  1 
ATOM   726 C CG  . LEU A 1 98  ? -11.989 9.984   -5.201  1.00 25.98 ? 97  LEU A CG  1 
ATOM   727 C CD1 . LEU A 1 98  ? -11.753 9.348   -3.855  1.00 28.54 ? 97  LEU A CD1 1 
ATOM   728 C CD2 . LEU A 1 98  ? -10.725 9.962   -6.027  1.00 28.81 ? 97  LEU A CD2 1 
ATOM   729 N N   . ILE A 1 99  ? -12.771 6.880   -7.555  1.00 27.45 ? 98  ILE A N   1 
ATOM   730 C CA  . ILE A 1 99  ? -12.188 5.628   -8.005  1.00 24.23 ? 98  ILE A CA  1 
ATOM   731 C C   . ILE A 1 99  ? -13.215 4.782   -8.770  1.00 27.40 ? 98  ILE A C   1 
ATOM   732 O O   . ILE A 1 99  ? -14.193 4.299   -8.196  1.00 27.75 ? 98  ILE A O   1 
ATOM   733 C CB  . ILE A 1 99  ? -11.591 4.839   -6.814  1.00 23.45 ? 98  ILE A CB  1 
ATOM   734 C CG1 . ILE A 1 99  ? -10.491 5.671   -6.150  1.00 25.63 ? 98  ILE A CG1 1 
ATOM   735 C CG2 . ILE A 1 99  ? -11.021 3.501   -7.275  1.00 22.03 ? 98  ILE A CG2 1 
ATOM   736 C CD1 . ILE A 1 99  ? -10.119 5.223   -4.757  1.00 24.27 ? 98  ILE A CD1 1 
ATOM   737 N N   . PRO A 1 100 ? -12.992 4.616   -10.081 1.00 26.66 ? 99  PRO A N   1 
ATOM   738 C CA  . PRO A 1 100 ? -13.746 3.758   -11.002 1.00 26.78 ? 99  PRO A CA  1 
ATOM   739 C C   . PRO A 1 100 ? -13.958 2.349   -10.468 1.00 28.18 ? 99  PRO A C   1 
ATOM   740 O O   . PRO A 1 100 ? -13.193 1.870   -9.638  1.00 27.76 ? 99  PRO A O   1 
ATOM   741 C CB  . PRO A 1 100 ? -12.826 3.677   -12.216 1.00 28.52 ? 99  PRO A CB  1 
ATOM   742 C CG  . PRO A 1 100 ? -12.096 4.964   -12.207 1.00 34.79 ? 99  PRO A CG  1 
ATOM   743 C CD  . PRO A 1 100 ? -11.870 5.287   -10.758 1.00 37.29 ? 99  PRO A CD  1 
ATOM   744 N N   . PRO A 1 101 ? -15.010 1.679   -10.947 1.00 33.86 ? 100 PRO A N   1 
ATOM   745 C CA  . PRO A 1 101 ? -15.276 0.288   -10.571 1.00 30.18 ? 100 PRO A CA  1 
ATOM   746 C C   . PRO A 1 101 ? -14.091 -0.610  -10.871 1.00 21.89 ? 100 PRO A C   1 
ATOM   747 O O   . PRO A 1 101 ? -13.549 -0.549  -11.962 1.00 16.53 ? 100 PRO A O   1 
ATOM   748 C CB  . PRO A 1 101 ? -16.452 -0.089  -11.474 1.00 29.20 ? 100 PRO A CB  1 
ATOM   749 C CG  . PRO A 1 101 ? -17.154 1.220   -11.732 1.00 29.60 ? 100 PRO A CG  1 
ATOM   750 C CD  . PRO A 1 101 ? -16.063 2.239   -11.814 1.00 31.34 ? 100 PRO A CD  1 
ATOM   751 N N   . ASN A 1 102 ? -13.702 -1.431  -9.906  1.00 25.46 ? 101 ASN A N   1 
ATOM   752 C CA  . ASN A 1 102 ? -12.682 -2.455  -10.123 1.00 26.04 ? 101 ASN A CA  1 
ATOM   753 C C   . ASN A 1 102 ? -11.337 -1.904  -10.650 1.00 23.81 ? 101 ASN A C   1 
ATOM   754 O O   . ASN A 1 102 ? -10.652 -2.539  -11.462 1.00 22.01 ? 101 ASN A O   1 
ATOM   755 C CB  . ASN A 1 102 ? -13.242 -3.539  -11.049 1.00 22.19 ? 101 ASN A CB  1 
ATOM   756 C CG  . ASN A 1 102 ? -12.497 -4.844  -10.928 1.00 30.59 ? 101 ASN A CG  1 
ATOM   757 O OD1 . ASN A 1 102 ? -12.493 -5.460  -9.859  1.00 33.60 ? 101 ASN A OD1 1 
ATOM   758 N ND2 . ASN A 1 102 ? -11.856 -5.279  -12.023 1.00 22.77 ? 101 ASN A ND2 1 
ATOM   759 N N   . ALA A 1 103 ? -10.962 -0.725  -10.168 1.00 20.70 ? 102 ALA A N   1 
ATOM   760 C CA  . ALA A 1 103 ? -9.781  -0.026  -10.643 1.00 16.15 ? 102 ALA A CA  1 
ATOM   761 C C   . ALA A 1 103 ? -8.514  -0.549  -9.991  1.00 26.96 ? 102 ALA A C   1 
ATOM   762 O O   . ALA A 1 103 ? -8.483  -0.819  -8.783  1.00 20.94 ? 102 ALA A O   1 
ATOM   763 C CB  . ALA A 1 103 ? -9.913  1.432   -10.357 1.00 24.75 ? 102 ALA A CB  1 
ATOM   764 N N   . THR A 1 104 ? -7.466  -0.678  -10.802 1.00 24.29 ? 103 THR A N   1 
ATOM   765 C CA  . THR A 1 104 ? -6.147  -1.021  -10.299 1.00 22.58 ? 103 THR A CA  1 
ATOM   766 C C   . THR A 1 104 ? -5.500  0.230   -9.714  1.00 21.40 ? 103 THR A C   1 
ATOM   767 O O   . THR A 1 104 ? -5.409  1.268   -10.388 1.00 24.18 ? 103 THR A O   1 
ATOM   768 C CB  . THR A 1 104 ? -5.266  -1.628  -11.415 1.00 27.80 ? 103 THR A CB  1 
ATOM   769 O OG1 . THR A 1 104 ? -5.854  -2.847  -11.876 1.00 24.99 ? 103 THR A OG1 1 
ATOM   770 C CG2 . THR A 1 104 ? -3.839  -1.893  -10.926 1.00 18.75 ? 103 THR A CG2 1 
ATOM   771 N N   . LEU A 1 105 ? -5.077  0.133   -8.454  1.00 21.05 ? 104 LEU A N   1 
ATOM   772 C CA  . LEU A 1 105 ? -4.461  1.268   -7.751  1.00 21.24 ? 104 LEU A CA  1 
ATOM   773 C C   . LEU A 1 105 ? -2.947  1.090   -7.618  1.00 22.11 ? 104 LEU A C   1 
ATOM   774 O O   . LEU A 1 105 ? -2.457  -0.007  -7.317  1.00 23.60 ? 104 LEU A O   1 
ATOM   775 C CB  . LEU A 1 105 ? -5.079  1.456   -6.363  1.00 15.52 ? 104 LEU A CB  1 
ATOM   776 C CG  . LEU A 1 105 ? -6.603  1.440   -6.308  1.00 21.19 ? 104 LEU A CG  1 
ATOM   777 C CD1 . LEU A 1 105 ? -7.100  1.881   -4.940  1.00 17.51 ? 104 LEU A CD1 1 
ATOM   778 C CD2 . LEU A 1 105 ? -7.164  2.335   -7.409  1.00 19.69 ? 104 LEU A CD2 1 
ATOM   779 N N   . ILE A 1 106 ? -2.213  2.165   -7.865  1.00 17.65 ? 105 ILE A N   1 
ATOM   780 C CA  . ILE A 1 106 ? -0.771  2.150   -7.708  1.00 19.67 ? 105 ILE A CA  1 
ATOM   781 C C   . ILE A 1 106 ? -0.449  2.963   -6.485  1.00 20.52 ? 105 ILE A C   1 
ATOM   782 O O   . ILE A 1 106 ? -0.792  4.138   -6.423  1.00 22.24 ? 105 ILE A O   1 
ATOM   783 C CB  . ILE A 1 106 ? -0.029  2.763   -8.917  1.00 19.59 ? 105 ILE A CB  1 
ATOM   784 C CG1 . ILE A 1 106 ? 0.005   1.794   -10.102 1.00 21.65 ? 105 ILE A CG1 1 
ATOM   785 C CG2 . ILE A 1 106 ? 1.392   3.063   -8.539  1.00 19.43 ? 105 ILE A CG2 1 
ATOM   786 C CD1 . ILE A 1 106 ? -1.140  1.945   -11.070 1.00 27.48 ? 105 ILE A CD1 1 
ATOM   787 N N   . PHE A 1 107 ? 0.178   2.340   -5.497  1.00 16.83 ? 106 PHE A N   1 
ATOM   788 C CA  . PHE A 1 107 ? 0.562   3.061   -4.299  1.00 19.29 ? 106 PHE A CA  1 
ATOM   789 C C   . PHE A 1 107 ? 2.054   3.104   -4.192  1.00 21.54 ? 106 PHE A C   1 
ATOM   790 O O   . PHE A 1 107 ? 2.688   2.058   -4.189  1.00 26.47 ? 106 PHE A O   1 
ATOM   791 C CB  . PHE A 1 107 ? 0.042   2.361   -3.040  1.00 20.52 ? 106 PHE A CB  1 
ATOM   792 C CG  . PHE A 1 107 ? -1.400  2.617   -2.744  1.00 19.66 ? 106 PHE A CG  1 
ATOM   793 C CD1 . PHE A 1 107 ? -1.782  3.695   -1.979  1.00 22.53 ? 106 PHE A CD1 1 
ATOM   794 C CD2 . PHE A 1 107 ? -2.380  1.763   -3.215  1.00 20.20 ? 106 PHE A CD2 1 
ATOM   795 C CE1 . PHE A 1 107 ? -3.127  3.923   -1.694  1.00 22.01 ? 106 PHE A CE1 1 
ATOM   796 C CE2 . PHE A 1 107 ? -3.720  1.988   -2.938  1.00 20.13 ? 106 PHE A CE2 1 
ATOM   797 C CZ  . PHE A 1 107 ? -4.093  3.065   -2.178  1.00 19.78 ? 106 PHE A CZ  1 
ATOM   798 N N   . ASP A 1 108 ? 2.624   4.295   -4.071  1.00 23.61 ? 107 ASP A N   1 
ATOM   799 C CA  . ASP A 1 108 ? 4.010   4.402   -3.635  1.00 21.87 ? 107 ASP A CA  1 
ATOM   800 C C   . ASP A 1 108 ? 3.983   4.616   -2.127  1.00 25.22 ? 107 ASP A C   1 
ATOM   801 O O   . ASP A 1 108 ? 3.521   5.664   -1.670  1.00 28.20 ? 107 ASP A O   1 
ATOM   802 C CB  . ASP A 1 108 ? 4.700   5.563   -4.331  1.00 24.56 ? 107 ASP A CB  1 
ATOM   803 C CG  . ASP A 1 108 ? 4.819   5.348   -5.820  1.00 29.06 ? 107 ASP A CG  1 
ATOM   804 O OD1 . ASP A 1 108 ? 4.880   4.178   -6.233  1.00 30.21 ? 107 ASP A OD1 1 
ATOM   805 O OD2 . ASP A 1 108 ? 4.843   6.337   -6.579  1.00 42.25 ? 107 ASP A OD2 1 
ATOM   806 N N   . VAL A 1 109 ? 4.435   3.619   -1.364  1.00 16.88 ? 108 VAL A N   1 
ATOM   807 C CA  . VAL A 1 109 ? 4.365   3.679   0.089   1.00 16.11 ? 108 VAL A CA  1 
ATOM   808 C C   . VAL A 1 109 ? 5.747   3.558   0.724   1.00 20.79 ? 108 VAL A C   1 
ATOM   809 O O   . VAL A 1 109 ? 6.608   2.859   0.212   1.00 23.21 ? 108 VAL A O   1 
ATOM   810 C CB  . VAL A 1 109 ? 3.511   2.546   0.655   1.00 21.26 ? 108 VAL A CB  1 
ATOM   811 C CG1 . VAL A 1 109 ? 2.125   2.534   0.023   1.00 20.58 ? 108 VAL A CG1 1 
ATOM   812 C CG2 . VAL A 1 109 ? 4.200   1.231   0.418   1.00 24.95 ? 108 VAL A CG2 1 
ATOM   813 N N   . GLU A 1 110 ? 5.966   4.260   1.832   1.00 18.77 ? 109 GLU A N   1 
ATOM   814 C CA  . GLU A 1 110 ? 7.143   4.039   2.638   1.00 17.15 ? 109 GLU A CA  1 
ATOM   815 C C   . GLU A 1 110 ? 6.733   3.612   4.034   1.00 20.89 ? 109 GLU A C   1 
ATOM   816 O O   . GLU A 1 110 ? 6.004   4.333   4.709   1.00 20.53 ? 109 GLU A O   1 
ATOM   817 C CB  . GLU A 1 110 ? 8.020   5.282   2.739   1.00 21.99 ? 109 GLU A CB  1 
ATOM   818 C CG  . GLU A 1 110 ? 9.415   4.936   3.330   1.00 27.73 ? 109 GLU A CG  1 
ATOM   819 C CD  . GLU A 1 110 ? 10.178  6.141   3.868   1.00 27.49 ? 109 GLU A CD  1 
ATOM   820 O OE1 . GLU A 1 110 ? 10.147  7.222   3.234   1.00 29.90 ? 109 GLU A OE1 1 
ATOM   821 O OE2 . GLU A 1 110 ? 10.820  5.995   4.929   1.00 22.73 ? 109 GLU A OE2 1 
ATOM   822 N N   . LEU A 1 111 ? 7.203   2.442   4.464   1.00 17.55 ? 110 LEU A N   1 
ATOM   823 C CA  . LEU A 1 111 ? 6.985   2.006   5.828   1.00 18.22 ? 110 LEU A CA  1 
ATOM   824 C C   . LEU A 1 111 ? 7.957   2.789   6.699   1.00 22.44 ? 110 LEU A C   1 
ATOM   825 O O   . LEU A 1 111 ? 9.163   2.641   6.555   1.00 22.80 ? 110 LEU A O   1 
ATOM   826 C CB  . LEU A 1 111 ? 7.228   0.504   5.963   1.00 20.24 ? 110 LEU A CB  1 
ATOM   827 C CG  . LEU A 1 111 ? 7.020   -0.158  7.330   1.00 19.25 ? 110 LEU A CG  1 
ATOM   828 C CD1 . LEU A 1 111 ? 5.556   -0.107  7.734   1.00 20.86 ? 110 LEU A CD1 1 
ATOM   829 C CD2 . LEU A 1 111 ? 7.497   -1.590  7.294   1.00 18.30 ? 110 LEU A CD2 1 
ATOM   830 N N   . LEU A 1 112 ? 7.431   3.628   7.592   1.00 21.65 ? 111 LEU A N   1 
ATOM   831 C CA  . LEU A 1 112 ? 8.257   4.494   8.427   1.00 18.77 ? 111 LEU A CA  1 
ATOM   832 C C   . LEU A 1 112 ? 8.547   3.857   9.781   1.00 24.04 ? 111 LEU A C   1 
ATOM   833 O O   . LEU A 1 112 ? 9.598   4.107   10.388  1.00 25.84 ? 111 LEU A O   1 
ATOM   834 C CB  . LEU A 1 112 ? 7.562   5.836   8.647   1.00 17.51 ? 111 LEU A CB  1 
ATOM   835 C CG  . LEU A 1 112 ? 6.976   6.517   7.405   1.00 22.46 ? 111 LEU A CG  1 
ATOM   836 C CD1 . LEU A 1 112 ? 6.136   7.726   7.785   1.00 18.33 ? 111 LEU A CD1 1 
ATOM   837 C CD2 . LEU A 1 112 ? 8.066   6.890   6.395   1.00 21.60 ? 111 LEU A CD2 1 
ATOM   838 N N   . LYS A 1 113 ? 7.605   3.043   10.260  1.00 23.06 ? 112 LYS A N   1 
ATOM   839 C CA  . LYS A 1 113 ? 7.666   2.551   11.629  1.00 19.12 ? 112 LYS A CA  1 
ATOM   840 C C   . LYS A 1 113 ? 6.741   1.380   11.866  1.00 22.36 ? 112 LYS A C   1 
ATOM   841 O O   . LYS A 1 113 ? 5.648   1.326   11.324  1.00 22.26 ? 112 LYS A O   1 
ATOM   842 C CB  . LYS A 1 113 ? 7.308   3.664   12.613  1.00 23.87 ? 112 LYS A CB  1 
ATOM   843 C CG  . LYS A 1 113 ? 8.017   3.548   13.949  1.00 27.81 ? 112 LYS A CG  1 
ATOM   844 C CD  . LYS A 1 113 ? 7.310   4.316   15.041  1.00 27.45 ? 112 LYS A CD  1 
ATOM   845 C CE  . LYS A 1 113 ? 8.323   4.976   15.932  1.00 31.72 ? 112 LYS A CE  1 
ATOM   846 N NZ  . LYS A 1 113 ? 7.838   5.140   17.327  1.00 35.89 ? 112 LYS A NZ  1 
ATOM   847 N N   . VAL A 1 114 ? 7.193   0.455   12.709  1.00 30.65 ? 113 VAL A N   1 
ATOM   848 C CA  . VAL A 1 114 ? 6.403   -0.692  13.150  1.00 25.67 ? 113 VAL A CA  1 
ATOM   849 C C   . VAL A 1 114 ? 6.296   -0.697  14.688  1.00 26.48 ? 113 VAL A C   1 
ATOM   850 O O   . VAL A 1 114 ? 7.289   -0.510  15.382  1.00 26.98 ? 113 VAL A O   1 
ATOM   851 C CB  . VAL A 1 114 ? 7.064   -2.006  12.650  1.00 26.14 ? 113 VAL A CB  1 
ATOM   852 C CG1 . VAL A 1 114 ? 6.255   -3.228  13.039  1.00 24.71 ? 113 VAL A CG1 1 
ATOM   853 C CG2 . VAL A 1 114 ? 7.271   -1.951  11.147  1.00 23.80 ? 113 VAL A CG2 1 
ATOM   854 N N   . ASN A 1 115 ? 5.090   -0.870  15.225  1.00 32.59 ? 114 ASN A N   1 
ATOM   855 C CA  . ASN A 1 115 ? 4.934   -1.199  16.647  1.00 24.20 ? 114 ASN A CA  1 
ATOM   856 C C   . ASN A 1 115 ? 3.957   -2.342  16.845  1.00 24.04 ? 114 ASN A C   1 
ATOM   857 O O   . ASN A 1 115 ? 4.335   -3.506  16.747  1.00 27.37 ? 114 ASN A O   1 
ATOM   858 C CB  . ASN A 1 115 ? 4.471   0.002   17.450  1.00 33.47 ? 114 ASN A CB  1 
ATOM   859 C CG  . ASN A 1 115 ? 5.319   1.219   17.214  1.00 36.24 ? 114 ASN A CG  1 
ATOM   860 O OD1 . ASN A 1 115 ? 5.016   2.039   16.344  1.00 38.85 ? 114 ASN A OD1 1 
ATOM   861 N ND2 . ASN A 1 115 ? 6.383   1.359   17.997  1.00 35.91 ? 114 ASN A ND2 1 
HETATM 862 O O   . HOH B 2 .   ? -2.455  10.870  7.114   1.00 22.39 ? 201 HOH A O   1 
HETATM 863 O O   . HOH B 2 .   ? -8.655  -5.430  4.073   1.00 35.28 ? 202 HOH A O   1 
HETATM 864 O O   . HOH B 2 .   ? 8.879   9.270   3.140   1.00 28.46 ? 203 HOH A O   1 
HETATM 865 O O   . HOH B 2 .   ? 1.683   -10.683 3.124   1.00 27.13 ? 204 HOH A O   1 
HETATM 866 O O   . HOH B 2 .   ? 4.102   -2.607  -8.248  1.00 20.59 ? 205 HOH A O   1 
HETATM 867 O O   . HOH B 2 .   ? -5.627  -4.076  8.600   1.00 31.04 ? 206 HOH A O   1 
HETATM 868 O O   . HOH B 2 .   ? -13.002 0.294   -7.506  1.00 33.53 ? 207 HOH A O   1 
HETATM 869 O O   . HOH B 2 .   ? 5.552   13.427  7.896   1.00 25.33 ? 208 HOH A O   1 
HETATM 870 O O   . HOH B 2 .   ? 4.099   2.686   13.796  1.00 21.19 ? 209 HOH A O   1 
HETATM 871 O O   . HOH B 2 .   ? -6.829  5.282   -0.092  1.00 35.63 ? 210 HOH A O   1 
HETATM 872 O O   . HOH B 2 .   ? 1.236   6.463   -6.734  1.00 26.94 ? 211 HOH A O   1 
HETATM 873 O O   . HOH B 2 .   ? -8.468  -4.116  -11.522 1.00 21.17 ? 212 HOH A O   1 
HETATM 874 O O   . HOH B 2 .   ? -9.954  -4.910  -0.159  1.00 23.91 ? 213 HOH A O   1 
HETATM 875 O O   . HOH B 2 .   ? -10.120 -0.079  -6.432  1.00 20.47 ? 214 HOH A O   1 
HETATM 876 O O   . HOH B 2 .   ? -9.720  9.526   -1.182  1.00 31.95 ? 215 HOH A O   1 
HETATM 877 O O   . HOH B 2 .   ? 4.123   -11.713 4.620   1.00 30.24 ? 216 HOH A O   1 
HETATM 878 O O   . HOH B 2 .   ? -10.166 6.967   -0.882  1.00 21.79 ? 217 HOH A O   1 
HETATM 879 O O   . HOH B 2 .   ? -11.071 -0.339  4.040   1.00 30.69 ? 218 HOH A O   1 
HETATM 880 O O   . HOH B 2 .   ? -11.920 -2.340  1.922   1.00 18.54 ? 219 HOH A O   1 
HETATM 881 O O   . HOH B 2 .   ? 7.190   9.767   1.205   1.00 32.32 ? 220 HOH A O   1 
# 
